data_8HQO
#
_entry.id   8HQO
#
loop_
_entity.id
_entity.type
_entity.pdbx_description
1 polymer 'Portal protein'
2 polymer 'Head completion protein'
3 polymer 'Tail terminator protein'
4 polymer 'Tape measure protein'
#
loop_
_entity_poly.entity_id
_entity_poly.type
_entity_poly.pdbx_seq_one_letter_code
_entity_poly.pdbx_strand_id
1 'polypeptide(L)'
;MGFKSWITEKLNPGQRIIRDMEPVSHRTNRKPFTTGQAYSKIEILNRTANMVIDSAAECSYTVGDKYNIVTYANGVKTKT
LDTLLNVRPNPFMDISTFRRLVVTDLLFEGCAYIYWDGTSLYHVPAALMQVEADANKFIKKFIFNNQINYRVDEIIFIKD
NSYVCGTNSQISGQSRVATVIDSLEKRSKMLNFKEKFLDNGTVIGLILETDEILNKKLRERKQEELQLDYNPSTGQSSVL
ILDGGMKAKPYSQISSFKDLDFKEDIAGFNKSICLAFGVPQVLIDGGNNANIRPNIELFYYMTIIPMLNKLTSSLTFFFG
YKITPNTKEVAALTPDKEAEAKHLTSLVNNGIMTGNEARLELNLEPLDDEQMNRIRIPANVAGSATGVSGQEGGRPQGST
EGDKE
;
D,E,B,C
2 'polypeptide(L)'
;MQIITAEDYRLYGGLKRPELESGVEMMITAANALITSLLGMDDADAVDQLINTKPTRKKYFLSSPSATSVTKMTINDKEI
DPEQYKLYSDGVILLKFSPPEGYMDVEYTQGGFNPIPEDLKLAACMLVDHWHKQDYRQAKTIGGETVTFNNTKSGIPEHI
RTIIEVYRRV
;
R,S,P,Q
3 'polypeptide(L)'
;MDHRTSIAQALVDRIAQQMDGSQPDEYFNNLYGNVSRQTYKFEEIREFPYVAVHIGTETGQYLPSGQQWMFLELPILVYD
KEKTDIQEQLEKLVADIKTVIDTGGNLEYTVSKPNGSTFPCEATDMSITSVSTDEGLLAPYGLAEINVTVRYQPPRRSLR
R
;
a,b
4 'polypeptide(L)'
;MTDKLIRELLIDVKQKGATRTAKSIENVSDALENAAAASELTNEQLGKMPKTLYSIERAADRAAKSLTKMQASRGMAGIT
KSIDSIGAKLDDLSIAMIEVADKLEAGFDGVSRSVKVMGNDVAAATEKVQDRLYDTNRVLGGTARGFNDTAGAAGRASRA
IGNTSGSARGATRDFAAMAKVGGGLPLLYAAIASNIFVLQSAFEQLKLGDQLNRLEEFGVIVGTQTGTPVQSLARSLQEA
AGYAISFEEAMRQASSASAYGFDAEQLNKFGLVARRAAAVLGVDMTDALNRVIKGVSKQEIELLDELGVTIRLNDAYADY
VKQLNAANTGITYNINSLTTFQKQQAYANAVIAESTKRFGYLDEVLRATPWEQFAANADAALRTIQQAAAKYLGPVIDAI
NTVFYTSQASISAEAARAQEQTNKQIDPTNVGAVALSLSASEEGYNKALDMYKESLDKRNKLKSEFDKRMEQADFYTKLA
IRQVGEGIPAGLATAGASEANKKFVEETAAMGLQVARLDKEVTDSTENLNAWKSAYQAAGAAAAKANPEFQKQINLQRDT
TDPGAVYDFNSTVLKGLTEQQKAYNQTKKTASDLANDIQNVAQNTDTAAKTSATLADAIKNIESLSLGTGKSADEYVKNL
NLGYNTLSEMKTASQALSEYVKLTGNETKNQLAVQQKIADVYNQTKDKEKAQEAGRRLELQQLEEQEAALRRVLQTNQGN
KAVEREIEKIQLEKIKLTNQGMEAQKKVKDYTDKILGVDREIALLNNRTMTDTQYRLAQLNLELTIEKEKYEWYTKQADK
QKEAEQSRRAQAQIEREIWKFHQDQQAEMTSKRQEAFENTLTSMFPLAGEMQKMEMQLDFYTQMKELTKDNANEQMRWNA
EIAKTRAQMSALTAQRNAQMQSSVGSSLGAVYTPTTGLSGEDKKFADMGNQLASYDQAISKLSELNSEATAVAQSMGNLA
NAMIQFSQGSLDTTSTIAVGMQTVASMIQYSTSQQVSAIDQAIAAEQKRDGKSEASKAKLKKLEAEKLKIQQDAAKKQII
IQTAVAVMQAATAVPYPFSIPLMIAAGLAGALALAQASSASGMSSIGDSGADTASYLTLGERQKNIDVSMSANAGELSYV
RGDKGIGNANSFVPRAEGGNMYPGVSYQMGEHGTEVVTPMVPMKATPNDELKNSSNSTAGRPIILNISAMDAASFREFAS
SNSGALRDAVELALNENGASLKTLGNS
;
x
#
# COMPACT_ATOMS: atom_id res chain seq x y z
N LEU A 11 -10.51 -0.24 -60.43
CA LEU A 11 -10.48 -1.25 -59.39
C LEU A 11 -10.78 -0.64 -58.03
N ASN A 12 -9.74 -0.25 -57.32
CA ASN A 12 -9.89 0.49 -56.07
C ASN A 12 -8.65 1.34 -55.91
N PRO A 13 -8.76 2.64 -56.17
CA PRO A 13 -7.57 3.51 -56.11
C PRO A 13 -6.81 3.41 -54.80
N GLY A 14 -7.49 3.16 -53.69
CA GLY A 14 -6.82 3.11 -52.42
C GLY A 14 -5.96 1.88 -52.21
N GLN A 15 -6.03 0.90 -53.10
CA GLN A 15 -5.44 -0.40 -52.82
C GLN A 15 -3.94 -0.28 -52.61
N ARG A 16 -3.28 0.51 -53.47
CA ARG A 16 -1.85 0.73 -53.36
C ARG A 16 -1.46 1.25 -51.99
N ILE A 17 -2.36 1.94 -51.32
CA ILE A 17 -2.11 2.42 -49.97
C ILE A 17 -2.44 1.36 -48.95
N ILE A 18 -3.60 0.71 -49.09
CA ILE A 18 -3.96 -0.36 -48.18
C ILE A 18 -2.89 -1.42 -48.17
N ARG A 19 -2.36 -1.75 -49.36
CA ARG A 19 -1.30 -2.72 -49.48
C ARG A 19 -0.15 -2.43 -48.52
N ASP A 20 0.21 -1.17 -48.35
CA ASP A 20 1.32 -0.82 -47.49
C ASP A 20 0.98 -0.83 -46.00
N MET A 21 -0.31 -0.90 -45.65
CA MET A 21 -0.67 -0.98 -44.24
C MET A 21 -0.39 -2.35 -43.66
N GLU A 22 -0.40 -3.38 -44.50
CA GLU A 22 -0.14 -4.75 -44.06
C GLU A 22 0.29 -5.58 -45.26
N PRO A 23 1.52 -5.40 -45.72
CA PRO A 23 1.93 -6.00 -47.00
C PRO A 23 2.03 -7.50 -46.95
N VAL A 24 2.25 -8.08 -45.76
CA VAL A 24 2.33 -9.52 -45.58
C VAL A 24 1.66 -9.89 -44.27
N SER A 25 0.94 -11.01 -44.28
CA SER A 25 0.30 -11.49 -43.07
C SER A 25 1.34 -11.79 -42.00
N HIS A 26 0.89 -11.75 -40.75
CA HIS A 26 1.67 -12.26 -39.64
C HIS A 26 0.82 -13.13 -38.72
N ARG A 27 1.47 -14.10 -38.11
CA ARG A 27 0.82 -15.04 -37.22
C ARG A 27 0.25 -14.33 -36.01
N THR A 28 -0.74 -14.95 -35.38
CA THR A 28 -1.26 -14.47 -34.11
C THR A 28 -1.19 -15.47 -32.97
N ASN A 29 -1.09 -16.77 -33.26
CA ASN A 29 -0.88 -17.78 -32.22
C ASN A 29 0.56 -17.77 -31.72
N ARG A 30 0.91 -16.70 -31.02
CA ARG A 30 2.10 -16.77 -30.18
C ARG A 30 1.89 -17.82 -29.09
N LYS A 31 2.97 -18.12 -28.37
CA LYS A 31 3.01 -19.19 -27.38
C LYS A 31 2.62 -20.56 -27.90
N PRO A 32 3.08 -20.99 -29.08
CA PRO A 32 2.59 -22.26 -29.62
C PRO A 32 2.95 -23.46 -28.75
N PHE A 33 4.15 -23.46 -28.17
CA PHE A 33 4.56 -24.57 -27.32
C PHE A 33 3.68 -24.69 -26.09
N THR A 34 3.52 -23.60 -25.34
CA THR A 34 2.73 -23.70 -24.12
C THR A 34 1.26 -23.99 -24.43
N THR A 35 0.77 -23.58 -25.60
CA THR A 35 -0.57 -23.97 -26.01
C THR A 35 -0.66 -25.48 -26.22
N GLY A 36 0.33 -26.07 -26.88
CA GLY A 36 0.32 -27.52 -27.04
C GLY A 36 0.51 -28.30 -25.76
N GLN A 37 1.29 -27.76 -24.83
CA GLN A 37 1.33 -28.30 -23.48
C GLN A 37 -0.04 -28.25 -22.81
N ALA A 38 -0.68 -27.08 -22.85
CA ALA A 38 -1.97 -26.93 -22.20
C ALA A 38 -2.99 -27.91 -22.75
N TYR A 39 -3.14 -27.94 -24.07
CA TYR A 39 -4.07 -28.89 -24.67
C TYR A 39 -3.71 -30.33 -24.32
N SER A 40 -2.43 -30.64 -24.20
CA SER A 40 -2.03 -32.00 -23.88
C SER A 40 -2.17 -32.34 -22.40
N LYS A 41 -2.36 -31.35 -21.53
CA LYS A 41 -2.27 -31.60 -20.10
C LYS A 41 -3.44 -31.07 -19.27
N ILE A 42 -4.19 -30.09 -19.75
CA ILE A 42 -5.25 -29.47 -18.95
C ILE A 42 -6.59 -29.96 -19.46
N GLU A 43 -7.38 -30.53 -18.56
CA GLU A 43 -8.55 -31.31 -18.92
C GLU A 43 -9.63 -30.48 -19.61
N ILE A 44 -10.03 -29.38 -19.00
CA ILE A 44 -11.18 -28.61 -19.48
C ILE A 44 -10.95 -28.03 -20.87
N LEU A 45 -9.71 -27.69 -21.19
CA LEU A 45 -9.37 -27.30 -22.56
C LEU A 45 -9.53 -28.47 -23.50
N ASN A 46 -9.01 -29.64 -23.12
CA ASN A 46 -9.07 -30.80 -23.99
C ASN A 46 -10.51 -31.18 -24.29
N ARG A 47 -11.33 -31.25 -23.25
CA ARG A 47 -12.73 -31.62 -23.43
C ARG A 47 -13.47 -30.61 -24.30
N THR A 48 -13.37 -29.31 -23.99
CA THR A 48 -14.18 -28.36 -24.76
C THR A 48 -13.73 -28.27 -26.21
N ALA A 49 -12.42 -28.31 -26.46
CA ALA A 49 -11.95 -28.35 -27.84
C ALA A 49 -12.39 -29.62 -28.56
N ASN A 50 -12.29 -30.78 -27.91
CA ASN A 50 -12.75 -31.98 -28.58
C ASN A 50 -14.24 -31.96 -28.86
N MET A 51 -15.02 -31.39 -27.94
CA MET A 51 -16.46 -31.27 -28.20
C MET A 51 -16.75 -30.42 -29.43
N VAL A 52 -16.05 -29.29 -29.56
CA VAL A 52 -16.29 -28.42 -30.71
C VAL A 52 -15.86 -29.10 -32.01
N ILE A 53 -14.62 -29.60 -32.06
CA ILE A 53 -14.13 -30.26 -33.27
C ILE A 53 -15.02 -31.43 -33.67
N ASP A 54 -15.26 -32.35 -32.73
CA ASP A 54 -16.04 -33.54 -33.03
C ASP A 54 -17.49 -33.21 -33.38
N SER A 55 -18.02 -32.10 -32.88
CA SER A 55 -19.38 -31.74 -33.26
C SER A 55 -19.43 -31.12 -34.65
N ALA A 56 -18.47 -30.25 -34.97
CA ALA A 56 -18.50 -29.59 -36.26
C ALA A 56 -18.20 -30.56 -37.40
N ALA A 57 -17.32 -31.53 -37.15
CA ALA A 57 -16.91 -32.44 -38.22
C ALA A 57 -18.06 -33.26 -38.82
N GLU A 58 -19.16 -33.47 -38.09
CA GLU A 58 -20.23 -34.35 -38.55
C GLU A 58 -21.42 -33.65 -39.21
N CYS A 59 -21.30 -32.38 -39.57
CA CYS A 59 -22.30 -31.72 -40.41
C CYS A 59 -22.15 -32.13 -41.87
N SER A 60 -23.22 -32.62 -42.49
CA SER A 60 -23.19 -32.85 -43.92
C SER A 60 -23.26 -31.53 -44.70
N TYR A 61 -22.80 -31.56 -45.95
CA TYR A 61 -22.91 -30.40 -46.83
C TYR A 61 -23.88 -30.72 -47.96
N THR A 62 -24.80 -29.80 -48.25
CA THR A 62 -25.65 -29.90 -49.43
C THR A 62 -25.17 -28.92 -50.50
N VAL A 63 -25.16 -29.40 -51.74
CA VAL A 63 -24.81 -28.61 -52.92
C VAL A 63 -26.08 -28.22 -53.66
N GLY A 64 -26.27 -26.93 -53.87
CA GLY A 64 -27.51 -26.39 -54.39
C GLY A 64 -27.47 -26.17 -55.89
N ASP A 65 -28.12 -25.10 -56.34
CA ASP A 65 -28.10 -24.61 -57.70
C ASP A 65 -26.78 -23.91 -58.02
N LYS A 66 -26.59 -23.64 -59.31
CA LYS A 66 -25.37 -23.03 -59.82
C LYS A 66 -25.69 -21.62 -60.30
N TYR A 67 -24.98 -20.64 -59.76
CA TYR A 67 -24.99 -19.30 -60.29
C TYR A 67 -24.22 -19.22 -61.59
N ASN A 68 -24.63 -18.29 -62.46
CA ASN A 68 -24.07 -18.19 -63.80
C ASN A 68 -22.72 -17.50 -63.83
N ILE A 69 -22.32 -16.84 -62.74
CA ILE A 69 -21.09 -16.07 -62.74
C ILE A 69 -19.88 -17.00 -62.93
N VAL A 70 -18.85 -16.48 -63.58
CA VAL A 70 -17.59 -17.20 -63.77
C VAL A 70 -16.75 -17.14 -62.51
N THR A 71 -15.87 -18.13 -62.35
CA THR A 71 -15.06 -18.26 -61.14
C THR A 71 -13.79 -19.03 -61.48
N TYR A 72 -13.01 -19.34 -60.44
CA TYR A 72 -11.77 -20.08 -60.61
C TYR A 72 -12.03 -21.54 -60.97
N ALA A 73 -12.74 -22.27 -60.11
CA ALA A 73 -12.89 -23.72 -60.23
C ALA A 73 -13.96 -24.08 -61.26
N ASN A 74 -13.77 -23.57 -62.47
CA ASN A 74 -14.80 -23.57 -63.49
C ASN A 74 -15.23 -24.98 -63.88
N GLY A 75 -16.51 -25.13 -64.20
CA GLY A 75 -17.01 -26.26 -64.96
C GLY A 75 -17.05 -27.60 -64.26
N VAL A 76 -16.87 -27.65 -62.94
CA VAL A 76 -16.89 -28.94 -62.24
C VAL A 76 -18.31 -29.45 -62.14
N LYS A 77 -18.54 -30.68 -62.59
CA LYS A 77 -19.87 -31.28 -62.50
C LYS A 77 -20.28 -31.49 -61.05
N THR A 78 -21.56 -31.23 -60.77
CA THR A 78 -22.07 -31.27 -59.40
C THR A 78 -21.81 -32.60 -58.70
N LYS A 79 -22.05 -33.71 -59.40
CA LYS A 79 -21.81 -35.02 -58.78
C LYS A 79 -20.38 -35.20 -58.29
N THR A 80 -19.40 -34.62 -59.00
CA THR A 80 -18.03 -34.71 -58.53
C THR A 80 -17.86 -33.89 -57.26
N LEU A 81 -18.35 -32.66 -57.27
CA LEU A 81 -18.15 -31.80 -56.11
C LEU A 81 -18.81 -32.40 -54.88
N ASP A 82 -20.03 -32.92 -55.05
CA ASP A 82 -20.72 -33.62 -53.99
C ASP A 82 -19.89 -34.79 -53.45
N THR A 83 -19.34 -35.62 -54.34
CA THR A 83 -18.55 -36.75 -53.91
C THR A 83 -17.29 -36.31 -53.16
N LEU A 84 -16.68 -35.22 -53.59
CA LEU A 84 -15.49 -34.72 -52.92
C LEU A 84 -15.81 -34.17 -51.54
N LEU A 85 -16.88 -33.38 -51.42
CA LEU A 85 -17.23 -32.78 -50.14
C LEU A 85 -17.77 -33.79 -49.14
N ASN A 86 -18.75 -34.58 -49.55
CA ASN A 86 -19.39 -35.56 -48.69
C ASN A 86 -18.64 -36.88 -48.50
N VAL A 87 -17.88 -37.37 -49.47
CA VAL A 87 -17.45 -38.76 -49.46
C VAL A 87 -15.93 -38.90 -49.40
N ARG A 88 -15.20 -38.25 -50.30
CA ARG A 88 -13.78 -38.54 -50.44
C ARG A 88 -13.01 -37.33 -50.94
N PRO A 89 -12.33 -36.60 -50.05
CA PRO A 89 -11.62 -35.40 -50.48
C PRO A 89 -10.49 -35.68 -51.45
N ASN A 90 -9.76 -36.76 -51.26
CA ASN A 90 -8.65 -37.10 -52.15
C ASN A 90 -8.39 -38.59 -52.03
N PRO A 91 -7.56 -39.15 -52.91
CA PRO A 91 -7.38 -40.62 -52.92
C PRO A 91 -6.84 -41.20 -51.63
N PHE A 92 -6.25 -40.41 -50.72
CA PHE A 92 -5.47 -40.96 -49.62
C PHE A 92 -6.01 -40.66 -48.23
N MET A 93 -6.86 -39.67 -48.06
CA MET A 93 -7.29 -39.22 -46.74
C MET A 93 -8.81 -39.27 -46.67
N ASP A 94 -9.34 -39.64 -45.51
CA ASP A 94 -10.79 -39.75 -45.41
C ASP A 94 -11.41 -38.35 -45.40
N ILE A 95 -12.75 -38.30 -45.31
CA ILE A 95 -13.46 -37.05 -45.11
C ILE A 95 -13.39 -36.55 -43.68
N SER A 96 -13.52 -37.45 -42.70
CA SER A 96 -13.56 -37.01 -41.32
C SER A 96 -12.21 -36.45 -40.86
N THR A 97 -11.12 -37.13 -41.20
CA THR A 97 -9.81 -36.62 -40.85
C THR A 97 -9.55 -35.28 -41.51
N PHE A 98 -9.93 -35.14 -42.77
CA PHE A 98 -9.79 -33.87 -43.47
C PHE A 98 -10.57 -32.75 -42.78
N ARG A 99 -11.84 -32.98 -42.46
CA ARG A 99 -12.62 -31.97 -41.78
C ARG A 99 -12.03 -31.60 -40.42
N ARG A 100 -11.66 -32.60 -39.63
CA ARG A 100 -11.11 -32.29 -38.32
C ARG A 100 -9.80 -31.52 -38.42
N LEU A 101 -8.94 -31.84 -39.38
CA LEU A 101 -7.74 -31.05 -39.59
C LEU A 101 -8.06 -29.61 -39.94
N VAL A 102 -8.99 -29.39 -40.87
CA VAL A 102 -9.35 -28.03 -41.26
C VAL A 102 -9.93 -27.24 -40.11
N VAL A 103 -10.81 -27.86 -39.32
CA VAL A 103 -11.40 -27.17 -38.18
C VAL A 103 -10.37 -26.92 -37.08
N THR A 104 -9.43 -27.85 -36.89
CA THR A 104 -8.33 -27.60 -35.97
C THR A 104 -7.54 -26.37 -36.38
N ASP A 105 -7.13 -26.29 -37.63
CA ASP A 105 -6.38 -25.12 -38.07
C ASP A 105 -7.20 -23.85 -37.91
N LEU A 106 -8.46 -23.89 -38.35
CA LEU A 106 -9.31 -22.71 -38.26
C LEU A 106 -9.49 -22.22 -36.83
N LEU A 107 -9.63 -23.14 -35.88
CA LEU A 107 -9.77 -22.73 -34.49
C LEU A 107 -8.44 -22.27 -33.88
N PHE A 108 -7.40 -23.09 -33.97
CA PHE A 108 -6.18 -22.78 -33.23
C PHE A 108 -5.36 -21.66 -33.86
N GLU A 109 -5.03 -21.78 -35.15
CA GLU A 109 -4.29 -20.72 -35.81
C GLU A 109 -5.17 -19.52 -36.16
N GLY A 110 -6.42 -19.76 -36.53
CA GLY A 110 -7.28 -18.69 -37.02
C GLY A 110 -7.39 -18.62 -38.52
N CYS A 111 -6.76 -19.53 -39.25
CA CYS A 111 -6.80 -19.53 -40.71
C CYS A 111 -6.89 -20.97 -41.17
N ALA A 112 -7.35 -21.16 -42.40
CA ALA A 112 -7.27 -22.47 -43.02
C ALA A 112 -7.04 -22.34 -44.52
N TYR A 113 -6.24 -23.25 -45.07
CA TYR A 113 -5.93 -23.23 -46.49
C TYR A 113 -6.13 -24.61 -47.08
N ILE A 114 -6.68 -24.65 -48.29
CA ILE A 114 -6.90 -25.92 -48.98
C ILE A 114 -6.40 -25.80 -50.41
N TYR A 115 -5.51 -26.70 -50.81
CA TYR A 115 -5.11 -26.76 -52.20
C TYR A 115 -6.20 -27.43 -53.01
N TRP A 116 -6.23 -27.12 -54.30
CA TRP A 116 -7.08 -27.80 -55.27
C TRP A 116 -6.26 -28.17 -56.50
N ASP A 117 -6.50 -29.37 -57.02
CA ASP A 117 -5.66 -29.94 -58.05
C ASP A 117 -6.52 -30.69 -59.07
N GLY A 118 -7.38 -29.95 -59.75
CA GLY A 118 -8.25 -30.52 -60.75
C GLY A 118 -9.36 -31.34 -60.13
N THR A 119 -8.99 -32.44 -59.47
CA THR A 119 -9.96 -33.33 -58.83
C THR A 119 -9.39 -33.81 -57.51
N SER A 120 -8.93 -32.87 -56.68
CA SER A 120 -8.44 -33.21 -55.35
C SER A 120 -8.40 -31.95 -54.50
N LEU A 121 -8.82 -32.08 -53.25
CA LEU A 121 -8.61 -31.07 -52.23
C LEU A 121 -7.65 -31.59 -51.17
N TYR A 122 -6.65 -30.79 -50.84
CA TYR A 122 -5.67 -31.17 -49.82
C TYR A 122 -5.57 -30.11 -48.75
N HIS A 123 -5.65 -30.51 -47.49
CA HIS A 123 -5.39 -29.58 -46.40
C HIS A 123 -3.94 -29.14 -46.42
N VAL A 124 -3.70 -27.84 -46.20
CA VAL A 124 -2.34 -27.32 -46.14
C VAL A 124 -2.12 -26.63 -44.80
N PRO A 125 -1.10 -27.01 -44.03
CA PRO A 125 -0.99 -26.56 -42.64
C PRO A 125 -0.91 -25.05 -42.52
N ALA A 126 -1.80 -24.50 -41.71
CA ALA A 126 -1.93 -23.05 -41.56
C ALA A 126 -0.72 -22.39 -40.92
N ALA A 127 0.01 -23.12 -40.06
CA ALA A 127 1.18 -22.53 -39.43
C ALA A 127 2.32 -22.23 -40.40
N LEU A 128 2.33 -22.83 -41.58
CA LEU A 128 3.41 -22.64 -42.53
C LEU A 128 3.05 -21.75 -43.71
N MET A 129 1.78 -21.46 -43.93
CA MET A 129 1.38 -20.56 -45.00
C MET A 129 1.62 -19.10 -44.61
N GLN A 130 1.72 -18.26 -45.64
CA GLN A 130 1.77 -16.82 -45.47
C GLN A 130 1.09 -16.18 -46.66
N VAL A 131 0.41 -15.07 -46.42
CA VAL A 131 -0.37 -14.37 -47.43
C VAL A 131 0.29 -13.06 -47.80
N GLU A 132 0.51 -12.84 -49.09
CA GLU A 132 1.11 -11.61 -49.57
C GLU A 132 0.09 -10.77 -50.33
N ALA A 133 -0.04 -9.50 -49.91
CA ALA A 133 -1.06 -8.63 -50.45
C ALA A 133 -0.69 -8.18 -51.86
N ASP A 134 -1.68 -8.10 -52.74
CA ASP A 134 -1.44 -7.52 -54.06
C ASP A 134 -1.63 -6.01 -54.01
N ALA A 135 -0.98 -5.31 -54.94
CA ALA A 135 -1.13 -3.86 -55.05
C ALA A 135 -2.39 -3.42 -55.77
N ASN A 136 -3.07 -4.30 -56.50
CA ASN A 136 -4.23 -3.89 -57.28
C ASN A 136 -5.41 -4.79 -56.97
N LYS A 137 -5.18 -6.09 -56.99
CA LYS A 137 -6.19 -7.08 -56.65
C LYS A 137 -6.18 -7.29 -55.14
N PHE A 138 -6.85 -8.33 -54.66
CA PHE A 138 -6.83 -8.58 -53.23
C PHE A 138 -5.52 -9.23 -52.81
N ILE A 139 -5.22 -10.43 -53.30
CA ILE A 139 -4.08 -11.21 -52.81
C ILE A 139 -3.21 -11.61 -53.99
N LYS A 140 -1.90 -11.45 -53.85
CA LYS A 140 -0.98 -11.69 -54.95
C LYS A 140 -0.59 -13.16 -55.06
N LYS A 141 -0.09 -13.75 -53.98
CA LYS A 141 0.30 -15.16 -53.96
C LYS A 141 0.35 -15.61 -52.52
N PHE A 142 0.26 -16.92 -52.32
CA PHE A 142 0.46 -17.50 -50.99
C PHE A 142 1.82 -18.16 -50.91
N ILE A 143 2.56 -17.88 -49.84
CA ILE A 143 3.90 -18.41 -49.65
C ILE A 143 3.83 -19.47 -48.57
N PHE A 144 4.34 -20.65 -48.90
CA PHE A 144 4.45 -21.77 -47.97
C PHE A 144 5.90 -21.97 -47.56
N ASN A 145 6.15 -21.87 -46.26
CA ASN A 145 7.45 -22.12 -45.64
C ASN A 145 8.57 -21.32 -46.31
N ASN A 146 8.25 -20.18 -46.89
CA ASN A 146 9.17 -19.40 -47.72
C ASN A 146 9.76 -20.20 -48.86
N GLN A 147 9.22 -21.37 -49.15
CA GLN A 147 9.86 -22.30 -50.05
C GLN A 147 9.03 -22.69 -51.27
N ILE A 148 7.72 -22.49 -51.25
CA ILE A 148 6.97 -22.57 -52.50
C ILE A 148 5.85 -21.55 -52.51
N ASN A 149 5.58 -21.00 -53.69
CA ASN A 149 4.49 -20.05 -53.90
C ASN A 149 3.33 -20.71 -54.61
N TYR A 150 2.16 -20.69 -53.98
CA TYR A 150 0.90 -21.08 -54.61
C TYR A 150 0.24 -19.88 -55.28
N ARG A 151 -0.18 -20.09 -56.53
CA ARG A 151 -0.98 -19.15 -57.27
C ARG A 151 -2.35 -18.98 -56.63
N VAL A 152 -2.91 -17.78 -56.80
CA VAL A 152 -4.12 -17.42 -56.07
C VAL A 152 -5.30 -18.29 -56.47
N ASP A 153 -5.43 -18.64 -57.74
CA ASP A 153 -6.57 -19.45 -58.15
C ASP A 153 -6.40 -20.93 -57.83
N GLU A 154 -5.43 -21.29 -57.00
CA GLU A 154 -5.22 -22.67 -56.61
C GLU A 154 -5.35 -22.88 -55.11
N ILE A 155 -5.82 -21.89 -54.36
CA ILE A 155 -6.01 -22.04 -52.93
C ILE A 155 -7.42 -21.59 -52.55
N ILE A 156 -8.00 -22.30 -51.60
CA ILE A 156 -9.21 -21.87 -50.90
C ILE A 156 -8.77 -21.38 -49.53
N PHE A 157 -9.16 -20.16 -49.20
CA PHE A 157 -8.67 -19.45 -48.02
C PHE A 157 -9.81 -19.10 -47.09
N ILE A 158 -9.64 -19.39 -45.80
CA ILE A 158 -10.63 -19.05 -44.78
C ILE A 158 -9.93 -18.33 -43.65
N LYS A 159 -10.53 -17.27 -43.13
CA LYS A 159 -9.96 -16.59 -41.98
C LYS A 159 -11.05 -16.15 -41.01
N ASP A 160 -10.75 -16.29 -39.72
CA ASP A 160 -11.53 -15.69 -38.67
C ASP A 160 -11.31 -14.18 -38.61
N ASN A 161 -12.08 -13.52 -37.75
CA ASN A 161 -12.01 -12.07 -37.61
C ASN A 161 -10.60 -11.66 -37.19
N SER A 162 -10.27 -10.38 -37.40
CA SER A 162 -8.93 -9.91 -37.07
C SER A 162 -8.95 -8.41 -36.85
N TYR A 163 -8.55 -7.99 -35.66
CA TYR A 163 -8.28 -6.60 -35.34
C TYR A 163 -6.95 -6.54 -34.60
N VAL A 164 -5.93 -5.97 -35.23
CA VAL A 164 -4.55 -6.21 -34.85
C VAL A 164 -3.83 -4.88 -34.75
N CYS A 165 -3.09 -4.68 -33.64
CA CYS A 165 -2.25 -3.51 -33.41
C CYS A 165 -3.00 -2.20 -33.64
N GLY A 166 -4.31 -2.21 -33.47
CA GLY A 166 -5.12 -1.04 -33.73
C GLY A 166 -5.51 -0.85 -35.17
N THR A 167 -5.19 -1.78 -36.06
CA THR A 167 -5.70 -1.81 -37.42
C THR A 167 -6.69 -2.95 -37.53
N ASN A 168 -7.89 -2.65 -38.04
CA ASN A 168 -8.69 -3.73 -38.57
C ASN A 168 -7.93 -4.38 -39.70
N SER A 169 -7.89 -5.71 -39.69
CA SER A 169 -6.94 -6.45 -40.50
C SER A 169 -7.67 -7.28 -41.54
N GLN A 170 -7.45 -6.94 -42.81
CA GLN A 170 -7.65 -7.93 -43.85
C GLN A 170 -6.57 -8.99 -43.72
N ILE A 171 -6.65 -10.02 -44.56
CA ILE A 171 -5.60 -11.01 -44.69
C ILE A 171 -5.39 -11.87 -43.44
N SER A 172 -5.09 -11.24 -42.31
CA SER A 172 -4.74 -12.00 -41.11
C SER A 172 -5.97 -12.53 -40.38
N GLY A 173 -5.75 -13.51 -39.53
CA GLY A 173 -6.79 -14.05 -38.67
C GLY A 173 -6.38 -14.15 -37.23
N GLN A 174 -7.27 -13.73 -36.33
CA GLN A 174 -7.06 -13.93 -34.90
C GLN A 174 -7.28 -15.39 -34.49
N SER A 175 -6.33 -15.92 -33.73
CA SER A 175 -6.54 -17.19 -33.03
C SER A 175 -7.56 -17.05 -31.92
N ARG A 176 -8.46 -18.03 -31.83
CA ARG A 176 -9.41 -18.07 -30.71
C ARG A 176 -8.74 -18.48 -29.40
N VAL A 177 -8.02 -19.59 -29.43
CA VAL A 177 -7.40 -20.19 -28.25
C VAL A 177 -6.34 -19.31 -27.60
N ALA A 178 -5.68 -18.46 -28.38
CA ALA A 178 -4.67 -17.54 -27.84
C ALA A 178 -5.17 -16.68 -26.69
N THR A 179 -6.46 -16.34 -26.64
CA THR A 179 -6.94 -15.53 -25.53
C THR A 179 -7.11 -16.29 -24.22
N VAL A 180 -6.94 -17.61 -24.20
CA VAL A 180 -7.25 -18.39 -23.00
C VAL A 180 -6.04 -18.70 -22.12
N ILE A 181 -4.83 -18.63 -22.66
CA ILE A 181 -3.68 -19.17 -21.95
C ILE A 181 -3.43 -18.42 -20.64
N ASP A 182 -3.68 -17.11 -20.64
CA ASP A 182 -3.44 -16.33 -19.43
C ASP A 182 -4.13 -16.95 -18.23
N SER A 183 -5.32 -17.50 -18.43
CA SER A 183 -6.10 -18.00 -17.31
C SER A 183 -5.63 -19.38 -16.89
N LEU A 184 -5.27 -20.20 -17.86
CA LEU A 184 -4.79 -21.55 -17.58
C LEU A 184 -3.52 -21.53 -16.75
N GLU A 185 -2.66 -20.55 -16.95
CA GLU A 185 -1.52 -20.40 -16.08
C GLU A 185 -1.94 -20.10 -14.65
N LYS A 186 -2.73 -19.04 -14.44
CA LYS A 186 -3.07 -18.66 -13.07
C LYS A 186 -3.75 -19.77 -12.32
N ARG A 187 -4.66 -20.48 -12.97
CA ARG A 187 -5.37 -21.55 -12.28
C ARG A 187 -4.41 -22.64 -11.86
N SER A 188 -3.52 -23.04 -12.76
CA SER A 188 -2.53 -24.05 -12.41
C SER A 188 -1.69 -23.62 -11.23
N LYS A 189 -1.29 -22.35 -11.20
CA LYS A 189 -0.55 -21.86 -10.04
C LYS A 189 -1.33 -22.06 -8.76
N MET A 190 -2.58 -21.63 -8.73
CA MET A 190 -3.36 -21.82 -7.52
C MET A 190 -3.42 -23.29 -7.13
N LEU A 191 -3.70 -24.16 -8.09
CA LEU A 191 -3.80 -25.57 -7.74
C LEU A 191 -2.50 -26.11 -7.18
N ASN A 192 -1.36 -25.71 -7.77
CA ASN A 192 -0.11 -26.20 -7.22
C ASN A 192 0.12 -25.66 -5.82
N PHE A 193 -0.22 -24.40 -5.59
CA PHE A 193 -0.08 -23.86 -4.25
C PHE A 193 -0.99 -24.60 -3.30
N LYS A 194 -2.21 -24.89 -3.74
CA LYS A 194 -3.15 -25.60 -2.90
C LYS A 194 -2.59 -26.95 -2.48
N GLU A 195 -1.93 -27.65 -3.39
CA GLU A 195 -1.24 -28.87 -2.98
C GLU A 195 -0.07 -28.59 -2.04
N LYS A 196 0.85 -27.74 -2.46
CA LYS A 196 2.15 -27.71 -1.81
C LYS A 196 2.11 -27.18 -0.38
N PHE A 197 1.12 -26.35 -0.06
CA PHE A 197 0.88 -25.96 1.33
C PHE A 197 0.74 -27.15 2.25
N LEU A 198 0.17 -28.25 1.77
CA LEU A 198 0.07 -29.44 2.59
C LEU A 198 1.42 -30.09 2.85
N ASP A 199 2.25 -30.24 1.82
CA ASP A 199 3.57 -30.80 2.04
C ASP A 199 4.51 -29.91 2.83
N ASN A 200 4.40 -28.60 2.68
CA ASN A 200 5.12 -27.69 3.56
C ASN A 200 4.50 -27.57 4.95
N GLY A 201 3.39 -28.24 5.21
CA GLY A 201 2.70 -28.07 6.47
C GLY A 201 3.54 -28.51 7.66
N THR A 202 3.01 -28.22 8.84
CA THR A 202 3.65 -28.59 10.10
C THR A 202 2.59 -28.75 11.17
N VAL A 203 2.50 -29.93 11.76
CA VAL A 203 1.39 -30.31 12.62
C VAL A 203 1.97 -30.80 13.94
N ILE A 204 1.75 -30.03 15.01
CA ILE A 204 2.27 -30.33 16.34
C ILE A 204 1.12 -30.79 17.21
N GLY A 205 1.39 -31.75 18.08
CA GLY A 205 0.37 -32.21 19.00
C GLY A 205 0.48 -31.63 20.39
N LEU A 206 1.70 -31.40 20.86
CA LEU A 206 1.92 -30.92 22.22
C LEU A 206 3.28 -30.27 22.29
N ILE A 207 3.44 -29.30 23.19
CA ILE A 207 4.74 -28.70 23.46
C ILE A 207 5.01 -28.72 24.96
N LEU A 208 6.16 -29.27 25.34
CA LEU A 208 6.62 -29.34 26.71
C LEU A 208 7.97 -28.63 26.81
N GLU A 209 8.24 -28.05 27.98
CA GLU A 209 9.28 -27.05 28.07
C GLU A 209 9.93 -27.11 29.45
N THR A 210 11.24 -26.85 29.49
CA THR A 210 12.01 -26.79 30.71
C THR A 210 13.13 -25.78 30.57
N ASP A 211 13.60 -25.27 31.72
CA ASP A 211 14.87 -24.57 31.77
C ASP A 211 16.06 -25.47 32.07
N GLU A 212 15.84 -26.67 32.58
CA GLU A 212 16.91 -27.64 32.75
C GLU A 212 17.43 -28.13 31.40
N ILE A 213 18.55 -28.83 31.44
CA ILE A 213 19.10 -29.54 30.29
C ILE A 213 18.92 -31.03 30.52
N LEU A 214 18.47 -31.73 29.48
CA LEU A 214 18.06 -33.12 29.56
C LEU A 214 18.88 -34.00 28.64
N ASN A 215 19.10 -35.24 29.07
CA ASN A 215 19.91 -36.18 28.30
C ASN A 215 19.22 -36.48 26.98
N LYS A 216 19.86 -36.11 25.88
CA LYS A 216 19.20 -36.07 24.57
C LYS A 216 18.61 -37.42 24.18
N LYS A 217 19.38 -38.49 24.36
CA LYS A 217 18.91 -39.83 24.00
C LYS A 217 17.66 -40.23 24.76
N LEU A 218 17.64 -39.99 26.06
CA LEU A 218 16.44 -40.28 26.86
C LEU A 218 15.29 -39.37 26.48
N ARG A 219 15.56 -38.10 26.21
CA ARG A 219 14.51 -37.21 25.75
C ARG A 219 13.84 -37.72 24.47
N GLU A 220 14.63 -38.16 23.50
CA GLU A 220 14.06 -38.71 22.29
C GLU A 220 13.22 -39.96 22.56
N ARG A 221 13.73 -40.86 23.40
CA ARG A 221 12.93 -42.01 23.77
C ARG A 221 11.60 -41.61 24.39
N LYS A 222 11.63 -40.64 25.31
CA LYS A 222 10.41 -40.18 25.96
C LYS A 222 9.42 -39.61 24.97
N GLN A 223 9.90 -38.85 23.99
CA GLN A 223 9.01 -38.35 22.94
C GLN A 223 8.33 -39.49 22.20
N GLU A 224 9.07 -40.54 21.87
CA GLU A 224 8.44 -41.63 21.13
C GLU A 224 7.46 -42.42 22.00
N GLU A 225 7.75 -42.55 23.29
CA GLU A 225 6.80 -43.17 24.21
C GLU A 225 5.51 -42.39 24.30
N LEU A 226 5.60 -41.07 24.51
CA LEU A 226 4.39 -40.27 24.59
C LEU A 226 3.59 -40.34 23.29
N GLN A 227 4.28 -40.27 22.15
CA GLN A 227 3.58 -40.25 20.88
C GLN A 227 2.82 -41.54 20.65
N LEU A 228 3.46 -42.69 20.87
CA LEU A 228 2.76 -43.95 20.66
C LEU A 228 1.69 -44.21 21.72
N ASP A 229 1.92 -43.81 22.96
CA ASP A 229 0.94 -44.11 24.01
C ASP A 229 -0.34 -43.31 23.86
N TYR A 230 -0.22 -42.00 23.64
CA TYR A 230 -1.43 -41.16 23.72
C TYR A 230 -2.37 -41.29 22.53
N ASN A 231 -1.89 -41.58 21.34
CA ASN A 231 -2.83 -41.67 20.23
C ASN A 231 -3.82 -42.81 20.45
N PRO A 232 -5.13 -42.55 20.33
CA PRO A 232 -6.12 -43.62 20.58
C PRO A 232 -5.98 -44.83 19.69
N SER A 233 -5.51 -44.65 18.46
CA SER A 233 -5.30 -45.78 17.56
C SER A 233 -4.21 -46.70 18.08
N THR A 234 -3.07 -46.15 18.46
CA THR A 234 -1.98 -46.96 19.00
C THR A 234 -2.21 -47.38 20.44
N GLY A 235 -2.58 -46.46 21.34
CA GLY A 235 -2.47 -46.75 22.75
C GLY A 235 -3.66 -46.30 23.56
N GLN A 236 -3.63 -46.63 24.84
CA GLN A 236 -4.73 -46.43 25.79
C GLN A 236 -4.63 -45.16 26.64
N SER A 237 -3.45 -44.81 27.11
CA SER A 237 -3.31 -43.78 28.13
C SER A 237 -3.74 -42.41 27.63
N SER A 238 -4.26 -41.59 28.55
CA SER A 238 -4.74 -40.26 28.19
C SER A 238 -4.45 -39.17 29.20
N VAL A 239 -4.46 -39.45 30.51
CA VAL A 239 -4.00 -38.45 31.48
C VAL A 239 -2.48 -38.35 31.42
N LEU A 240 -1.95 -37.16 31.68
CA LEU A 240 -0.51 -36.93 31.71
C LEU A 240 -0.11 -36.18 32.96
N ILE A 241 0.88 -36.71 33.67
CA ILE A 241 1.37 -36.12 34.92
C ILE A 241 2.81 -35.67 34.71
N LEU A 242 3.05 -34.37 34.86
CA LEU A 242 4.36 -33.78 34.67
C LEU A 242 4.95 -33.44 36.04
N ASP A 243 6.24 -33.71 36.19
CA ASP A 243 6.93 -33.49 37.45
C ASP A 243 8.29 -32.87 37.19
N GLY A 244 8.92 -32.42 38.27
CA GLY A 244 10.20 -31.77 38.17
C GLY A 244 10.20 -30.45 37.44
N GLY A 245 9.03 -29.94 37.07
CA GLY A 245 8.94 -28.62 36.48
C GLY A 245 8.81 -28.54 34.98
N MET A 246 8.63 -29.65 34.28
CA MET A 246 8.26 -29.53 32.88
C MET A 246 6.93 -28.82 32.73
N LYS A 247 6.93 -27.75 31.93
CA LYS A 247 5.73 -26.93 31.73
C LYS A 247 5.13 -27.22 30.37
N ALA A 248 3.80 -27.30 30.33
CA ALA A 248 3.06 -27.39 29.08
C ALA A 248 2.81 -25.98 28.54
N LYS A 249 3.24 -25.73 27.31
CA LYS A 249 3.14 -24.40 26.72
C LYS A 249 1.92 -24.35 25.81
N PRO A 250 0.93 -23.51 26.09
CA PRO A 250 -0.17 -23.34 25.15
C PRO A 250 0.28 -22.69 23.85
N TYR A 251 -0.28 -23.17 22.74
CA TYR A 251 0.07 -22.68 21.42
C TYR A 251 -1.18 -22.65 20.56
N SER A 252 -1.04 -22.11 19.35
CA SER A 252 -2.16 -22.06 18.42
C SER A 252 -1.63 -22.20 17.01
N GLN A 253 -2.51 -22.66 16.12
CA GLN A 253 -2.16 -22.85 14.71
C GLN A 253 -2.00 -21.50 14.02
N ILE A 254 -0.76 -21.09 13.81
CA ILE A 254 -0.48 -19.72 13.39
C ILE A 254 -0.88 -19.45 11.94
N SER A 255 -1.05 -20.48 11.13
CA SER A 255 -1.63 -20.30 9.80
C SER A 255 -2.40 -21.56 9.41
N SER A 256 -3.64 -21.39 8.96
CA SER A 256 -4.56 -22.50 8.80
C SER A 256 -5.02 -22.64 7.37
N PHE A 257 -5.24 -23.91 6.99
CA PHE A 257 -5.82 -24.26 5.70
C PHE A 257 -7.17 -23.61 5.43
N LYS A 258 -7.90 -23.26 6.49
CA LYS A 258 -9.20 -22.62 6.32
C LYS A 258 -9.14 -21.34 5.49
N ASP A 259 -8.03 -20.62 5.52
CA ASP A 259 -7.95 -19.36 4.78
C ASP A 259 -7.65 -19.54 3.30
N LEU A 260 -7.51 -20.76 2.81
CA LEU A 260 -7.35 -21.03 1.38
C LEU A 260 -8.70 -21.37 0.73
N ASP A 261 -9.61 -20.40 0.76
CA ASP A 261 -10.94 -20.61 0.17
C ASP A 261 -10.98 -20.33 -1.33
N PHE A 262 -10.09 -20.99 -2.07
CA PHE A 262 -9.89 -20.75 -3.50
C PHE A 262 -11.16 -20.88 -4.32
N LYS A 263 -12.16 -21.59 -3.78
CA LYS A 263 -13.17 -22.27 -4.59
C LYS A 263 -13.87 -21.42 -5.65
N GLU A 264 -14.24 -20.18 -5.32
CA GLU A 264 -14.86 -19.33 -6.34
C GLU A 264 -13.89 -18.81 -7.41
N ASP A 265 -12.65 -18.52 -7.04
CA ASP A 265 -11.71 -18.02 -8.02
C ASP A 265 -11.41 -19.03 -9.12
N ILE A 266 -11.14 -20.28 -8.74
CA ILE A 266 -10.91 -21.28 -9.77
C ILE A 266 -12.18 -21.52 -10.56
N ALA A 267 -13.34 -21.44 -9.92
CA ALA A 267 -14.58 -21.56 -10.67
C ALA A 267 -14.70 -20.47 -11.72
N GLY A 268 -14.27 -19.26 -11.39
CA GLY A 268 -14.25 -18.21 -12.38
C GLY A 268 -13.40 -18.56 -13.57
N PHE A 269 -12.21 -19.09 -13.33
CA PHE A 269 -11.35 -19.43 -14.44
C PHE A 269 -11.95 -20.53 -15.30
N ASN A 270 -12.58 -21.52 -14.67
CA ASN A 270 -13.27 -22.52 -15.47
C ASN A 270 -14.34 -21.89 -16.35
N LYS A 271 -15.12 -20.98 -15.79
CA LYS A 271 -16.12 -20.31 -16.62
C LYS A 271 -15.48 -19.57 -17.78
N SER A 272 -14.36 -18.88 -17.54
CA SER A 272 -13.72 -18.18 -18.65
C SER A 272 -13.36 -19.15 -19.76
N ILE A 273 -12.75 -20.28 -19.40
CA ILE A 273 -12.33 -21.21 -20.43
C ILE A 273 -13.57 -21.72 -21.16
N CYS A 274 -14.55 -22.14 -20.38
CA CYS A 274 -15.78 -22.67 -20.96
C CYS A 274 -16.44 -21.63 -21.86
N LEU A 275 -16.38 -20.36 -21.46
CA LEU A 275 -16.95 -19.32 -22.29
C LEU A 275 -16.18 -19.04 -23.57
N ALA A 276 -14.85 -19.17 -23.57
CA ALA A 276 -14.11 -18.80 -24.78
C ALA A 276 -14.52 -19.64 -25.99
N PHE A 277 -14.75 -20.93 -25.79
CA PHE A 277 -15.31 -21.75 -26.86
C PHE A 277 -16.80 -21.48 -27.09
N GLY A 278 -17.52 -21.10 -26.04
CA GLY A 278 -18.94 -20.86 -26.20
C GLY A 278 -19.74 -22.14 -26.12
N VAL A 279 -19.54 -22.89 -25.05
CA VAL A 279 -20.33 -24.08 -24.76
C VAL A 279 -21.07 -23.85 -23.44
N PRO A 280 -22.38 -24.00 -23.39
CA PRO A 280 -23.12 -23.74 -22.15
C PRO A 280 -22.76 -24.74 -21.06
N GLN A 281 -22.82 -24.25 -19.82
CA GLN A 281 -22.48 -25.07 -18.67
C GLN A 281 -23.43 -26.26 -18.52
N VAL A 282 -24.67 -26.12 -18.95
CA VAL A 282 -25.61 -27.25 -18.94
C VAL A 282 -25.07 -28.45 -19.70
N LEU A 283 -24.24 -28.22 -20.72
CA LEU A 283 -23.62 -29.34 -21.41
C LEU A 283 -22.46 -29.94 -20.64
N ILE A 284 -21.86 -29.19 -19.74
CA ILE A 284 -20.81 -29.74 -18.90
C ILE A 284 -21.40 -30.48 -17.71
N ASP A 285 -22.55 -30.03 -17.21
CA ASP A 285 -23.25 -30.64 -16.10
C ASP A 285 -24.21 -31.74 -16.56
N GLY A 286 -25.09 -31.42 -17.50
CA GLY A 286 -26.35 -32.12 -17.63
C GLY A 286 -27.33 -31.64 -16.58
N GLY A 287 -28.52 -31.24 -17.02
CA GLY A 287 -29.51 -30.61 -16.17
C GLY A 287 -30.83 -31.35 -16.29
N ASN A 288 -31.92 -30.58 -16.25
CA ASN A 288 -33.21 -31.16 -16.57
C ASN A 288 -33.51 -31.11 -18.08
N ASN A 289 -34.58 -31.81 -18.46
CA ASN A 289 -34.98 -31.91 -19.86
C ASN A 289 -35.19 -30.54 -20.49
N ALA A 290 -35.95 -29.68 -19.81
CA ALA A 290 -36.21 -28.34 -20.30
C ALA A 290 -34.92 -27.55 -20.46
N ASN A 291 -33.93 -27.82 -19.61
CA ASN A 291 -32.62 -27.23 -19.81
C ASN A 291 -31.92 -27.87 -21.00
N ILE A 292 -31.88 -29.20 -21.04
CA ILE A 292 -30.92 -29.89 -21.90
C ILE A 292 -31.30 -29.77 -23.36
N ARG A 293 -32.56 -30.03 -23.69
CA ARG A 293 -32.91 -30.09 -25.11
C ARG A 293 -32.76 -28.77 -25.86
N PRO A 294 -33.16 -27.62 -25.31
CA PRO A 294 -32.86 -26.34 -25.97
C PRO A 294 -31.39 -25.95 -26.00
N ASN A 295 -30.63 -26.30 -24.96
CA ASN A 295 -29.22 -25.93 -24.93
C ASN A 295 -28.40 -26.54 -26.05
N ILE A 296 -28.72 -27.76 -26.47
CA ILE A 296 -28.05 -28.33 -27.64
C ILE A 296 -28.29 -27.46 -28.87
N GLU A 297 -29.52 -27.02 -29.08
CA GLU A 297 -29.79 -26.16 -30.21
C GLU A 297 -29.10 -24.81 -30.08
N LEU A 298 -28.97 -24.31 -28.85
CA LEU A 298 -28.22 -23.08 -28.65
C LEU A 298 -26.78 -23.25 -29.07
N PHE A 299 -26.14 -24.32 -28.59
CA PHE A 299 -24.74 -24.57 -28.88
C PHE A 299 -24.52 -24.75 -30.38
N TYR A 300 -25.36 -25.57 -31.01
CA TYR A 300 -25.19 -25.79 -32.45
C TYR A 300 -25.38 -24.51 -33.25
N TYR A 301 -26.50 -23.81 -33.06
CA TYR A 301 -26.80 -22.70 -33.94
C TYR A 301 -25.91 -21.50 -33.71
N MET A 302 -25.65 -21.14 -32.45
CA MET A 302 -24.83 -19.94 -32.22
C MET A 302 -23.34 -20.16 -32.51
N THR A 303 -22.74 -21.20 -31.94
CA THR A 303 -21.30 -21.39 -32.16
C THR A 303 -20.91 -22.03 -33.50
N ILE A 304 -21.43 -23.21 -33.79
CA ILE A 304 -20.91 -23.98 -34.94
C ILE A 304 -21.37 -23.41 -36.28
N ILE A 305 -22.64 -23.08 -36.42
CA ILE A 305 -23.18 -22.72 -37.73
C ILE A 305 -22.54 -21.46 -38.30
N PRO A 306 -22.19 -20.44 -37.52
CA PRO A 306 -21.38 -19.35 -38.11
C PRO A 306 -20.03 -19.78 -38.66
N MET A 307 -19.35 -20.71 -37.99
CA MET A 307 -18.10 -21.23 -38.53
C MET A 307 -18.33 -21.90 -39.88
N LEU A 308 -19.30 -22.81 -39.92
CA LEU A 308 -19.56 -23.49 -41.19
C LEU A 308 -20.06 -22.52 -42.24
N ASN A 309 -20.76 -21.46 -41.86
CA ASN A 309 -21.13 -20.45 -42.84
C ASN A 309 -19.92 -19.71 -43.40
N LYS A 310 -18.89 -19.48 -42.58
CA LYS A 310 -17.65 -18.92 -43.11
C LYS A 310 -17.05 -19.85 -44.15
N LEU A 311 -17.00 -21.13 -43.83
CA LEU A 311 -16.38 -22.08 -44.74
C LEU A 311 -17.20 -22.20 -46.02
N THR A 312 -18.50 -22.41 -45.91
CA THR A 312 -19.33 -22.61 -47.08
C THR A 312 -19.39 -21.37 -47.96
N SER A 313 -19.44 -20.17 -47.36
CA SER A 313 -19.35 -18.97 -48.17
C SER A 313 -18.03 -18.87 -48.94
N SER A 314 -16.94 -19.36 -48.36
CA SER A 314 -15.70 -19.39 -49.14
C SER A 314 -15.75 -20.43 -50.27
N LEU A 315 -16.37 -21.58 -50.01
CA LEU A 315 -16.49 -22.56 -51.09
C LEU A 315 -17.46 -22.12 -52.19
N THR A 316 -18.55 -21.45 -51.83
CA THR A 316 -19.44 -20.95 -52.87
C THR A 316 -18.77 -19.85 -53.68
N PHE A 317 -17.94 -19.02 -53.04
CA PHE A 317 -17.15 -18.07 -53.81
C PHE A 317 -16.21 -18.77 -54.78
N PHE A 318 -15.54 -19.83 -54.33
CA PHE A 318 -14.55 -20.47 -55.19
C PHE A 318 -15.19 -21.27 -56.32
N PHE A 319 -16.08 -22.20 -56.01
CA PHE A 319 -16.76 -22.99 -57.04
C PHE A 319 -17.87 -22.26 -57.77
N GLY A 320 -18.57 -21.35 -57.11
CA GLY A 320 -19.71 -20.70 -57.71
C GLY A 320 -21.04 -21.40 -57.51
N TYR A 321 -21.04 -22.67 -57.11
CA TYR A 321 -22.29 -23.30 -56.72
C TYR A 321 -22.79 -22.72 -55.41
N LYS A 322 -24.11 -22.73 -55.24
CA LYS A 322 -24.68 -22.61 -53.91
C LYS A 322 -24.25 -23.80 -53.06
N ILE A 323 -23.70 -23.53 -51.88
CA ILE A 323 -23.25 -24.56 -50.96
C ILE A 323 -23.67 -24.19 -49.55
N THR A 324 -24.25 -25.14 -48.81
CA THR A 324 -24.69 -24.79 -47.47
C THR A 324 -24.74 -26.06 -46.64
N PRO A 325 -24.56 -25.97 -45.32
CA PRO A 325 -24.50 -27.20 -44.52
C PRO A 325 -25.85 -27.69 -44.05
N ASN A 326 -26.01 -29.01 -44.07
CA ASN A 326 -27.19 -29.68 -43.57
C ASN A 326 -26.87 -30.36 -42.25
N THR A 327 -27.66 -30.02 -41.23
CA THR A 327 -27.59 -30.58 -39.89
C THR A 327 -28.39 -31.86 -39.72
N LYS A 328 -29.34 -32.13 -40.62
CA LYS A 328 -30.38 -33.11 -40.32
C LYS A 328 -29.87 -34.55 -40.27
N GLU A 329 -28.62 -34.78 -40.65
CA GLU A 329 -27.97 -36.04 -40.29
C GLU A 329 -27.60 -36.13 -38.81
N VAL A 330 -27.45 -35.00 -38.12
CA VAL A 330 -26.91 -35.01 -36.77
C VAL A 330 -27.93 -35.64 -35.82
N ALA A 331 -27.53 -36.75 -35.19
CA ALA A 331 -28.41 -37.47 -34.29
C ALA A 331 -28.79 -36.65 -33.08
N ALA A 332 -27.90 -35.76 -32.64
CA ALA A 332 -28.20 -34.89 -31.49
C ALA A 332 -29.37 -33.97 -31.79
N LEU A 333 -29.38 -33.33 -32.95
CA LEU A 333 -30.45 -32.39 -33.28
C LEU A 333 -31.76 -33.07 -33.61
N THR A 334 -31.73 -34.26 -34.19
CA THR A 334 -32.88 -34.81 -34.92
C THR A 334 -34.17 -34.70 -34.12
N PRO A 335 -35.21 -34.09 -34.68
CA PRO A 335 -36.37 -33.64 -33.89
C PRO A 335 -37.17 -34.80 -33.32
N ASP A 336 -38.11 -34.44 -32.45
CA ASP A 336 -38.93 -35.43 -31.76
C ASP A 336 -39.89 -36.09 -32.74
N LYS A 337 -39.97 -37.42 -32.65
CA LYS A 337 -40.86 -38.21 -33.50
C LYS A 337 -42.33 -37.80 -33.42
N GLU A 338 -42.79 -37.31 -32.27
CA GLU A 338 -44.17 -36.86 -32.18
C GLU A 338 -44.43 -35.57 -32.96
N ALA A 339 -43.69 -34.51 -32.68
CA ALA A 339 -44.01 -33.21 -33.28
C ALA A 339 -43.95 -33.30 -34.80
N GLU A 340 -42.88 -33.89 -35.32
CA GLU A 340 -42.65 -33.97 -36.75
C GLU A 340 -43.80 -34.66 -37.48
N ALA A 341 -44.39 -35.66 -36.86
CA ALA A 341 -45.51 -36.36 -37.49
C ALA A 341 -46.74 -35.48 -37.61
N LYS A 342 -47.01 -34.65 -36.60
CA LYS A 342 -48.21 -33.82 -36.65
C LYS A 342 -48.01 -32.63 -37.58
N HIS A 343 -46.81 -32.08 -37.57
CA HIS A 343 -46.40 -31.10 -38.57
C HIS A 343 -46.61 -31.62 -39.99
N LEU A 344 -45.97 -32.73 -40.33
CA LEU A 344 -46.04 -33.24 -41.69
C LEU A 344 -47.45 -33.65 -42.06
N THR A 345 -48.12 -34.40 -41.19
CA THR A 345 -49.47 -34.84 -41.48
C THR A 345 -50.40 -33.66 -41.76
N SER A 346 -50.36 -32.63 -40.90
CA SER A 346 -51.27 -31.51 -41.08
C SER A 346 -50.98 -30.77 -42.36
N LEU A 347 -49.70 -30.59 -42.70
CA LEU A 347 -49.38 -29.94 -43.97
C LEU A 347 -49.79 -30.77 -45.17
N VAL A 348 -49.67 -32.10 -45.07
CA VAL A 348 -50.02 -32.98 -46.19
C VAL A 348 -51.52 -33.03 -46.43
N ASN A 349 -52.30 -33.26 -45.38
CA ASN A 349 -53.74 -33.34 -45.51
C ASN A 349 -54.38 -32.04 -45.97
N ASN A 350 -53.84 -30.90 -45.57
CA ASN A 350 -54.42 -29.64 -46.00
C ASN A 350 -53.93 -29.20 -47.37
N GLY A 351 -53.27 -30.08 -48.12
CA GLY A 351 -52.93 -29.78 -49.49
C GLY A 351 -51.93 -28.67 -49.69
N ILE A 352 -51.03 -28.48 -48.73
CA ILE A 352 -49.91 -27.57 -48.93
C ILE A 352 -48.70 -28.31 -49.49
N MET A 353 -48.48 -29.55 -49.07
CA MET A 353 -47.27 -30.29 -49.41
C MET A 353 -47.63 -31.66 -49.96
N THR A 354 -46.95 -32.06 -51.02
CA THR A 354 -47.18 -33.36 -51.61
C THR A 354 -46.60 -34.47 -50.74
N GLY A 355 -47.15 -35.67 -50.93
CA GLY A 355 -46.76 -36.81 -50.12
C GLY A 355 -45.28 -37.14 -50.20
N ASN A 356 -44.75 -37.22 -51.43
CA ASN A 356 -43.35 -37.60 -51.56
C ASN A 356 -42.42 -36.58 -50.93
N GLU A 357 -42.81 -35.32 -50.86
CA GLU A 357 -41.99 -34.35 -50.15
C GLU A 357 -41.86 -34.71 -48.68
N ALA A 358 -42.95 -35.22 -48.09
CA ALA A 358 -42.89 -35.72 -46.72
C ALA A 358 -42.03 -36.97 -46.61
N ARG A 359 -42.18 -37.91 -47.55
CA ARG A 359 -41.32 -39.08 -47.53
C ARG A 359 -39.85 -38.67 -47.56
N LEU A 360 -39.53 -37.72 -48.44
CA LEU A 360 -38.17 -37.19 -48.52
C LEU A 360 -37.72 -36.64 -47.18
N GLU A 361 -38.56 -35.81 -46.54
CA GLU A 361 -38.15 -35.23 -45.27
C GLU A 361 -37.99 -36.29 -44.18
N LEU A 362 -38.70 -37.40 -44.29
CA LEU A 362 -38.49 -38.56 -43.44
C LEU A 362 -37.40 -39.49 -43.94
N ASN A 363 -36.57 -39.04 -44.89
CA ASN A 363 -35.47 -39.82 -45.44
C ASN A 363 -35.94 -41.00 -46.28
N LEU A 364 -37.23 -41.05 -46.62
CA LEU A 364 -37.76 -42.18 -47.38
C LEU A 364 -37.67 -41.87 -48.87
N GLU A 365 -37.47 -42.94 -49.65
CA GLU A 365 -37.49 -42.81 -51.09
C GLU A 365 -38.88 -42.39 -51.58
N PRO A 366 -38.95 -41.47 -52.54
CA PRO A 366 -40.25 -41.15 -53.16
C PRO A 366 -40.90 -42.39 -53.75
N LEU A 367 -42.22 -42.45 -53.65
CA LEU A 367 -43.01 -43.53 -54.21
C LEU A 367 -43.68 -43.06 -55.50
N ASP A 368 -43.62 -43.90 -56.53
CA ASP A 368 -43.89 -43.47 -57.89
C ASP A 368 -45.38 -43.41 -58.22
N ASP A 369 -46.25 -43.79 -57.28
CA ASP A 369 -47.69 -43.62 -57.49
C ASP A 369 -48.04 -42.14 -57.66
N GLU A 370 -48.55 -41.80 -58.84
CA GLU A 370 -48.75 -40.42 -59.24
C GLU A 370 -49.43 -39.59 -58.15
N GLN A 371 -50.47 -40.15 -57.52
CA GLN A 371 -51.18 -39.45 -56.45
C GLN A 371 -50.25 -38.94 -55.36
N MET A 372 -49.14 -39.64 -55.11
CA MET A 372 -48.19 -39.23 -54.09
C MET A 372 -47.48 -37.92 -54.44
N ASN A 373 -47.52 -37.52 -55.71
CA ASN A 373 -47.06 -36.21 -56.16
C ASN A 373 -48.20 -35.29 -56.53
N ARG A 374 -49.39 -35.51 -55.96
CA ARG A 374 -50.51 -34.61 -56.16
C ARG A 374 -50.85 -33.94 -54.84
N ILE A 375 -51.28 -32.70 -54.93
CA ILE A 375 -51.94 -32.02 -53.82
C ILE A 375 -53.38 -32.51 -53.70
N ARG A 376 -53.82 -32.71 -52.47
CA ARG A 376 -55.20 -33.04 -52.16
C ARG A 376 -55.86 -31.82 -51.55
N ILE A 377 -56.92 -31.32 -52.19
CA ILE A 377 -57.47 -30.03 -51.79
C ILE A 377 -58.16 -30.11 -50.44
N PRO A 378 -59.07 -31.07 -50.20
CA PRO A 378 -59.92 -30.90 -49.02
C PRO A 378 -59.15 -30.99 -47.70
N LEU B 11 -31.31 26.30 -50.05
CA LEU B 11 -30.76 25.08 -49.47
C LEU B 11 -30.96 25.07 -47.96
N ASN B 12 -29.97 25.57 -47.24
CA ASN B 12 -30.09 25.76 -45.79
C ASN B 12 -29.16 26.91 -45.43
N PRO B 13 -29.72 28.08 -45.17
CA PRO B 13 -28.87 29.26 -44.89
C PRO B 13 -27.87 29.03 -43.78
N GLY B 14 -28.19 28.21 -42.80
CA GLY B 14 -27.29 27.99 -41.68
C GLY B 14 -26.08 27.16 -42.02
N GLN B 15 -26.02 26.57 -43.20
CA GLN B 15 -25.01 25.54 -43.47
C GLN B 15 -23.62 26.13 -43.35
N ARG B 16 -23.41 27.32 -43.89
CA ARG B 16 -22.13 28.01 -43.83
C ARG B 16 -21.66 28.16 -42.40
N ILE B 17 -22.58 28.23 -41.45
CA ILE B 17 -22.22 28.31 -40.05
C ILE B 17 -21.98 26.93 -39.47
N ILE B 18 -22.90 26.00 -39.74
CA ILE B 18 -22.72 24.64 -39.26
C ILE B 18 -21.40 24.08 -39.74
N ARG B 19 -21.04 24.37 -40.99
CA ARG B 19 -19.78 23.93 -41.55
C ARG B 19 -18.60 24.29 -40.64
N ASP B 20 -18.63 25.48 -40.05
CA ASP B 20 -17.53 25.91 -39.21
C ASP B 20 -17.55 25.30 -37.81
N MET B 21 -18.64 24.66 -37.41
CA MET B 21 -18.68 24.01 -36.11
C MET B 21 -17.88 22.72 -36.10
N GLU B 22 -17.73 22.08 -37.25
CA GLU B 22 -16.98 20.84 -37.37
C GLU B 22 -16.56 20.64 -38.82
N PRO B 23 -15.57 21.40 -39.28
CA PRO B 23 -15.27 21.43 -40.72
C PRO B 23 -14.70 20.12 -41.23
N VAL B 24 -14.08 19.33 -40.37
CA VAL B 24 -13.53 18.03 -40.75
C VAL B 24 -13.77 17.05 -39.62
N SER B 25 -14.10 15.81 -39.98
CA SER B 25 -14.30 14.77 -38.99
C SER B 25 -13.02 14.54 -38.19
N HIS B 26 -13.21 14.01 -36.98
CA HIS B 26 -12.09 13.49 -36.21
C HIS B 26 -12.44 12.14 -35.61
N ARG B 27 -11.40 11.32 -35.46
CA ARG B 27 -11.54 9.97 -34.93
C ARG B 27 -12.05 10.01 -33.49
N THR B 28 -12.65 8.90 -33.07
CA THR B 28 -13.02 8.73 -31.66
C THR B 28 -12.42 7.51 -31.00
N ASN B 29 -11.98 6.50 -31.75
CA ASN B 29 -11.28 5.37 -31.18
C ASN B 29 -9.83 5.73 -30.82
N ARG B 30 -9.70 6.57 -29.81
CA ARG B 30 -8.40 6.66 -29.15
C ARG B 30 -8.05 5.32 -28.51
N LYS B 31 -6.81 5.22 -28.03
CA LYS B 31 -6.24 3.98 -27.52
C LYS B 31 -6.29 2.80 -28.48
N PRO B 32 -5.97 2.97 -29.77
CA PRO B 32 -6.14 1.85 -30.70
C PRO B 32 -5.26 0.66 -30.37
N PHE B 33 -4.02 0.90 -29.92
CA PHE B 33 -3.13 -0.19 -29.58
C PHE B 33 -3.67 -1.01 -28.41
N THR B 34 -4.01 -0.35 -27.30
CA THR B 34 -4.47 -1.11 -26.15
C THR B 34 -5.78 -1.80 -26.43
N THR B 35 -6.61 -1.24 -27.31
CA THR B 35 -7.81 -1.94 -27.74
C THR B 35 -7.49 -3.22 -28.49
N GLY B 36 -6.51 -3.18 -29.39
CA GLY B 36 -6.11 -4.39 -30.09
C GLY B 36 -5.44 -5.42 -29.19
N GLN B 37 -4.68 -4.96 -28.20
CA GLN B 37 -4.21 -5.86 -27.15
C GLN B 37 -5.37 -6.51 -26.41
N ALA B 38 -6.33 -5.71 -25.97
CA ALA B 38 -7.45 -6.25 -25.19
C ALA B 38 -8.20 -7.30 -25.99
N TYR B 39 -8.59 -6.96 -27.22
CA TYR B 39 -9.28 -7.93 -28.05
C TYR B 39 -8.45 -9.18 -28.29
N SER B 40 -7.12 -9.03 -28.39
CA SER B 40 -6.27 -10.18 -28.62
C SER B 40 -6.01 -11.00 -27.37
N LYS B 41 -6.30 -10.48 -26.18
CA LYS B 41 -5.86 -11.13 -24.95
C LYS B 41 -6.95 -11.35 -23.91
N ILE B 42 -8.04 -10.60 -23.92
CA ILE B 42 -9.05 -10.70 -22.88
C ILE B 42 -10.26 -11.45 -23.43
N GLU B 43 -10.63 -12.52 -22.74
CA GLU B 43 -11.56 -13.51 -23.28
C GLU B 43 -12.94 -12.95 -23.52
N ILE B 44 -13.54 -12.32 -22.50
CA ILE B 44 -14.94 -11.92 -22.59
C ILE B 44 -15.18 -10.87 -23.67
N LEU B 45 -14.19 -10.02 -23.95
CA LEU B 45 -14.29 -9.13 -25.09
C LEU B 45 -14.26 -9.90 -26.40
N ASN B 46 -13.34 -10.86 -26.51
CA ASN B 46 -13.21 -11.62 -27.75
C ASN B 46 -14.49 -12.38 -28.04
N ARG B 47 -15.03 -13.07 -27.04
CA ARG B 47 -16.25 -13.84 -27.24
C ARG B 47 -17.43 -12.95 -27.62
N THR B 48 -17.67 -11.88 -26.86
CA THR B 48 -18.86 -11.08 -27.14
C THR B 48 -18.78 -10.38 -28.49
N ALA B 49 -17.60 -9.86 -28.84
CA ALA B 49 -17.41 -9.29 -30.17
C ALA B 49 -17.59 -10.32 -31.27
N ASN B 50 -17.01 -11.51 -31.10
CA ASN B 50 -17.18 -12.52 -32.14
C ASN B 50 -18.65 -12.94 -32.26
N MET B 51 -19.37 -13.02 -31.15
CA MET B 51 -20.79 -13.35 -31.24
C MET B 51 -21.57 -12.31 -32.02
N VAL B 52 -21.29 -11.04 -31.79
CA VAL B 52 -22.01 -9.99 -32.52
C VAL B 52 -21.66 -10.01 -34.00
N ILE B 53 -20.37 -10.00 -34.32
CA ILE B 53 -19.95 -10.01 -35.73
C ILE B 53 -20.51 -11.23 -36.46
N ASP B 54 -20.25 -12.42 -35.92
CA ASP B 54 -20.68 -13.65 -36.57
C ASP B 54 -22.18 -13.77 -36.66
N SER B 55 -22.93 -13.14 -35.75
CA SER B 55 -24.37 -13.19 -35.86
C SER B 55 -24.89 -12.23 -36.90
N ALA B 56 -24.34 -11.02 -36.96
CA ALA B 56 -24.83 -10.04 -37.91
C ALA B 56 -24.47 -10.41 -39.34
N ALA B 57 -23.31 -11.03 -39.55
CA ALA B 57 -22.87 -11.34 -40.91
C ALA B 57 -23.80 -12.28 -41.67
N GLU B 58 -24.61 -13.08 -40.99
CA GLU B 58 -25.43 -14.10 -41.65
C GLU B 58 -26.88 -13.71 -41.91
N CYS B 59 -27.24 -12.42 -41.78
CA CYS B 59 -28.55 -11.95 -42.25
C CYS B 59 -28.56 -11.77 -43.76
N SER B 60 -29.53 -12.40 -44.42
CA SER B 60 -29.73 -12.12 -45.85
C SER B 60 -30.35 -10.75 -46.07
N TYR B 61 -30.18 -10.21 -47.28
CA TYR B 61 -30.82 -8.95 -47.66
C TYR B 61 -31.84 -9.22 -48.74
N THR B 62 -33.04 -8.65 -48.60
CA THR B 62 -34.02 -8.67 -49.66
C THR B 62 -34.11 -7.30 -50.32
N VAL B 63 -34.20 -7.31 -51.65
CA VAL B 63 -34.35 -6.12 -52.48
C VAL B 63 -35.80 -5.99 -52.92
N GLY B 64 -36.41 -4.86 -52.62
CA GLY B 64 -37.84 -4.67 -52.81
C GLY B 64 -38.17 -3.99 -54.12
N ASP B 65 -39.20 -3.14 -54.08
CA ASP B 65 -39.60 -2.26 -55.18
C ASP B 65 -38.66 -1.07 -55.31
N LYS B 66 -38.81 -0.35 -56.42
CA LYS B 66 -37.99 0.79 -56.76
C LYS B 66 -38.82 2.06 -56.66
N TYR B 67 -38.34 3.00 -55.85
CA TYR B 67 -38.87 4.35 -55.84
C TYR B 67 -38.45 5.09 -57.09
N ASN B 68 -39.29 6.04 -57.51
CA ASN B 68 -39.07 6.76 -58.76
C ASN B 68 -38.03 7.87 -58.63
N ILE B 69 -37.65 8.24 -57.42
CA ILE B 69 -36.74 9.35 -57.22
C ILE B 69 -35.36 9.03 -57.84
N VAL B 70 -34.69 10.07 -58.33
CA VAL B 70 -33.34 9.95 -58.87
C VAL B 70 -32.32 9.91 -57.75
N THR B 71 -31.17 9.31 -58.03
CA THR B 71 -30.14 9.09 -57.02
C THR B 71 -28.78 8.98 -57.72
N TYR B 72 -27.76 8.67 -56.93
CA TYR B 72 -26.40 8.51 -57.47
C TYR B 72 -26.27 7.25 -58.32
N ALA B 73 -26.53 6.09 -57.73
CA ALA B 73 -26.25 4.80 -58.37
C ALA B 73 -27.34 4.42 -59.37
N ASN B 74 -27.56 5.32 -60.32
CA ASN B 74 -28.73 5.28 -61.18
C ASN B 74 -28.77 4.01 -62.03
N GLY B 75 -29.98 3.52 -62.28
CA GLY B 75 -30.25 2.60 -63.36
C GLY B 75 -29.73 1.18 -63.21
N VAL B 76 -29.29 0.78 -62.02
CA VAL B 76 -28.76 -0.57 -61.84
C VAL B 76 -29.92 -1.57 -61.84
N LYS B 77 -29.83 -2.58 -62.68
CA LYS B 77 -30.87 -3.61 -62.71
C LYS B 77 -30.89 -4.41 -61.42
N THR B 78 -32.11 -4.74 -60.97
CA THR B 78 -32.30 -5.38 -59.68
C THR B 78 -31.50 -6.69 -59.55
N LYS B 79 -31.52 -7.53 -60.57
CA LYS B 79 -30.76 -8.78 -60.52
C LYS B 79 -29.29 -8.57 -60.24
N THR B 80 -28.69 -7.50 -60.76
CA THR B 80 -27.29 -7.23 -60.45
C THR B 80 -27.14 -6.86 -58.99
N LEU B 81 -27.97 -5.95 -58.50
CA LEU B 81 -27.83 -5.49 -57.14
C LEU B 81 -28.00 -6.66 -56.17
N ASP B 82 -29.01 -7.49 -56.43
CA ASP B 82 -29.21 -8.70 -55.64
C ASP B 82 -27.98 -9.59 -55.65
N THR B 83 -27.40 -9.84 -56.82
CA THR B 83 -26.22 -10.69 -56.89
C THR B 83 -25.04 -10.10 -56.15
N LEU B 84 -24.89 -8.78 -56.19
CA LEU B 84 -23.80 -8.13 -55.46
C LEU B 84 -24.00 -8.19 -53.96
N LEU B 85 -25.21 -7.92 -53.48
CA LEU B 85 -25.46 -7.93 -52.04
C LEU B 85 -25.45 -9.34 -51.45
N ASN B 86 -26.20 -10.25 -52.05
CA ASN B 86 -26.32 -11.61 -51.55
C ASN B 86 -25.18 -12.55 -51.92
N VAL B 87 -24.52 -12.41 -53.07
CA VAL B 87 -23.69 -13.47 -53.61
C VAL B 87 -22.21 -13.07 -53.72
N ARG B 88 -21.92 -11.96 -54.37
CA ARG B 88 -20.53 -11.65 -54.71
C ARG B 88 -20.29 -10.15 -54.79
N PRO B 89 -19.70 -9.55 -53.75
CA PRO B 89 -19.51 -8.10 -53.77
C PRO B 89 -18.56 -7.63 -54.85
N ASN B 90 -17.51 -8.39 -55.14
CA ASN B 90 -16.55 -7.99 -56.16
C ASN B 90 -15.83 -9.24 -56.63
N PRO B 91 -15.06 -9.15 -57.71
CA PRO B 91 -14.46 -10.37 -58.28
C PRO B 91 -13.49 -11.10 -57.35
N PHE B 92 -13.03 -10.48 -56.26
CA PHE B 92 -11.91 -11.04 -55.50
C PHE B 92 -12.21 -11.41 -54.06
N MET B 93 -13.28 -10.91 -53.47
CA MET B 93 -13.55 -11.08 -52.05
C MET B 93 -14.93 -11.70 -51.88
N ASP B 94 -15.09 -12.59 -50.90
CA ASP B 94 -16.37 -13.24 -50.74
C ASP B 94 -17.38 -12.24 -50.17
N ILE B 95 -18.62 -12.71 -49.97
CA ILE B 95 -19.63 -11.93 -49.26
C ILE B 95 -19.43 -11.93 -47.75
N SER B 96 -19.08 -13.07 -47.17
CA SER B 96 -18.97 -13.13 -45.72
C SER B 96 -17.80 -12.32 -45.20
N THR B 97 -16.64 -12.41 -45.85
CA THR B 97 -15.51 -11.60 -45.44
C THR B 97 -15.81 -10.12 -45.57
N PHE B 98 -16.47 -9.73 -46.66
CA PHE B 98 -16.87 -8.34 -46.85
C PHE B 98 -17.79 -7.86 -45.73
N ARG B 99 -18.84 -8.63 -45.43
CA ARG B 99 -19.74 -8.24 -44.36
C ARG B 99 -19.03 -8.14 -43.03
N ARG B 100 -18.23 -9.14 -42.68
CA ARG B 100 -17.53 -9.08 -41.39
C ARG B 100 -16.58 -7.90 -41.30
N LEU B 101 -15.88 -7.58 -42.38
CA LEU B 101 -15.05 -6.38 -42.38
C LEU B 101 -15.87 -5.11 -42.14
N VAL B 102 -16.98 -4.97 -42.85
CA VAL B 102 -17.81 -3.78 -42.68
C VAL B 102 -18.35 -3.66 -41.27
N VAL B 103 -18.82 -4.77 -40.70
CA VAL B 103 -19.35 -4.73 -39.34
C VAL B 103 -18.25 -4.51 -38.31
N THR B 104 -17.06 -5.04 -38.55
CA THR B 104 -15.93 -4.72 -37.69
C THR B 104 -15.66 -3.24 -37.68
N ASP B 105 -15.55 -2.61 -38.85
CA ASP B 105 -15.30 -1.18 -38.88
C ASP B 105 -16.43 -0.41 -38.20
N LEU B 106 -17.68 -0.75 -38.52
CA LEU B 106 -18.81 -0.05 -37.94
C LEU B 106 -18.84 -0.15 -36.42
N LEU B 107 -18.49 -1.31 -35.87
CA LEU B 107 -18.46 -1.44 -34.41
C LEU B 107 -17.25 -0.76 -33.79
N PHE B 108 -16.05 -1.07 -34.25
CA PHE B 108 -14.86 -0.60 -33.54
C PHE B 108 -14.58 0.88 -33.78
N GLU B 109 -14.49 1.30 -35.03
CA GLU B 109 -14.26 2.71 -35.32
C GLU B 109 -15.52 3.56 -35.14
N GLY B 110 -16.69 3.02 -35.46
CA GLY B 110 -17.91 3.80 -35.45
C GLY B 110 -18.34 4.30 -36.81
N CYS B 111 -17.61 3.97 -37.87
CA CYS B 111 -17.94 4.41 -39.21
C CYS B 111 -17.67 3.26 -40.18
N ALA B 112 -18.29 3.33 -41.34
CA ALA B 112 -17.93 2.42 -42.41
C ALA B 112 -18.07 3.09 -43.76
N TYR B 113 -17.16 2.75 -44.68
CA TYR B 113 -17.16 3.34 -46.01
C TYR B 113 -17.04 2.24 -47.05
N ILE B 114 -17.78 2.39 -48.15
CA ILE B 114 -17.74 1.43 -49.24
C ILE B 114 -17.60 2.16 -50.55
N TYR B 115 -16.58 1.82 -51.32
CA TYR B 115 -16.47 2.37 -52.67
C TYR B 115 -17.44 1.64 -53.57
N TRP B 116 -17.82 2.31 -54.67
CA TRP B 116 -18.60 1.72 -55.74
C TRP B 116 -17.97 2.08 -57.07
N ASP B 117 -17.93 1.11 -57.99
CA ASP B 117 -17.17 1.24 -59.21
C ASP B 117 -17.94 0.60 -60.37
N GLY B 118 -19.11 1.16 -60.67
CA GLY B 118 -19.94 0.67 -61.74
C GLY B 118 -20.59 -0.66 -61.38
N THR B 119 -19.79 -1.69 -61.19
CA THR B 119 -20.28 -3.02 -60.85
C THR B 119 -19.34 -3.66 -59.85
N SER B 120 -19.03 -2.93 -58.78
CA SER B 120 -18.21 -3.48 -57.72
C SER B 120 -18.39 -2.64 -56.46
N LEU B 121 -18.47 -3.31 -55.32
CA LEU B 121 -18.40 -2.67 -54.02
C LEU B 121 -17.12 -3.12 -53.30
N TYR B 122 -16.37 -2.16 -52.77
CA TYR B 122 -15.14 -2.47 -52.06
C TYR B 122 -15.15 -1.84 -50.67
N HIS B 123 -14.87 -2.63 -49.65
CA HIS B 123 -14.69 -2.07 -48.32
C HIS B 123 -13.47 -1.15 -48.28
N VAL B 124 -13.60 0.00 -47.62
CA VAL B 124 -12.50 0.93 -47.48
C VAL B 124 -12.23 1.19 -45.99
N PRO B 125 -11.00 0.98 -45.51
CA PRO B 125 -10.77 0.96 -44.07
C PRO B 125 -11.14 2.28 -43.40
N ALA B 126 -11.97 2.18 -42.38
CA ALA B 126 -12.51 3.36 -41.70
C ALA B 126 -11.45 4.16 -40.94
N ALA B 127 -10.38 3.51 -40.48
CA ALA B 127 -9.34 4.25 -39.78
C ALA B 127 -8.57 5.23 -40.65
N LEU B 128 -8.62 5.09 -41.97
CA LEU B 128 -7.86 5.95 -42.86
C LEU B 128 -8.70 6.98 -43.59
N MET B 129 -10.02 6.84 -43.59
CA MET B 129 -10.88 7.83 -44.21
C MET B 129 -11.04 9.06 -43.33
N GLN B 130 -11.40 10.17 -43.98
CA GLN B 130 -11.77 11.39 -43.28
C GLN B 130 -12.84 12.09 -44.11
N VAL B 131 -13.76 12.75 -43.41
CA VAL B 131 -14.92 13.40 -44.04
C VAL B 131 -14.76 14.91 -43.94
N GLU B 132 -14.90 15.59 -45.08
CA GLU B 132 -14.81 17.04 -45.11
C GLU B 132 -16.17 17.65 -45.42
N ALA B 133 -16.60 18.57 -44.57
CA ALA B 133 -17.94 19.15 -44.66
C ALA B 133 -18.02 20.13 -45.83
N ASP B 134 -19.13 20.12 -46.54
CA ASP B 134 -19.35 21.14 -47.55
C ASP B 134 -19.99 22.38 -46.93
N ALA B 135 -19.78 23.52 -47.60
CA ALA B 135 -20.39 24.77 -47.15
C ALA B 135 -21.85 24.94 -47.55
N ASN B 136 -22.35 24.16 -48.50
CA ASN B 136 -23.71 24.35 -48.97
C ASN B 136 -24.48 23.04 -48.94
N LYS B 137 -23.86 21.98 -49.45
CA LYS B 137 -24.43 20.65 -49.42
C LYS B 137 -24.05 19.99 -48.10
N PHE B 138 -24.26 18.68 -48.00
CA PHE B 138 -23.87 18.00 -46.76
C PHE B 138 -22.36 17.77 -46.71
N ILE B 139 -21.82 16.99 -47.62
CA ILE B 139 -20.42 16.56 -47.56
C ILE B 139 -19.73 16.90 -48.87
N LYS B 140 -18.52 17.47 -48.77
CA LYS B 140 -17.81 17.94 -49.96
C LYS B 140 -17.03 16.82 -50.64
N LYS B 141 -16.16 16.14 -49.90
CA LYS B 141 -15.36 15.04 -50.43
C LYS B 141 -14.89 14.20 -49.26
N PHE B 142 -14.52 12.96 -49.55
CA PHE B 142 -13.90 12.10 -48.56
C PHE B 142 -12.41 11.98 -48.83
N ILE B 143 -11.60 12.16 -47.80
CA ILE B 143 -10.15 12.11 -47.93
C ILE B 143 -9.66 10.81 -47.30
N PHE B 144 -8.90 10.05 -48.09
CA PHE B 144 -8.26 8.83 -47.65
C PHE B 144 -6.77 9.04 -47.46
N ASN B 145 -6.31 8.79 -46.24
CA ASN B 145 -4.89 8.86 -45.86
C ASN B 145 -4.23 10.16 -46.28
N ASN B 146 -5.00 11.24 -46.37
CA ASN B 146 -4.56 12.52 -46.91
C ASN B 146 -3.98 12.40 -48.31
N GLN B 147 -4.18 11.26 -48.97
CA GLN B 147 -3.49 10.97 -50.20
C GLN B 147 -4.37 10.73 -51.40
N ILE B 148 -5.65 10.41 -51.22
CA ILE B 148 -6.58 10.47 -52.33
C ILE B 148 -7.94 10.97 -51.89
N ASN B 149 -8.60 11.74 -52.75
CA ASN B 149 -9.94 12.24 -52.50
C ASN B 149 -10.97 11.47 -53.32
N TYR B 150 -11.94 10.87 -52.63
CA TYR B 150 -13.10 10.28 -53.26
C TYR B 150 -14.23 11.30 -53.39
N ARG B 151 -14.80 11.36 -54.58
CA ARG B 151 -15.98 12.14 -54.87
C ARG B 151 -17.19 11.60 -54.11
N VAL B 152 -18.10 12.49 -53.77
CA VAL B 152 -19.20 12.15 -52.88
C VAL B 152 -20.11 11.08 -53.47
N ASP B 153 -20.39 11.14 -54.77
CA ASP B 153 -21.27 10.15 -55.35
C ASP B 153 -20.59 8.81 -55.63
N GLU B 154 -19.42 8.58 -55.06
CA GLU B 154 -18.71 7.32 -55.22
C GLU B 154 -18.46 6.61 -53.90
N ILE B 155 -19.06 7.06 -52.81
CA ILE B 155 -18.90 6.41 -51.52
C ILE B 155 -20.27 6.18 -50.90
N ILE B 156 -20.41 5.04 -50.24
CA ILE B 156 -21.52 4.76 -49.34
C ILE B 156 -20.99 4.90 -47.92
N PHE B 157 -21.65 5.73 -47.13
CA PHE B 157 -21.18 6.14 -45.81
C PHE B 157 -22.17 5.75 -44.74
N ILE B 158 -21.66 5.15 -43.66
CA ILE B 158 -22.47 4.76 -42.52
C ILE B 158 -21.81 5.29 -41.26
N LYS B 159 -22.60 5.83 -40.34
CA LYS B 159 -22.05 6.26 -39.07
C LYS B 159 -22.99 5.95 -37.92
N ASP B 160 -22.41 5.53 -36.80
CA ASP B 160 -23.11 5.42 -35.54
C ASP B 160 -23.36 6.81 -34.96
N ASN B 161 -24.11 6.84 -33.85
CA ASN B 161 -24.46 8.09 -33.19
C ASN B 161 -23.20 8.82 -32.75
N SER B 162 -23.32 10.12 -32.51
CA SER B 162 -22.16 10.91 -32.13
C SER B 162 -22.58 12.15 -31.37
N TYR B 163 -22.11 12.29 -30.14
CA TYR B 163 -22.23 13.50 -29.35
C TYR B 163 -20.86 13.80 -28.74
N VAL B 164 -20.21 14.86 -29.21
CA VAL B 164 -18.77 15.04 -29.05
C VAL B 164 -18.49 16.43 -28.51
N CYS B 165 -17.64 16.50 -27.48
CA CYS B 165 -17.18 17.76 -26.89
C CYS B 165 -18.33 18.71 -26.56
N GLY B 166 -19.52 18.17 -26.31
CA GLY B 166 -20.67 19.00 -26.06
C GLY B 166 -21.39 19.49 -27.29
N THR B 167 -20.98 19.07 -28.47
CA THR B 167 -21.72 19.29 -29.70
C THR B 167 -22.32 17.97 -30.16
N ASN B 168 -23.61 17.96 -30.42
CA ASN B 168 -24.15 16.89 -31.25
C ASN B 168 -23.45 16.97 -32.59
N SER B 169 -23.01 15.81 -33.08
CA SER B 169 -22.06 15.76 -34.18
C SER B 169 -22.70 15.11 -35.40
N GLN B 170 -22.85 15.88 -36.45
CA GLN B 170 -22.95 15.28 -37.77
C GLN B 170 -21.58 14.71 -38.13
N ILE B 171 -21.52 14.04 -39.28
CA ILE B 171 -20.26 13.59 -39.86
C ILE B 171 -19.54 12.51 -39.02
N SER B 172 -19.24 12.81 -37.77
CA SER B 172 -18.43 11.88 -36.97
C SER B 172 -19.26 10.75 -36.39
N GLY B 173 -18.59 9.69 -35.98
CA GLY B 173 -19.22 8.57 -35.30
C GLY B 173 -18.51 8.17 -34.03
N GLN B 174 -19.29 7.93 -32.99
CA GLN B 174 -18.74 7.38 -31.75
C GLN B 174 -18.42 5.89 -31.90
N SER B 175 -17.22 5.51 -31.46
CA SER B 175 -16.87 4.10 -31.27
C SER B 175 -17.66 3.50 -30.11
N ARG B 176 -18.16 2.30 -30.31
CA ARG B 176 -18.81 1.57 -29.23
C ARG B 176 -17.80 1.02 -28.22
N VAL B 177 -16.78 0.31 -28.71
CA VAL B 177 -15.78 -0.36 -27.88
C VAL B 177 -14.94 0.59 -27.04
N ALA B 178 -14.76 1.82 -27.50
CA ALA B 178 -13.99 2.80 -26.73
C ALA B 178 -14.48 3.01 -25.32
N THR B 179 -15.77 2.84 -25.05
CA THR B 179 -16.25 3.02 -23.69
C THR B 179 -15.91 1.87 -22.74
N VAL B 180 -15.35 0.76 -23.22
CA VAL B 180 -15.15 -0.40 -22.37
C VAL B 180 -13.75 -0.53 -21.77
N ILE B 181 -12.75 0.14 -22.34
CA ILE B 181 -11.37 -0.14 -21.96
C ILE B 181 -11.11 0.18 -20.50
N ASP B 182 -11.74 1.23 -19.99
CA ASP B 182 -11.53 1.63 -18.60
C ASP B 182 -11.73 0.46 -17.66
N SER B 183 -12.71 -0.40 -17.95
CA SER B 183 -13.05 -1.48 -17.04
C SER B 183 -12.10 -2.65 -17.20
N LEU B 184 -11.71 -2.93 -18.44
CA LEU B 184 -10.79 -4.02 -18.71
C LEU B 184 -9.45 -3.82 -18.04
N GLU B 185 -9.00 -2.58 -17.93
CA GLU B 185 -7.80 -2.32 -17.16
C GLU B 185 -8.00 -2.67 -15.68
N LYS B 186 -9.02 -2.09 -15.04
CA LYS B 186 -9.18 -2.31 -13.61
C LYS B 186 -9.32 -3.78 -13.26
N ARG B 187 -10.08 -4.52 -14.06
CA ARG B 187 -10.26 -5.93 -13.77
C ARG B 187 -8.94 -6.68 -13.85
N SER B 188 -8.18 -6.42 -14.90
CA SER B 188 -6.89 -7.06 -15.03
C SER B 188 -6.00 -6.77 -13.84
N LYS B 189 -6.01 -5.52 -13.36
CA LYS B 189 -5.24 -5.18 -12.18
C LYS B 189 -5.64 -6.05 -11.01
N MET B 190 -6.94 -6.14 -10.73
CA MET B 190 -7.35 -6.97 -9.61
C MET B 190 -6.88 -8.40 -9.78
N LEU B 191 -7.07 -8.97 -10.98
CA LEU B 191 -6.65 -10.34 -11.18
C LEU B 191 -5.16 -10.53 -10.96
N ASN B 192 -4.35 -9.59 -11.43
CA ASN B 192 -2.92 -9.73 -11.20
C ASN B 192 -2.60 -9.63 -9.73
N PHE B 193 -3.26 -8.72 -9.03
CA PHE B 193 -3.02 -8.63 -7.60
C PHE B 193 -3.44 -9.91 -6.92
N LYS B 194 -4.58 -10.46 -7.32
CA LYS B 194 -5.07 -11.70 -6.75
C LYS B 194 -4.05 -12.80 -6.89
N GLU B 195 -3.39 -12.88 -8.05
CA GLU B 195 -2.30 -13.84 -8.18
C GLU B 195 -1.11 -13.48 -7.30
N LYS B 196 -0.60 -12.26 -7.45
CA LYS B 196 0.74 -11.98 -6.93
C LYS B 196 0.82 -11.99 -5.41
N PHE B 197 -0.29 -11.72 -4.72
CA PHE B 197 -0.35 -11.90 -3.28
C PHE B 197 0.06 -13.29 -2.86
N LEU B 198 -0.21 -14.30 -3.66
CA LEU B 198 0.22 -15.65 -3.33
C LEU B 198 1.73 -15.81 -3.45
N ASP B 199 2.34 -15.31 -4.53
CA ASP B 199 3.79 -15.41 -4.62
C ASP B 199 4.54 -14.54 -3.63
N ASN B 200 4.01 -13.38 -3.28
CA ASN B 200 4.58 -12.61 -2.19
C ASN B 200 4.24 -13.17 -0.81
N GLY B 201 3.46 -14.24 -0.73
CA GLY B 201 3.02 -14.75 0.56
C GLY B 201 4.18 -15.22 1.43
N THR B 202 3.83 -15.52 2.67
CA THR B 202 4.80 -16.01 3.65
C THR B 202 4.07 -16.88 4.67
N VAL B 203 4.48 -18.14 4.78
CA VAL B 203 3.73 -19.14 5.52
C VAL B 203 4.69 -19.78 6.53
N ILE B 204 4.46 -19.54 7.81
CA ILE B 204 5.30 -20.03 8.88
C ILE B 204 4.56 -21.13 9.62
N GLY B 205 5.28 -22.16 10.04
CA GLY B 205 4.66 -23.22 10.81
C GLY B 205 4.86 -23.11 12.30
N LEU B 206 6.02 -22.62 12.72
CA LEU B 206 6.35 -22.57 14.14
C LEU B 206 7.43 -21.51 14.35
N ILE B 207 7.46 -20.90 15.52
CA ILE B 207 8.54 -20.00 15.89
C ILE B 207 9.10 -20.39 17.25
N LEU B 208 10.41 -20.59 17.30
CA LEU B 208 11.14 -20.92 18.52
C LEU B 208 12.20 -19.85 18.78
N GLU B 209 12.50 -19.61 20.04
CA GLU B 209 13.18 -18.39 20.43
C GLU B 209 14.08 -18.65 21.62
N THR B 210 15.22 -17.96 21.65
CA THR B 210 16.18 -18.03 22.75
C THR B 210 16.87 -16.70 22.90
N ASP B 211 17.38 -16.45 24.11
CA ASP B 211 18.36 -15.39 24.32
C ASP B 211 19.81 -15.84 24.18
N GLU B 212 20.07 -17.15 24.22
CA GLU B 212 21.40 -17.66 23.94
C GLU B 212 21.76 -17.46 22.47
N ILE B 213 23.03 -17.70 22.16
CA ILE B 213 23.52 -17.74 20.79
C ILE B 213 23.86 -19.19 20.45
N LEU B 214 23.46 -19.63 19.27
CA LEU B 214 23.51 -21.03 18.87
C LEU B 214 24.37 -21.21 17.63
N ASN B 215 25.04 -22.36 17.55
CA ASN B 215 25.92 -22.64 16.42
C ASN B 215 25.10 -22.73 15.14
N LYS B 216 25.36 -21.82 14.21
CA LYS B 216 24.47 -21.61 13.07
C LYS B 216 24.26 -22.88 12.25
N LYS B 217 25.34 -23.61 11.96
CA LYS B 217 25.25 -24.82 11.16
C LYS B 217 24.36 -25.88 11.81
N LEU B 218 24.53 -26.08 13.12
CA LEU B 218 23.68 -27.02 13.84
C LEU B 218 22.25 -26.52 13.93
N ARG B 219 22.05 -25.22 14.11
CA ARG B 219 20.71 -24.67 14.10
C ARG B 219 19.99 -24.95 12.79
N GLU B 220 20.66 -24.74 11.66
CA GLU B 220 20.05 -25.05 10.37
C GLU B 220 19.71 -26.52 10.23
N ARG B 221 20.63 -27.40 10.63
CA ARG B 221 20.32 -28.82 10.62
C ARG B 221 19.08 -29.14 11.44
N LYS B 222 19.00 -28.58 12.65
CA LYS B 222 17.86 -28.82 13.52
C LYS B 222 16.56 -28.35 12.89
N GLN B 223 16.57 -27.21 12.21
CA GLN B 223 15.38 -26.75 11.50
C GLN B 223 14.95 -27.76 10.45
N GLU B 224 15.89 -28.30 9.70
CA GLU B 224 15.50 -29.25 8.66
C GLU B 224 15.01 -30.57 9.25
N GLU B 225 15.57 -31.00 10.37
CA GLU B 225 15.07 -32.17 11.07
C GLU B 225 13.64 -31.98 11.55
N LEU B 226 13.37 -30.87 12.22
CA LEU B 226 12.00 -30.62 12.68
C LEU B 226 11.03 -30.56 11.52
N GLN B 227 11.41 -29.88 10.44
CA GLN B 227 10.49 -29.71 9.32
C GLN B 227 10.14 -31.05 8.68
N LEU B 228 11.14 -31.89 8.42
CA LEU B 228 10.83 -33.18 7.82
C LEU B 228 10.13 -34.13 8.78
N ASP B 229 10.48 -34.10 10.06
CA ASP B 229 9.87 -35.05 10.99
C ASP B 229 8.40 -34.75 11.26
N TYR B 230 8.05 -33.50 11.53
CA TYR B 230 6.70 -33.22 12.01
C TYR B 230 5.61 -33.29 10.93
N ASN B 231 5.91 -32.99 9.68
CA ASN B 231 4.84 -33.05 8.69
C ASN B 231 4.32 -34.48 8.56
N PRO B 232 3.01 -34.69 8.64
CA PRO B 232 2.45 -36.05 8.55
C PRO B 232 2.79 -36.79 7.28
N SER B 233 2.91 -36.06 6.17
CA SER B 233 3.27 -36.69 4.90
C SER B 233 4.68 -37.27 4.95
N THR B 234 5.65 -36.49 5.42
CA THR B 234 7.02 -36.99 5.53
C THR B 234 7.22 -37.91 6.74
N GLY B 235 6.78 -37.52 7.93
CA GLY B 235 7.26 -38.19 9.12
C GLY B 235 6.16 -38.48 10.13
N GLN B 236 6.56 -39.17 11.19
CA GLN B 236 5.68 -39.68 12.23
C GLN B 236 5.54 -38.81 13.47
N SER B 237 6.63 -38.22 13.95
CA SER B 237 6.64 -37.60 15.27
C SER B 237 5.73 -36.38 15.35
N SER B 238 5.17 -36.17 16.54
CA SER B 238 4.23 -35.06 16.74
C SER B 238 4.37 -34.32 18.06
N VAL B 239 4.71 -34.97 19.17
CA VAL B 239 5.02 -34.25 20.39
C VAL B 239 6.40 -33.60 20.25
N LEU B 240 6.58 -32.45 20.89
CA LEU B 240 7.86 -31.74 20.89
C LEU B 240 8.25 -31.33 22.30
N ILE B 241 9.48 -31.67 22.69
CA ILE B 241 10.00 -31.38 24.02
C ILE B 241 11.16 -30.40 23.88
N LEU B 242 11.01 -29.22 24.48
CA LEU B 242 12.01 -28.17 24.43
C LEU B 242 12.73 -28.10 25.77
N ASP B 243 14.04 -27.93 25.71
CA ASP B 243 14.87 -27.88 26.90
C ASP B 243 15.89 -26.77 26.79
N GLY B 244 16.56 -26.49 27.90
CA GLY B 244 17.53 -25.42 27.95
C GLY B 244 16.97 -24.04 27.76
N GLY B 245 15.66 -23.89 27.69
CA GLY B 245 15.04 -22.58 27.65
C GLY B 245 14.59 -22.07 26.30
N MET B 246 14.62 -22.88 25.25
CA MET B 246 13.97 -22.47 24.02
C MET B 246 12.48 -22.28 24.26
N LYS B 247 11.98 -21.09 23.92
CA LYS B 247 10.59 -20.73 24.13
C LYS B 247 9.84 -20.77 22.81
N ALA B 248 8.63 -21.31 22.85
CA ALA B 248 7.71 -21.24 21.72
C ALA B 248 6.93 -19.93 21.76
N LYS B 249 7.00 -19.16 20.68
CA LYS B 249 6.39 -17.85 20.63
C LYS B 249 5.06 -17.94 19.90
N PRO B 250 3.93 -17.66 20.54
CA PRO B 250 2.66 -17.61 19.82
C PRO B 250 2.62 -16.46 18.83
N TYR B 251 2.01 -16.72 17.67
CA TYR B 251 1.93 -15.75 16.60
C TYR B 251 0.59 -15.90 15.90
N SER B 252 0.30 -14.98 14.99
CA SER B 252 -0.94 -15.04 14.21
C SER B 252 -0.69 -14.52 12.81
N GLN B 253 -1.55 -14.96 11.89
CA GLN B 253 -1.44 -14.55 10.49
C GLN B 253 -1.85 -13.10 10.34
N ILE B 254 -0.87 -12.21 10.20
CA ILE B 254 -1.10 -10.78 10.30
C ILE B 254 -1.86 -10.22 9.10
N SER B 255 -1.87 -10.92 7.97
CA SER B 255 -2.73 -10.56 6.85
C SER B 255 -3.14 -11.81 6.09
N SER B 256 -4.43 -11.97 5.83
CA SER B 256 -4.96 -13.22 5.35
C SER B 256 -5.64 -13.05 4.00
N PHE B 257 -5.54 -14.11 3.20
CA PHE B 257 -6.22 -14.22 1.91
C PHE B 257 -7.73 -14.06 2.02
N LYS B 258 -8.31 -14.34 3.18
CA LYS B 258 -9.74 -14.19 3.37
C LYS B 258 -10.26 -12.79 3.06
N ASP B 259 -9.44 -11.77 3.27
CA ASP B 259 -9.91 -10.40 3.04
C ASP B 259 -9.87 -9.98 1.59
N LEU B 260 -9.46 -10.85 0.67
CA LEU B 260 -9.52 -10.56 -0.77
C LEU B 260 -10.79 -11.13 -1.39
N ASP B 261 -11.93 -10.63 -0.94
CA ASP B 261 -13.22 -11.09 -1.45
C ASP B 261 -13.66 -10.38 -2.74
N PHE B 262 -12.77 -10.40 -3.74
CA PHE B 262 -12.94 -9.67 -4.97
C PHE B 262 -14.25 -9.99 -5.69
N LYS B 263 -14.85 -11.13 -5.38
CA LYS B 263 -15.75 -11.84 -6.30
C LYS B 263 -16.87 -10.99 -6.90
N GLU B 264 -17.54 -10.15 -6.12
CA GLU B 264 -18.58 -9.29 -6.70
C GLU B 264 -18.05 -8.17 -7.58
N ASP B 265 -16.92 -7.57 -7.22
CA ASP B 265 -16.38 -6.47 -8.03
C ASP B 265 -16.02 -6.91 -9.43
N ILE B 266 -15.31 -8.02 -9.57
CA ILE B 266 -14.98 -8.50 -10.90
C ILE B 266 -16.26 -8.90 -11.63
N ALA B 267 -17.23 -9.45 -10.92
CA ALA B 267 -18.49 -9.77 -11.56
C ALA B 267 -19.15 -8.53 -12.12
N GLY B 268 -19.06 -7.42 -11.40
CA GLY B 268 -19.58 -6.17 -11.92
C GLY B 268 -18.91 -5.80 -13.23
N PHE B 269 -17.59 -5.91 -13.28
CA PHE B 269 -16.91 -5.53 -14.51
C PHE B 269 -17.30 -6.44 -15.66
N ASN B 270 -17.47 -7.73 -15.40
CA ASN B 270 -17.96 -8.60 -16.46
C ASN B 270 -19.32 -8.16 -16.96
N LYS B 271 -20.21 -7.82 -16.04
CA LYS B 271 -21.51 -7.32 -16.48
C LYS B 271 -21.37 -6.08 -17.34
N SER B 272 -20.51 -5.15 -16.94
CA SER B 272 -20.35 -3.96 -17.76
C SER B 272 -19.93 -4.31 -19.17
N ILE B 273 -18.95 -5.20 -19.30
CA ILE B 273 -18.48 -5.54 -20.64
C ILE B 273 -19.62 -6.19 -21.40
N CYS B 274 -20.26 -7.16 -20.76
CA CYS B 274 -21.35 -7.88 -21.40
C CYS B 274 -22.46 -6.93 -21.79
N LEU B 275 -22.72 -5.92 -20.96
CA LEU B 275 -23.74 -4.94 -21.30
C LEU B 275 -23.36 -4.01 -22.44
N ALA B 276 -22.09 -3.64 -22.60
CA ALA B 276 -21.76 -2.67 -23.63
C ALA B 276 -22.11 -3.16 -25.03
N PHE B 277 -21.90 -4.45 -25.31
CA PHE B 277 -22.39 -5.02 -26.56
C PHE B 277 -23.89 -5.25 -26.54
N GLY B 278 -24.47 -5.51 -25.39
CA GLY B 278 -25.89 -5.76 -25.33
C GLY B 278 -26.23 -7.19 -25.67
N VAL B 279 -25.60 -8.13 -24.98
CA VAL B 279 -25.91 -9.55 -25.08
C VAL B 279 -26.40 -10.03 -23.72
N PRO B 280 -27.57 -10.64 -23.63
CA PRO B 280 -28.08 -11.08 -22.33
C PRO B 280 -27.22 -12.17 -21.72
N GLN B 281 -27.18 -12.17 -20.38
CA GLN B 281 -26.38 -13.14 -19.65
C GLN B 281 -26.86 -14.57 -19.87
N VAL B 282 -28.15 -14.76 -20.12
CA VAL B 282 -28.67 -16.08 -20.45
C VAL B 282 -27.94 -16.69 -21.64
N LEU B 283 -27.46 -15.87 -22.57
CA LEU B 283 -26.68 -16.40 -23.68
C LEU B 283 -25.26 -16.76 -23.28
N ILE B 284 -24.75 -16.17 -22.20
CA ILE B 284 -23.43 -16.55 -21.72
C ILE B 284 -23.51 -17.80 -20.84
N ASP B 285 -24.62 -17.96 -20.12
CA ASP B 285 -24.85 -19.12 -19.27
C ASP B 285 -25.50 -20.27 -20.02
N GLY B 286 -26.61 -20.01 -20.71
CA GLY B 286 -27.59 -21.04 -20.99
C GLY B 286 -28.44 -21.30 -19.76
N GLY B 287 -29.75 -21.24 -19.93
CA GLY B 287 -30.70 -21.33 -18.84
C GLY B 287 -31.73 -22.40 -19.11
N ASN B 288 -32.97 -22.14 -18.70
CA ASN B 288 -34.05 -23.00 -19.12
C ASN B 288 -34.65 -22.58 -20.46
N ASN B 289 -35.51 -23.45 -20.99
CA ASN B 289 -36.13 -23.24 -22.30
C ASN B 289 -36.88 -21.91 -22.36
N ALA B 290 -37.70 -21.65 -21.35
CA ALA B 290 -38.46 -20.42 -21.29
C ALA B 290 -37.54 -19.21 -21.26
N ASN B 291 -36.37 -19.36 -20.64
CA ASN B 291 -35.36 -18.31 -20.71
C ASN B 291 -34.76 -18.24 -22.11
N ILE B 292 -34.32 -19.38 -22.64
CA ILE B 292 -33.38 -19.36 -23.75
C ILE B 292 -34.07 -18.93 -25.04
N ARG B 293 -35.24 -19.49 -25.34
CA ARG B 293 -35.83 -19.23 -26.66
C ARG B 293 -36.24 -17.77 -26.87
N PRO B 294 -36.86 -17.08 -25.90
CA PRO B 294 -37.11 -15.64 -26.07
C PRO B 294 -35.87 -14.77 -26.05
N ASN B 295 -34.84 -15.13 -25.29
CA ASN B 295 -33.65 -14.30 -25.22
C ASN B 295 -32.91 -14.19 -26.55
N ILE B 296 -32.92 -15.24 -27.36
CA ILE B 296 -32.36 -15.12 -28.71
C ILE B 296 -33.09 -14.06 -29.52
N GLU B 297 -34.42 -14.05 -29.45
CA GLU B 297 -35.17 -13.02 -30.16
C GLU B 297 -34.91 -11.64 -29.60
N LEU B 298 -34.70 -11.54 -28.28
CA LEU B 298 -34.33 -10.26 -27.69
C LEU B 298 -33.03 -9.75 -28.26
N PHE B 299 -32.01 -10.61 -28.26
CA PHE B 299 -30.69 -10.24 -28.73
C PHE B 299 -30.74 -9.84 -30.20
N TYR B 300 -31.38 -10.65 -31.04
CA TYR B 300 -31.46 -10.34 -32.46
C TYR B 300 -32.18 -9.02 -32.71
N TYR B 301 -33.39 -8.87 -32.18
CA TYR B 301 -34.21 -7.72 -32.57
C TYR B 301 -33.69 -6.42 -31.97
N MET B 302 -33.31 -6.41 -30.70
CA MET B 302 -32.87 -5.15 -30.11
C MET B 302 -31.49 -4.72 -30.57
N THR B 303 -30.48 -5.59 -30.48
CA THR B 303 -29.14 -5.16 -30.87
C THR B 303 -28.84 -5.16 -32.36
N ILE B 304 -29.02 -6.28 -33.04
CA ILE B 304 -28.53 -6.42 -34.42
C ILE B 304 -29.39 -5.64 -35.42
N ILE B 305 -30.71 -5.78 -35.32
CA ILE B 305 -31.58 -5.22 -36.36
C ILE B 305 -31.50 -3.72 -36.47
N PRO B 306 -31.33 -2.94 -35.40
CA PRO B 306 -31.04 -1.51 -35.61
C PRO B 306 -29.75 -1.22 -36.38
N MET B 307 -28.70 -2.00 -36.16
CA MET B 307 -27.49 -1.83 -36.96
C MET B 307 -27.77 -2.07 -38.44
N LEU B 308 -28.40 -3.21 -38.74
CA LEU B 308 -28.68 -3.49 -40.12
C LEU B 308 -29.66 -2.48 -40.72
N ASN B 309 -30.56 -1.93 -39.92
CA ASN B 309 -31.41 -0.87 -40.42
C ASN B 309 -30.63 0.39 -40.75
N LYS B 310 -29.59 0.71 -39.99
CA LYS B 310 -28.71 1.81 -40.37
C LYS B 310 -28.07 1.56 -41.73
N LEU B 311 -27.56 0.35 -41.91
CA LEU B 311 -26.89 0.02 -43.15
C LEU B 311 -27.86 0.03 -44.32
N THR B 312 -28.98 -0.66 -44.17
CA THR B 312 -29.94 -0.76 -45.27
C THR B 312 -30.54 0.59 -45.62
N SER B 313 -30.83 1.43 -44.62
CA SER B 313 -31.29 2.79 -44.94
C SER B 313 -30.25 3.59 -45.71
N SER B 314 -28.96 3.37 -45.45
CA SER B 314 -27.96 4.03 -46.29
C SER B 314 -27.93 3.47 -47.70
N LEU B 315 -28.09 2.15 -47.85
CA LEU B 315 -28.12 1.59 -49.20
C LEU B 315 -29.37 1.99 -49.97
N THR B 316 -30.52 2.06 -49.31
CA THR B 316 -31.71 2.52 -50.03
C THR B 316 -31.58 3.98 -50.41
N PHE B 317 -30.95 4.80 -49.58
CA PHE B 317 -30.66 6.16 -50.00
C PHE B 317 -29.76 6.20 -51.23
N PHE B 318 -28.73 5.37 -51.26
CA PHE B 318 -27.78 5.42 -52.37
C PHE B 318 -28.35 4.87 -53.67
N PHE B 319 -28.83 3.62 -53.65
CA PHE B 319 -29.43 3.02 -54.84
C PHE B 319 -30.84 3.50 -55.16
N GLY B 320 -31.64 3.83 -54.16
CA GLY B 320 -33.01 4.19 -54.38
C GLY B 320 -33.99 3.02 -54.37
N TYR B 321 -33.52 1.79 -54.45
CA TYR B 321 -34.41 0.66 -54.23
C TYR B 321 -34.80 0.57 -52.76
N LYS B 322 -35.97 0.03 -52.50
CA LYS B 322 -36.27 -0.50 -51.18
C LYS B 322 -35.34 -1.66 -50.87
N ILE B 323 -34.67 -1.59 -49.72
CA ILE B 323 -33.75 -2.64 -49.29
C ILE B 323 -33.97 -2.91 -47.82
N THR B 324 -34.07 -4.18 -47.43
CA THR B 324 -34.32 -4.47 -46.03
C THR B 324 -33.81 -5.86 -45.73
N PRO B 325 -33.40 -6.14 -44.49
CA PRO B 325 -32.80 -7.45 -44.20
C PRO B 325 -33.83 -8.52 -43.85
N ASN B 326 -33.57 -9.72 -44.34
CA ASN B 326 -34.35 -10.90 -44.03
C ASN B 326 -33.58 -11.80 -43.09
N THR B 327 -34.22 -12.11 -41.96
CA THR B 327 -33.71 -13.01 -40.93
C THR B 327 -34.03 -14.47 -41.19
N LYS B 328 -35.01 -14.77 -42.04
CA LYS B 328 -35.61 -16.09 -42.05
C LYS B 328 -34.69 -17.18 -42.57
N GLU B 329 -33.52 -16.82 -43.10
CA GLU B 329 -32.46 -17.81 -43.29
C GLU B 329 -31.79 -18.22 -41.98
N VAL B 330 -31.86 -17.40 -40.94
CA VAL B 330 -31.08 -17.66 -39.73
C VAL B 330 -31.64 -18.87 -39.00
N ALA B 331 -30.81 -19.90 -38.87
CA ALA B 331 -31.22 -21.15 -38.24
C ALA B 331 -31.58 -20.95 -36.77
N ALA B 332 -30.94 -19.99 -36.11
CA ALA B 332 -31.25 -19.70 -34.71
C ALA B 332 -32.69 -19.21 -34.55
N LEU B 333 -33.12 -18.28 -35.39
CA LEU B 333 -34.47 -17.74 -35.26
C LEU B 333 -35.56 -18.70 -35.71
N THR B 334 -35.27 -19.56 -36.69
CA THR B 334 -36.31 -20.20 -37.47
C THR B 334 -37.40 -20.84 -36.59
N PRO B 335 -38.66 -20.50 -36.81
CA PRO B 335 -39.72 -20.78 -35.82
C PRO B 335 -39.98 -22.26 -35.65
N ASP B 336 -40.80 -22.56 -34.65
CA ASP B 336 -41.12 -23.94 -34.31
C ASP B 336 -42.00 -24.56 -35.39
N LYS B 337 -41.66 -25.78 -35.79
CA LYS B 337 -42.40 -26.52 -36.80
C LYS B 337 -43.87 -26.72 -36.46
N GLU B 338 -44.23 -26.82 -35.18
CA GLU B 338 -45.64 -26.95 -34.82
C GLU B 338 -46.43 -25.66 -35.05
N ALA B 339 -46.01 -24.55 -34.45
CA ALA B 339 -46.83 -23.35 -34.50
C ALA B 339 -47.06 -22.91 -35.95
N GLU B 340 -45.98 -22.88 -36.73
CA GLU B 340 -46.03 -22.41 -38.10
C GLU B 340 -47.04 -23.19 -38.94
N ALA B 341 -47.15 -24.49 -38.69
CA ALA B 341 -48.11 -25.30 -39.45
C ALA B 341 -49.54 -24.92 -39.13
N LYS B 342 -49.85 -24.62 -37.87
CA LYS B 342 -51.23 -24.31 -37.52
C LYS B 342 -51.60 -22.90 -37.95
N HIS B 343 -50.65 -21.98 -37.84
CA HIS B 343 -50.77 -20.65 -38.43
C HIS B 343 -51.10 -20.74 -39.92
N LEU B 344 -50.22 -21.37 -40.69
CA LEU B 344 -50.39 -21.40 -42.14
C LEU B 344 -51.66 -22.16 -42.53
N THR B 345 -51.88 -23.33 -41.94
CA THR B 345 -53.06 -24.11 -42.27
C THR B 345 -54.34 -23.31 -42.02
N SER B 346 -54.45 -22.69 -40.85
CA SER B 346 -55.67 -21.97 -40.53
C SER B 346 -55.90 -20.79 -41.46
N LEU B 347 -54.82 -20.08 -41.81
CA LEU B 347 -54.99 -18.98 -42.77
C LEU B 347 -55.35 -19.48 -44.16
N VAL B 348 -54.81 -20.63 -44.57
CA VAL B 348 -55.08 -21.17 -45.90
C VAL B 348 -56.52 -21.68 -46.02
N ASN B 349 -56.96 -22.49 -45.07
CA ASN B 349 -58.30 -23.04 -45.12
C ASN B 349 -59.39 -21.99 -45.01
N ASN B 350 -59.16 -20.93 -44.25
CA ASN B 350 -60.18 -19.89 -44.15
C ASN B 350 -60.13 -18.89 -45.29
N GLY B 351 -59.39 -19.18 -46.36
CA GLY B 351 -59.44 -18.36 -47.55
C GLY B 351 -58.90 -16.96 -47.39
N ILE B 352 -57.94 -16.77 -46.51
CA ILE B 352 -57.20 -15.52 -46.44
C ILE B 352 -55.97 -15.54 -47.34
N MET B 353 -55.29 -16.69 -47.41
CA MET B 353 -54.02 -16.79 -48.09
C MET B 353 -54.04 -17.95 -49.08
N THR B 354 -53.49 -17.71 -50.27
CA THR B 354 -53.43 -18.75 -51.28
C THR B 354 -52.37 -19.79 -50.93
N GLY B 355 -52.55 -20.99 -51.50
CA GLY B 355 -51.66 -22.10 -51.20
C GLY B 355 -50.21 -21.83 -51.52
N ASN B 356 -49.93 -21.32 -52.72
CA ASN B 356 -48.55 -21.11 -53.10
C ASN B 356 -47.86 -20.08 -52.22
N GLU B 357 -48.61 -19.13 -51.66
CA GLU B 357 -48.01 -18.21 -50.70
C GLU B 357 -47.47 -18.96 -49.48
N ALA B 358 -48.21 -19.98 -49.03
CA ALA B 358 -47.73 -20.84 -47.97
C ALA B 358 -46.52 -21.66 -48.39
N ARG B 359 -46.56 -22.23 -49.59
CA ARG B 359 -45.39 -22.96 -50.08
C ARG B 359 -44.17 -22.05 -50.06
N LEU B 360 -44.33 -20.83 -50.54
CA LEU B 360 -43.24 -19.85 -50.54
C LEU B 360 -42.72 -19.63 -49.13
N GLU B 361 -43.63 -19.40 -48.16
CA GLU B 361 -43.17 -19.17 -46.80
C GLU B 361 -42.48 -20.38 -46.20
N LEU B 362 -42.82 -21.58 -46.66
CA LEU B 362 -42.09 -22.80 -46.31
C LEU B 362 -40.90 -23.06 -47.22
N ASN B 363 -40.45 -22.07 -47.98
CA ASN B 363 -39.30 -22.17 -48.87
C ASN B 363 -39.54 -23.10 -50.04
N LEU B 364 -40.78 -23.51 -50.28
CA LEU B 364 -41.09 -24.43 -51.36
C LEU B 364 -41.41 -23.67 -52.63
N GLU B 365 -41.05 -24.28 -53.76
CA GLU B 365 -41.40 -23.71 -55.05
C GLU B 365 -42.92 -23.68 -55.24
N PRO B 366 -43.46 -22.60 -55.79
CA PRO B 366 -44.88 -22.59 -56.13
C PRO B 366 -45.23 -23.72 -57.09
N LEU B 367 -46.42 -24.27 -56.91
CA LEU B 367 -46.94 -25.33 -57.77
C LEU B 367 -47.96 -24.75 -58.73
N ASP B 368 -47.85 -25.13 -60.01
CA ASP B 368 -48.52 -24.42 -61.09
C ASP B 368 -49.99 -24.79 -61.25
N ASP B 369 -50.49 -25.74 -60.47
CA ASP B 369 -51.92 -26.03 -60.47
C ASP B 369 -52.74 -24.81 -60.06
N GLU B 370 -53.55 -24.33 -60.99
CA GLU B 370 -54.26 -23.05 -60.83
C GLU B 370 -54.91 -22.93 -59.46
N GLN B 371 -55.58 -23.99 -59.01
CA GLN B 371 -56.24 -23.97 -57.71
C GLN B 371 -55.31 -23.54 -56.57
N MET B 372 -54.02 -23.83 -56.69
CA MET B 372 -53.04 -23.46 -55.66
C MET B 372 -52.87 -21.95 -55.56
N ASN B 373 -53.29 -21.21 -56.58
CA ASN B 373 -53.34 -19.74 -56.55
C ASN B 373 -54.78 -19.24 -56.47
N ARG B 374 -55.69 -20.03 -55.93
CA ARG B 374 -57.04 -19.59 -55.69
C ARG B 374 -57.32 -19.54 -54.20
N ILE B 375 -58.12 -18.57 -53.79
CA ILE B 375 -58.71 -18.58 -52.45
C ILE B 375 -59.86 -19.57 -52.42
N ARG B 376 -59.97 -20.29 -51.31
CA ARG B 376 -61.09 -21.18 -51.04
C ARG B 376 -61.96 -20.54 -49.97
N ILE B 377 -63.21 -20.28 -50.29
CA ILE B 377 -64.05 -19.47 -49.41
C ILE B 377 -64.40 -20.22 -48.13
N PRO B 378 -64.91 -21.47 -48.19
CA PRO B 378 -65.51 -22.01 -46.97
C PRO B 378 -64.50 -22.23 -45.84
N MET C 1 36.49 -39.58 26.51
CA MET C 1 36.70 -38.19 26.14
C MET C 1 37.43 -37.45 27.25
N GLN C 2 38.56 -36.87 26.93
CA GLN C 2 39.28 -35.98 27.84
C GLN C 2 39.45 -34.62 27.18
N ILE C 3 38.80 -33.62 27.76
CA ILE C 3 38.97 -32.24 27.35
C ILE C 3 40.19 -31.64 28.02
N ILE C 4 40.43 -31.99 29.29
CA ILE C 4 41.62 -31.57 30.01
C ILE C 4 42.15 -32.76 30.78
N THR C 5 43.45 -32.74 31.05
CA THR C 5 44.00 -33.49 32.17
C THR C 5 44.89 -32.64 33.05
N ALA C 6 45.54 -33.27 34.03
CA ALA C 6 46.18 -32.55 35.12
C ALA C 6 47.15 -31.50 34.60
N GLU C 7 47.86 -31.81 33.51
CA GLU C 7 48.83 -30.86 33.00
C GLU C 7 48.16 -29.63 32.40
N ASP C 8 47.00 -29.80 31.78
CA ASP C 8 46.28 -28.66 31.24
C ASP C 8 45.82 -27.72 32.33
N TYR C 9 45.24 -28.27 33.40
CA TYR C 9 44.89 -27.43 34.54
C TYR C 9 46.11 -26.81 35.20
N ARG C 10 47.20 -27.55 35.29
CA ARG C 10 48.41 -27.02 35.89
C ARG C 10 48.95 -25.83 35.10
N LEU C 11 48.91 -25.91 33.78
CA LEU C 11 49.26 -24.75 32.95
C LEU C 11 48.31 -23.59 33.18
N TYR C 12 47.01 -23.85 33.19
CA TYR C 12 46.07 -22.74 33.35
C TYR C 12 46.26 -22.06 34.70
N GLY C 13 46.31 -22.84 35.77
CA GLY C 13 46.42 -22.27 37.10
C GLY C 13 47.80 -21.71 37.42
N GLY C 14 48.84 -22.27 36.82
CA GLY C 14 50.21 -21.96 37.18
C GLY C 14 50.65 -22.59 38.48
N LEU C 15 50.14 -23.77 38.80
CA LEU C 15 50.43 -24.46 40.05
C LEU C 15 51.86 -24.99 40.10
N LYS C 16 52.50 -24.83 41.25
CA LYS C 16 53.88 -25.24 41.47
C LYS C 16 54.03 -26.08 42.73
N ARG C 17 52.96 -26.31 43.49
CA ARG C 17 52.92 -27.50 44.33
C ARG C 17 53.32 -28.71 43.47
N PRO C 18 54.04 -29.67 44.05
CA PRO C 18 54.46 -30.83 43.24
C PRO C 18 53.33 -31.72 42.78
N GLU C 19 52.18 -31.76 43.45
CA GLU C 19 51.09 -32.59 42.99
C GLU C 19 49.75 -31.96 43.30
N LEU C 20 48.74 -32.38 42.55
CA LEU C 20 47.36 -32.05 42.86
C LEU C 20 46.88 -32.85 44.06
N GLU C 21 46.00 -32.24 44.85
CA GLU C 21 45.22 -33.00 45.81
C GLU C 21 44.16 -33.85 45.10
N SER C 22 43.75 -34.92 45.76
CA SER C 22 42.73 -35.83 45.24
C SER C 22 41.42 -35.11 44.92
N GLY C 23 41.11 -34.04 45.65
CA GLY C 23 40.01 -33.18 45.31
C GLY C 23 40.04 -32.68 43.88
N VAL C 24 41.12 -32.00 43.51
CA VAL C 24 41.24 -31.46 42.16
C VAL C 24 41.21 -32.57 41.12
N GLU C 25 41.87 -33.70 41.38
CA GLU C 25 41.92 -34.74 40.36
C GLU C 25 40.57 -35.41 40.15
N MET C 26 39.80 -35.58 41.22
CA MET C 26 38.44 -36.07 41.05
C MET C 26 37.58 -35.06 40.33
N MET C 27 37.70 -33.78 40.70
CA MET C 27 36.91 -32.75 40.03
C MET C 27 37.22 -32.67 38.54
N ILE C 28 38.49 -32.78 38.15
CA ILE C 28 38.85 -32.92 36.73
C ILE C 28 38.19 -34.13 36.08
N THR C 29 38.16 -35.26 36.78
CA THR C 29 37.59 -36.44 36.15
C THR C 29 36.09 -36.32 36.00
N ALA C 30 35.43 -35.67 36.95
CA ALA C 30 33.99 -35.40 36.80
C ALA C 30 33.72 -34.35 35.72
N ALA C 31 34.57 -33.33 35.65
CA ALA C 31 34.35 -32.24 34.69
C ALA C 31 34.42 -32.73 33.25
N ASN C 32 35.39 -33.59 32.94
CA ASN C 32 35.40 -34.25 31.63
C ASN C 32 34.06 -34.90 31.30
N ALA C 33 33.53 -35.70 32.22
CA ALA C 33 32.29 -36.42 31.95
C ALA C 33 31.10 -35.50 31.83
N LEU C 34 31.01 -34.50 32.71
CA LEU C 34 29.86 -33.61 32.63
C LEU C 34 29.88 -32.80 31.35
N ILE C 35 31.01 -32.20 30.99
CA ILE C 35 30.98 -31.42 29.77
C ILE C 35 30.77 -32.34 28.57
N THR C 36 31.30 -33.57 28.61
CA THR C 36 30.97 -34.55 27.58
C THR C 36 29.46 -34.68 27.43
N SER C 37 28.74 -34.64 28.53
CA SER C 37 27.34 -35.03 28.49
C SER C 37 26.41 -33.86 28.21
N LEU C 38 26.72 -32.68 28.75
CA LEU C 38 25.93 -31.49 28.44
C LEU C 38 26.00 -31.10 26.98
N LEU C 39 27.09 -31.39 26.29
CA LEU C 39 27.08 -31.17 24.85
C LEU C 39 26.14 -32.12 24.13
N GLY C 40 25.68 -33.16 24.77
CA GLY C 40 24.85 -34.15 24.11
C GLY C 40 25.62 -35.13 23.27
N MET C 41 26.95 -35.09 23.29
CA MET C 41 27.74 -36.19 22.79
C MET C 41 27.62 -37.39 23.71
N ASP C 42 28.17 -38.51 23.25
CA ASP C 42 28.49 -39.63 24.12
C ASP C 42 29.79 -40.27 23.64
N ASP C 43 30.36 -41.11 24.50
CA ASP C 43 31.68 -41.65 24.28
C ASP C 43 31.65 -43.04 23.62
N ALA C 44 30.51 -43.45 23.07
CA ALA C 44 30.48 -44.70 22.33
C ALA C 44 31.21 -44.56 21.00
N ASP C 45 31.80 -45.67 20.55
CA ASP C 45 32.46 -45.71 19.25
C ASP C 45 31.53 -46.11 18.10
N ALA C 46 30.83 -47.23 18.23
CA ALA C 46 29.88 -47.67 17.22
C ALA C 46 28.46 -47.56 17.76
N VAL C 47 27.57 -47.02 16.93
CA VAL C 47 26.21 -46.70 17.33
C VAL C 47 25.25 -47.42 16.39
N ASP C 48 24.12 -47.84 16.94
CA ASP C 48 23.07 -48.53 16.22
C ASP C 48 21.80 -47.70 16.37
N GLN C 49 21.11 -47.46 15.26
CA GLN C 49 19.95 -46.58 15.29
C GLN C 49 18.85 -47.18 14.42
N LEU C 50 17.62 -47.03 14.89
CA LEU C 50 16.43 -47.49 14.20
C LEU C 50 15.52 -46.32 13.87
N ILE C 51 15.16 -46.21 12.59
CA ILE C 51 14.53 -45.03 12.01
C ILE C 51 13.24 -45.46 11.34
N ASN C 52 12.16 -44.73 11.57
CA ASN C 52 10.95 -44.93 10.79
C ASN C 52 11.12 -44.29 9.40
N THR C 53 10.73 -45.01 8.35
CA THR C 53 10.94 -44.56 6.98
C THR C 53 9.67 -44.73 6.16
N LYS C 54 9.52 -43.86 5.16
CA LYS C 54 8.35 -43.76 4.30
C LYS C 54 8.80 -43.50 2.87
N PRO C 55 8.07 -44.01 1.88
CA PRO C 55 8.50 -43.85 0.48
C PRO C 55 8.53 -42.41 0.01
N THR C 56 7.77 -41.53 0.65
CA THR C 56 7.78 -40.10 0.34
C THR C 56 9.08 -39.40 0.74
N ARG C 57 9.93 -40.04 1.54
CA ARG C 57 11.05 -39.36 2.20
C ARG C 57 12.34 -40.10 1.91
N LYS C 58 13.37 -39.35 1.53
CA LYS C 58 14.66 -39.95 1.20
C LYS C 58 15.88 -39.22 1.76
N LYS C 59 15.72 -38.09 2.43
CA LYS C 59 16.73 -37.60 3.36
C LYS C 59 16.46 -38.15 4.75
N TYR C 60 17.50 -38.69 5.37
CA TYR C 60 17.42 -39.16 6.75
C TYR C 60 18.59 -38.62 7.55
N PHE C 61 18.34 -38.28 8.80
CA PHE C 61 19.33 -37.64 9.65
C PHE C 61 19.81 -38.64 10.69
N LEU C 62 21.12 -38.85 10.73
CA LEU C 62 21.71 -39.70 11.75
C LEU C 62 21.69 -39.02 13.12
N SER C 63 21.67 -39.85 14.16
CA SER C 63 21.49 -39.36 15.52
C SER C 63 22.67 -38.55 16.03
N SER C 64 23.82 -38.64 15.40
CA SER C 64 24.96 -37.84 15.87
C SER C 64 25.78 -37.26 14.73
N PRO C 65 25.74 -35.94 14.53
CA PRO C 65 26.22 -35.36 13.26
C PRO C 65 27.70 -35.55 13.03
N SER C 66 28.45 -36.03 14.01
CA SER C 66 29.84 -36.38 13.79
C SER C 66 30.02 -37.78 13.20
N ALA C 67 28.93 -38.49 12.92
CA ALA C 67 29.01 -39.79 12.27
C ALA C 67 29.93 -39.74 11.05
N THR C 68 30.89 -40.66 11.00
CA THR C 68 31.93 -40.59 9.97
C THR C 68 31.77 -41.62 8.87
N SER C 69 31.14 -42.77 9.12
CA SER C 69 30.87 -43.74 8.07
C SER C 69 29.76 -44.67 8.49
N VAL C 70 28.78 -44.86 7.59
CA VAL C 70 27.82 -45.94 7.76
C VAL C 70 28.47 -47.27 7.43
N THR C 71 28.17 -48.30 8.23
CA THR C 71 28.84 -49.58 8.12
C THR C 71 27.88 -50.74 7.92
N LYS C 72 26.59 -50.54 8.19
CA LYS C 72 25.54 -51.39 7.66
C LYS C 72 24.26 -50.58 7.64
N MET C 73 23.42 -50.83 6.64
CA MET C 73 22.04 -50.37 6.71
C MET C 73 21.13 -51.40 6.08
N THR C 74 19.93 -51.52 6.62
CA THR C 74 19.01 -52.54 6.17
C THR C 74 17.59 -52.06 6.41
N ILE C 75 16.67 -52.51 5.57
CA ILE C 75 15.26 -52.17 5.67
C ILE C 75 14.45 -53.45 5.75
N ASN C 76 13.60 -53.54 6.78
CA ASN C 76 12.81 -54.73 7.04
C ASN C 76 13.66 -56.00 7.04
N ASP C 77 14.91 -55.85 7.48
CA ASP C 77 15.92 -56.90 7.41
C ASP C 77 16.18 -57.35 5.97
N LYS C 78 15.96 -56.47 5.01
CA LYS C 78 16.50 -56.61 3.67
C LYS C 78 17.67 -55.66 3.52
N GLU C 79 18.86 -56.20 3.29
CA GLU C 79 20.05 -55.37 3.21
C GLU C 79 20.12 -54.66 1.87
N ILE C 80 20.74 -53.47 1.88
CA ILE C 80 20.89 -52.62 0.72
C ILE C 80 22.33 -52.17 0.64
N ASP C 81 22.74 -51.75 -0.56
CA ASP C 81 24.17 -51.66 -0.83
C ASP C 81 24.64 -50.22 -1.05
N PRO C 82 25.91 -49.96 -0.74
CA PRO C 82 26.42 -48.58 -0.73
C PRO C 82 26.26 -47.80 -2.03
N GLU C 83 25.90 -48.43 -3.13
CA GLU C 83 25.56 -47.63 -4.30
C GLU C 83 24.20 -46.97 -4.17
N GLN C 84 23.33 -47.52 -3.34
CA GLN C 84 21.95 -47.07 -3.23
C GLN C 84 21.79 -45.87 -2.31
N TYR C 85 22.87 -45.25 -1.84
CA TYR C 85 22.75 -44.05 -1.02
C TYR C 85 24.03 -43.24 -1.10
N LYS C 86 23.96 -42.03 -0.54
CA LYS C 86 25.09 -41.12 -0.42
C LYS C 86 25.11 -40.53 0.98
N LEU C 87 26.29 -40.40 1.56
CA LEU C 87 26.41 -39.93 2.94
C LEU C 87 27.15 -38.60 2.97
N TYR C 88 26.48 -37.56 3.46
CA TYR C 88 26.96 -36.20 3.49
C TYR C 88 27.26 -35.81 4.94
N SER C 89 27.98 -34.69 5.06
CA SER C 89 28.41 -34.15 6.34
C SER C 89 27.22 -33.83 7.23
N ASP C 90 27.51 -33.76 8.54
CA ASP C 90 26.51 -33.64 9.60
C ASP C 90 25.59 -34.85 9.64
N GLY C 91 26.07 -36.00 9.18
CA GLY C 91 25.28 -37.21 9.30
C GLY C 91 23.99 -37.16 8.51
N VAL C 92 24.03 -36.68 7.28
CA VAL C 92 22.87 -36.71 6.41
C VAL C 92 23.03 -37.84 5.42
N ILE C 93 22.08 -38.76 5.36
CA ILE C 93 22.09 -39.75 4.28
C ILE C 93 20.97 -39.41 3.31
N LEU C 94 21.30 -39.49 2.03
CA LEU C 94 20.37 -39.28 0.95
C LEU C 94 20.21 -40.59 0.20
N LEU C 95 19.00 -41.13 0.22
CA LEU C 95 18.72 -42.34 -0.54
C LEU C 95 18.56 -42.01 -2.02
N LYS C 96 19.13 -42.87 -2.86
CA LYS C 96 18.99 -42.78 -4.30
C LYS C 96 17.84 -43.61 -4.82
N PHE C 97 17.01 -44.15 -3.94
CA PHE C 97 15.80 -44.87 -4.28
C PHE C 97 14.74 -44.61 -3.21
N SER C 98 13.48 -44.63 -3.62
CA SER C 98 12.41 -44.37 -2.67
C SER C 98 12.15 -45.63 -1.85
N PRO C 99 12.25 -45.57 -0.53
CA PRO C 99 12.31 -46.79 0.26
C PRO C 99 10.95 -47.44 0.46
N PRO C 100 10.94 -48.75 0.65
CA PRO C 100 9.74 -49.41 1.20
C PRO C 100 9.42 -48.85 2.57
N GLU C 101 8.13 -48.76 2.86
CA GLU C 101 7.68 -48.23 4.14
C GLU C 101 8.01 -49.18 5.28
N GLY C 102 8.47 -48.61 6.40
CA GLY C 102 8.77 -49.41 7.58
C GLY C 102 10.06 -48.99 8.24
N TYR C 103 10.65 -49.91 9.01
CA TYR C 103 11.78 -49.58 9.85
C TYR C 103 13.13 -49.82 9.16
N MET C 104 14.01 -48.84 9.28
CA MET C 104 15.39 -48.90 8.81
C MET C 104 16.34 -49.05 9.99
N ASP C 105 17.30 -49.96 9.89
CA ASP C 105 18.26 -50.20 10.96
C ASP C 105 19.67 -49.97 10.42
N VAL C 106 20.43 -49.11 11.10
CA VAL C 106 21.71 -48.65 10.56
C VAL C 106 22.76 -48.64 11.66
N GLU C 107 23.96 -49.05 11.31
CA GLU C 107 25.14 -49.01 12.17
C GLU C 107 26.13 -47.99 11.63
N TYR C 108 26.69 -47.17 12.51
CA TYR C 108 27.70 -46.21 12.07
C TYR C 108 28.67 -45.90 13.19
N THR C 109 29.86 -45.45 12.79
CA THR C 109 30.90 -45.04 13.74
C THR C 109 30.90 -43.51 13.86
N GLN C 110 30.90 -43.01 15.10
CA GLN C 110 30.51 -41.63 15.36
C GLN C 110 31.67 -40.66 15.56
N GLY C 111 32.91 -41.13 15.69
CA GLY C 111 34.04 -40.22 15.69
C GLY C 111 34.03 -39.24 16.86
N GLY C 112 34.14 -37.96 16.54
CA GLY C 112 34.00 -36.90 17.53
C GLY C 112 34.62 -35.60 17.02
N PHE C 113 34.83 -34.67 17.96
CA PHE C 113 35.76 -33.57 17.73
C PHE C 113 37.19 -34.07 17.56
N ASN C 114 37.91 -33.41 16.64
CA ASN C 114 39.37 -33.42 16.66
C ASN C 114 39.91 -32.17 15.99
N PRO C 115 40.95 -31.54 16.55
CA PRO C 115 41.35 -31.58 17.96
C PRO C 115 40.33 -30.88 18.85
N ILE C 116 40.36 -31.17 20.15
CA ILE C 116 39.44 -30.51 21.08
C ILE C 116 39.68 -29.01 21.08
N PRO C 117 38.66 -28.17 20.90
CA PRO C 117 38.91 -26.74 20.78
C PRO C 117 39.33 -26.13 22.11
N GLU C 118 40.20 -25.11 22.02
CA GLU C 118 40.74 -24.43 23.20
C GLU C 118 39.69 -23.77 24.07
N ASP C 119 38.56 -23.36 23.50
CA ASP C 119 37.51 -22.77 24.33
C ASP C 119 36.84 -23.79 25.24
N LEU C 120 36.59 -25.00 24.76
CA LEU C 120 36.11 -26.03 25.68
C LEU C 120 37.14 -26.32 26.77
N LYS C 121 38.41 -26.38 26.40
CA LYS C 121 39.45 -26.64 27.38
C LYS C 121 39.47 -25.56 28.47
N LEU C 122 39.26 -24.31 28.07
CA LEU C 122 39.16 -23.26 29.06
C LEU C 122 37.91 -23.41 29.92
N ALA C 123 36.77 -23.68 29.29
CA ALA C 123 35.54 -23.75 30.06
C ALA C 123 35.61 -24.85 31.10
N ALA C 124 36.21 -25.98 30.73
CA ALA C 124 36.48 -27.04 31.71
C ALA C 124 37.34 -26.55 32.87
N CYS C 125 38.42 -25.82 32.57
CA CYS C 125 39.21 -25.29 33.67
C CYS C 125 38.40 -24.36 34.58
N MET C 126 37.56 -23.52 34.00
CA MET C 126 36.74 -22.63 34.83
C MET C 126 35.71 -23.38 35.65
N LEU C 127 35.19 -24.50 35.14
CA LEU C 127 34.28 -25.31 35.93
C LEU C 127 34.98 -25.98 37.09
N VAL C 128 36.17 -26.52 36.85
CA VAL C 128 36.93 -27.12 37.93
C VAL C 128 37.21 -26.09 39.01
N ASP C 129 37.62 -24.88 38.63
CA ASP C 129 37.77 -23.83 39.63
C ASP C 129 36.47 -23.56 40.35
N HIS C 130 35.35 -23.55 39.63
CA HIS C 130 34.06 -23.23 40.25
C HIS C 130 33.73 -24.20 41.38
N TRP C 131 33.86 -25.50 41.13
CA TRP C 131 33.65 -26.45 42.22
C TRP C 131 34.73 -26.37 43.28
N HIS C 132 35.98 -26.21 42.87
CA HIS C 132 37.08 -26.28 43.83
C HIS C 132 37.04 -25.13 44.83
N LYS C 133 36.85 -23.90 44.35
CA LYS C 133 36.72 -22.78 45.29
C LYS C 133 35.37 -22.73 45.98
N GLN C 134 34.45 -23.64 45.66
CA GLN C 134 33.09 -23.62 46.20
C GLN C 134 32.39 -22.29 45.96
N ASP C 135 32.38 -21.86 44.70
CA ASP C 135 31.75 -20.59 44.33
C ASP C 135 30.29 -20.77 43.93
N TYR C 136 29.67 -21.86 44.34
CA TYR C 136 28.21 -22.02 44.28
C TYR C 136 27.52 -21.35 45.47
N ARG C 137 27.71 -20.04 45.58
CA ARG C 137 27.10 -19.26 46.65
C ARG C 137 26.62 -17.96 46.03
N GLN C 138 25.77 -17.24 46.75
CA GLN C 138 25.43 -15.91 46.27
C GLN C 138 26.34 -14.80 46.77
N ALA C 139 26.90 -14.89 47.96
CA ALA C 139 27.84 -13.89 48.40
C ALA C 139 28.72 -14.42 49.51
N LYS C 140 29.85 -13.74 49.73
CA LYS C 140 30.70 -14.05 50.86
C LYS C 140 31.30 -12.74 51.34
N THR C 141 31.68 -12.70 52.62
CA THR C 141 32.30 -11.48 53.15
C THR C 141 33.47 -11.77 54.07
N ILE C 142 34.21 -12.85 53.85
CA ILE C 142 35.26 -13.20 54.79
C ILE C 142 36.20 -12.02 54.98
N GLY C 143 36.52 -11.72 56.23
CA GLY C 143 37.27 -10.53 56.56
C GLY C 143 36.56 -9.26 56.15
N GLY C 144 37.30 -8.37 55.48
CA GLY C 144 36.67 -7.21 54.87
C GLY C 144 36.22 -7.31 53.42
N GLU C 145 36.88 -8.11 52.59
CA GLU C 145 36.50 -8.12 51.18
C GLU C 145 35.12 -8.76 51.02
N THR C 146 34.51 -8.53 49.86
CA THR C 146 33.17 -9.03 49.62
C THR C 146 32.92 -9.16 48.13
N VAL C 147 32.20 -10.20 47.73
CA VAL C 147 31.93 -10.49 46.33
C VAL C 147 30.49 -10.94 46.21
N THR C 148 29.90 -10.70 45.05
CA THR C 148 28.61 -11.24 44.66
C THR C 148 28.73 -12.02 43.36
N PHE C 149 28.20 -13.23 43.34
CA PHE C 149 28.43 -14.18 42.26
C PHE C 149 27.40 -14.02 41.15
N ASN C 150 27.69 -14.67 40.03
CA ASN C 150 26.87 -14.56 38.82
C ASN C 150 25.44 -15.00 39.05
N ASN C 151 24.55 -14.46 38.22
CA ASN C 151 23.17 -14.94 38.10
C ASN C 151 23.19 -16.21 37.26
N THR C 152 23.44 -17.33 37.93
CA THR C 152 23.59 -18.61 37.23
C THR C 152 22.30 -19.01 36.52
N LYS C 153 22.46 -19.77 35.44
CA LYS C 153 21.38 -20.14 34.54
C LYS C 153 21.45 -21.61 34.23
N SER C 154 20.31 -22.30 34.32
CA SER C 154 20.26 -23.77 34.42
C SER C 154 21.18 -24.32 35.49
N GLY C 155 21.42 -23.54 36.54
CA GLY C 155 22.43 -23.84 37.54
C GLY C 155 23.86 -23.82 37.07
N ILE C 156 24.12 -23.53 35.80
CA ILE C 156 25.49 -23.42 35.30
C ILE C 156 25.90 -21.95 35.34
N PRO C 157 27.06 -21.62 35.90
CA PRO C 157 27.42 -20.20 36.01
C PRO C 157 27.39 -19.56 34.63
N GLU C 158 26.87 -18.33 34.59
CA GLU C 158 26.52 -17.74 33.30
C GLU C 158 27.72 -17.58 32.40
N HIS C 159 28.87 -17.21 32.95
CA HIS C 159 30.08 -17.03 32.16
C HIS C 159 30.63 -18.33 31.58
N ILE C 160 30.23 -19.49 32.11
CA ILE C 160 30.54 -20.75 31.45
C ILE C 160 29.55 -21.08 30.35
N ARG C 161 28.27 -20.77 30.56
CA ARG C 161 27.23 -21.32 29.70
C ARG C 161 27.34 -20.86 28.25
N THR C 162 27.84 -19.65 28.00
CA THR C 162 27.97 -19.20 26.63
C THR C 162 28.85 -20.14 25.79
N ILE C 163 29.94 -20.63 26.38
CA ILE C 163 30.84 -21.49 25.61
C ILE C 163 30.22 -22.84 25.34
N ILE C 164 29.46 -23.37 26.29
CA ILE C 164 28.69 -24.58 26.05
C ILE C 164 27.68 -24.37 24.93
N GLU C 165 26.90 -23.30 25.00
CA GLU C 165 25.83 -23.09 24.03
C GLU C 165 26.36 -22.86 22.62
N VAL C 166 27.52 -22.23 22.50
CA VAL C 166 28.17 -22.15 21.19
C VAL C 166 28.42 -23.53 20.59
N TYR C 167 28.53 -24.58 21.40
CA TYR C 167 28.61 -25.93 20.87
C TYR C 167 27.44 -26.85 21.19
N ARG C 168 26.54 -26.45 22.09
CA ARG C 168 25.51 -27.39 22.52
C ARG C 168 24.73 -27.91 21.33
N ARG C 169 24.81 -29.21 21.11
CA ARG C 169 24.17 -29.84 19.95
C ARG C 169 22.66 -29.79 20.11
N VAL C 170 21.96 -29.62 18.99
CA VAL C 170 20.51 -29.47 18.99
C VAL C 170 20.06 -28.45 20.02
N MET D 1 42.02 -19.09 12.21
CA MET D 1 41.73 -17.67 12.36
C MET D 1 42.39 -17.12 13.61
N GLN D 2 43.20 -16.09 13.44
CA GLN D 2 43.78 -15.36 14.56
C GLN D 2 43.38 -13.89 14.44
N ILE D 3 42.59 -13.44 15.40
CA ILE D 3 42.24 -12.03 15.52
C ILE D 3 43.33 -11.27 16.26
N ILE D 4 43.91 -11.90 17.29
CA ILE D 4 45.04 -11.34 18.02
C ILE D 4 46.05 -12.44 18.25
N THR D 5 47.30 -12.04 18.41
CA THR D 5 48.27 -12.86 19.12
C THR D 5 49.01 -12.07 20.18
N ALA D 6 50.01 -12.70 20.80
CA ALA D 6 50.60 -12.19 22.03
C ALA D 6 51.08 -10.76 21.86
N GLU D 7 51.62 -10.43 20.69
CA GLU D 7 52.12 -9.07 20.48
C GLU D 7 51.00 -8.05 20.44
N ASP D 8 49.85 -8.42 19.89
CA ASP D 8 48.72 -7.50 19.87
C ASP D 8 48.22 -7.19 21.27
N TYR D 9 48.07 -8.22 22.10
CA TYR D 9 47.70 -7.98 23.48
C TYR D 9 48.78 -7.22 24.23
N ARG D 10 50.06 -7.50 23.95
CA ARG D 10 51.14 -6.78 24.61
C ARG D 10 51.10 -5.30 24.28
N LEU D 11 50.83 -4.95 23.03
CA LEU D 11 50.62 -3.55 22.67
C LEU D 11 49.44 -2.94 23.39
N TYR D 12 48.31 -3.64 23.39
CA TYR D 12 47.12 -3.06 24.03
C TYR D 12 47.35 -2.83 25.52
N GLY D 13 47.86 -3.84 26.22
CA GLY D 13 48.07 -3.72 27.65
C GLY D 13 49.23 -2.84 28.03
N GLY D 14 50.26 -2.77 27.20
CA GLY D 14 51.50 -2.11 27.54
C GLY D 14 52.37 -2.92 28.48
N LEU D 15 52.32 -4.25 28.37
CA LEU D 15 53.06 -5.14 29.25
C LEU D 15 54.56 -5.12 28.98
N LYS D 16 55.33 -5.11 30.06
CA LYS D 16 56.79 -5.05 30.02
C LYS D 16 57.45 -6.13 30.85
N ARG D 17 56.67 -6.96 31.55
CA ARG D 17 57.16 -8.28 31.89
C ARG D 17 57.74 -8.93 30.63
N PRO D 18 58.83 -9.69 30.74
CA PRO D 18 59.41 -10.30 29.54
C PRO D 18 58.54 -11.34 28.87
N GLU D 19 57.62 -11.99 29.57
CA GLU D 19 56.77 -12.98 28.91
C GLU D 19 55.38 -12.99 29.54
N LEU D 20 54.44 -13.50 28.77
CA LEU D 20 53.11 -13.80 29.29
C LEU D 20 53.15 -15.06 30.14
N GLU D 21 52.31 -15.10 31.16
CA GLU D 21 52.00 -16.35 31.83
C GLU D 21 51.14 -17.24 30.95
N SER D 22 51.22 -18.55 31.20
CA SER D 22 50.45 -19.54 30.45
C SER D 22 48.94 -19.27 30.53
N GLY D 23 48.48 -18.69 31.62
CA GLY D 23 47.11 -18.23 31.70
C GLY D 23 46.70 -17.31 30.57
N VAL D 24 47.42 -16.21 30.40
CA VAL D 24 47.10 -15.27 29.33
C VAL D 24 47.20 -15.91 27.96
N GLU D 25 48.20 -16.75 27.74
CA GLU D 25 48.37 -17.31 26.40
C GLU D 25 47.28 -18.33 26.07
N MET D 26 46.85 -19.10 27.05
CA MET D 26 45.69 -19.96 26.82
C MET D 26 44.43 -19.15 26.61
N MET D 27 44.22 -18.11 27.40
CA MET D 27 43.05 -17.28 27.22
C MET D 27 43.00 -16.61 25.85
N ILE D 28 44.14 -16.13 25.35
CA ILE D 28 44.23 -15.67 23.96
C ILE D 28 43.85 -16.76 22.96
N THR D 29 44.32 -17.98 23.19
CA THR D 29 44.02 -19.03 22.21
C THR D 29 42.55 -19.40 22.22
N ALA D 30 41.93 -19.38 23.40
CA ALA D 30 40.49 -19.60 23.48
C ALA D 30 39.70 -18.44 22.90
N ALA D 31 40.16 -17.21 23.14
CA ALA D 31 39.42 -16.04 22.67
C ALA D 31 39.35 -15.98 21.15
N ASN D 32 40.45 -16.28 20.46
CA ASN D 32 40.40 -16.44 19.01
C ASN D 32 39.29 -17.39 18.57
N ALA D 33 39.23 -18.57 19.17
CA ALA D 33 38.25 -19.58 18.74
C ALA D 33 36.83 -19.15 19.08
N LEU D 34 36.62 -18.58 20.26
CA LEU D 34 35.26 -18.19 20.61
C LEU D 34 34.76 -17.06 19.72
N ILE D 35 35.56 -16.02 19.52
CA ILE D 35 35.05 -14.95 18.67
C ILE D 35 34.89 -15.45 17.24
N THR D 36 35.76 -16.35 16.79
CA THR D 36 35.56 -17.00 15.50
C THR D 36 34.17 -17.61 15.42
N SER D 37 33.71 -18.19 16.52
CA SER D 37 32.51 -19.03 16.45
C SER D 37 31.24 -18.24 16.68
N LEU D 38 31.26 -17.27 17.60
CA LEU D 38 30.10 -16.41 17.82
C LEU D 38 29.75 -15.57 16.61
N LEU D 39 30.72 -15.22 15.78
CA LEU D 39 30.35 -14.57 14.53
C LEU D 39 29.62 -15.50 13.58
N GLY D 40 29.66 -16.80 13.82
CA GLY D 40 29.06 -17.75 12.91
C GLY D 40 29.90 -18.06 11.71
N MET D 41 31.13 -17.55 11.64
CA MET D 41 32.09 -18.07 10.70
C MET D 41 32.55 -19.46 11.13
N ASP D 42 33.30 -20.10 10.24
CA ASP D 42 34.13 -21.23 10.61
C ASP D 42 35.43 -21.18 9.83
N ASP D 43 36.39 -21.99 10.26
CA ASP D 43 37.75 -21.92 9.76
C ASP D 43 38.01 -22.93 8.64
N ALA D 44 36.97 -23.52 8.06
CA ALA D 44 37.16 -24.39 6.92
C ALA D 44 37.54 -23.59 5.68
N ASP D 45 38.33 -24.20 4.81
CA ASP D 45 38.70 -23.59 3.54
C ASP D 45 37.73 -23.90 2.41
N ALA D 46 37.45 -25.18 2.17
CA ALA D 46 36.50 -25.59 1.14
C ALA D 46 35.26 -26.17 1.79
N VAL D 47 34.10 -25.76 1.29
CA VAL D 47 32.81 -26.09 1.88
C VAL D 47 31.95 -26.76 0.82
N ASP D 48 31.15 -27.72 1.26
CA ASP D 48 30.22 -28.47 0.42
C ASP D 48 28.83 -28.24 0.97
N GLN D 49 27.89 -27.92 0.08
CA GLN D 49 26.54 -27.59 0.52
C GLN D 49 25.53 -28.23 -0.41
N LEU D 50 24.43 -28.69 0.18
CA LEU D 50 23.33 -29.30 -0.54
C LEU D 50 22.05 -28.49 -0.35
N ILE D 51 21.43 -28.11 -1.46
CA ILE D 51 20.36 -27.12 -1.50
C ILE D 51 19.16 -27.75 -2.20
N ASN D 52 17.98 -27.57 -1.62
CA ASN D 52 16.76 -27.93 -2.34
C ASN D 52 16.44 -26.87 -3.38
N THR D 53 16.09 -27.30 -4.60
CA THR D 53 15.87 -26.40 -5.71
C THR D 53 14.57 -26.74 -6.44
N LYS D 54 13.97 -25.71 -7.03
CA LYS D 54 12.68 -25.77 -7.70
C LYS D 54 12.72 -24.92 -8.95
N PRO D 55 12.00 -25.32 -10.01
CA PRO D 55 12.07 -24.57 -11.28
C PRO D 55 11.57 -23.15 -11.18
N THR D 56 10.71 -22.85 -10.20
CA THR D 56 10.23 -21.50 -9.96
C THR D 56 11.29 -20.55 -9.44
N ARG D 57 12.44 -21.06 -8.99
CA ARG D 57 13.40 -20.27 -8.23
C ARG D 57 14.78 -20.36 -8.87
N LYS D 58 15.43 -19.21 -9.02
CA LYS D 58 16.74 -19.16 -9.65
C LYS D 58 17.77 -18.28 -8.95
N LYS D 59 17.40 -17.55 -7.90
CA LYS D 59 18.37 -17.05 -6.94
C LYS D 59 18.59 -18.07 -5.84
N TYR D 60 19.84 -18.37 -5.54
CA TYR D 60 20.18 -19.25 -4.44
C TYR D 60 21.27 -18.61 -3.59
N PHE D 61 21.18 -18.82 -2.28
CA PHE D 61 22.08 -18.17 -1.33
C PHE D 61 23.04 -19.21 -0.79
N LEU D 62 24.34 -18.93 -0.92
CA LEU D 62 25.35 -19.79 -0.34
C LEU D 62 25.39 -19.64 1.17
N SER D 63 25.85 -20.70 1.84
CA SER D 63 25.80 -20.77 3.30
C SER D 63 26.74 -19.79 3.98
N SER D 64 27.72 -19.26 3.27
CA SER D 64 28.62 -18.31 3.92
C SER D 64 28.98 -17.14 3.01
N PRO D 65 28.50 -15.93 3.31
CA PRO D 65 28.51 -14.85 2.31
C PRO D 65 29.90 -14.39 1.91
N SER D 66 30.94 -14.87 2.58
CA SER D 66 32.30 -14.61 2.14
C SER D 66 32.78 -15.57 1.06
N ALA D 67 31.93 -16.49 0.62
CA ALA D 67 32.28 -17.40 -0.47
C ALA D 67 32.87 -16.64 -1.65
N THR D 68 34.03 -17.08 -2.11
CA THR D 68 34.76 -16.33 -3.11
C THR D 68 34.72 -16.93 -4.51
N SER D 69 34.52 -18.24 -4.64
CA SER D 69 34.37 -18.85 -5.96
C SER D 69 33.70 -20.21 -5.84
N VAL D 70 32.67 -20.43 -6.65
CA VAL D 70 32.15 -21.78 -6.83
C VAL D 70 33.10 -22.61 -7.67
N THR D 71 33.29 -23.87 -7.28
CA THR D 71 34.29 -24.72 -7.91
C THR D 71 33.71 -26.02 -8.45
N LYS D 72 32.51 -26.40 -8.03
CA LYS D 72 31.69 -27.35 -8.75
C LYS D 72 30.24 -27.10 -8.37
N MET D 73 29.33 -27.29 -9.32
CA MET D 73 27.93 -27.40 -8.98
C MET D 73 27.27 -28.43 -9.88
N THR D 74 26.30 -29.15 -9.32
CA THR D 74 25.67 -30.23 -10.04
C THR D 74 24.25 -30.40 -9.53
N ILE D 75 23.37 -30.86 -10.41
CA ILE D 75 21.97 -31.09 -10.08
C ILE D 75 21.63 -32.53 -10.41
N ASN D 76 21.08 -33.24 -9.43
CA ASN D 76 20.75 -34.66 -9.56
C ASN D 76 21.93 -35.46 -10.10
N ASP D 77 23.15 -35.02 -9.74
CA ASP D 77 24.39 -35.56 -10.28
C ASP D 77 24.48 -35.40 -11.79
N LYS D 78 23.81 -34.39 -12.34
CA LYS D 78 24.09 -33.90 -13.67
C LYS D 78 24.85 -32.59 -13.55
N GLU D 79 26.08 -32.57 -14.05
CA GLU D 79 26.91 -31.39 -13.91
C GLU D 79 26.49 -30.30 -14.90
N ILE D 80 26.70 -29.06 -14.49
CA ILE D 80 26.34 -27.88 -15.27
C ILE D 80 27.53 -26.93 -15.29
N ASP D 81 27.54 -26.03 -16.28
CA ASP D 81 28.79 -25.36 -16.59
C ASP D 81 28.73 -23.86 -16.31
N PRO D 82 29.90 -23.27 -16.02
CA PRO D 82 29.94 -21.87 -15.55
C PRO D 82 29.30 -20.84 -16.45
N GLU D 83 28.93 -21.18 -17.69
CA GLU D 83 28.14 -20.22 -18.44
C GLU D 83 26.69 -20.18 -17.96
N GLN D 84 26.22 -21.24 -17.33
CA GLN D 84 24.82 -21.36 -16.96
C GLN D 84 24.49 -20.67 -15.64
N TYR D 85 25.40 -19.89 -15.07
CA TYR D 85 25.07 -19.14 -13.86
C TYR D 85 26.00 -17.95 -13.72
N LYS D 86 25.67 -17.09 -12.77
CA LYS D 86 26.48 -15.94 -12.40
C LYS D 86 26.58 -15.85 -10.89
N LEU D 87 27.77 -15.50 -10.39
CA LEU D 87 28.02 -15.47 -8.95
C LEU D 87 28.30 -14.05 -8.49
N TYR D 88 27.46 -13.54 -7.60
CA TYR D 88 27.50 -12.18 -7.11
C TYR D 88 27.94 -12.19 -5.65
N SER D 89 28.28 -11.00 -5.18
CA SER D 89 28.77 -10.79 -3.83
C SER D 89 27.76 -11.22 -2.78
N ASP D 90 28.27 -11.46 -1.57
CA ASP D 90 27.51 -12.06 -0.47
C ASP D 90 27.04 -13.46 -0.81
N GLY D 91 27.75 -14.16 -1.70
CA GLY D 91 27.41 -15.54 -1.97
C GLY D 91 26.04 -15.71 -2.58
N VAL D 92 25.68 -14.88 -3.54
CA VAL D 92 24.42 -15.03 -4.27
C VAL D 92 24.72 -15.66 -5.61
N ILE D 93 24.12 -16.79 -5.94
CA ILE D 93 24.21 -17.30 -7.30
C ILE D 93 22.88 -17.10 -7.99
N LEU D 94 22.95 -16.64 -9.23
CA LEU D 94 21.80 -16.44 -10.08
C LEU D 94 21.91 -17.41 -11.24
N LEU D 95 20.95 -18.32 -11.34
CA LEU D 95 20.90 -19.24 -12.46
C LEU D 95 20.37 -18.54 -13.70
N LYS D 96 20.99 -18.83 -14.84
CA LYS D 96 20.54 -18.33 -16.13
C LYS D 96 19.61 -19.31 -16.83
N PHE D 97 19.20 -20.36 -16.14
CA PHE D 97 18.22 -21.32 -16.63
C PHE D 97 17.37 -21.80 -15.47
N SER D 98 16.12 -22.15 -15.75
CA SER D 98 15.22 -22.62 -14.69
C SER D 98 15.54 -24.07 -14.39
N PRO D 99 15.88 -24.41 -13.15
CA PRO D 99 16.48 -25.71 -12.87
C PRO D 99 15.46 -26.83 -12.83
N PRO D 100 15.87 -28.05 -13.13
CA PRO D 100 15.09 -29.22 -12.77
C PRO D 100 14.88 -29.29 -11.27
N GLU D 101 13.72 -29.77 -10.86
CA GLU D 101 13.40 -29.88 -9.45
C GLU D 101 14.23 -30.96 -8.76
N GLY D 102 14.70 -30.66 -7.54
CA GLY D 102 15.46 -31.62 -6.79
C GLY D 102 16.67 -31.00 -6.12
N TYR D 103 17.65 -31.83 -5.79
CA TYR D 103 18.79 -31.41 -4.98
C TYR D 103 19.96 -30.92 -5.81
N MET D 104 20.51 -29.77 -5.41
CA MET D 104 21.71 -29.19 -5.97
C MET D 104 22.88 -29.36 -5.01
N ASP D 105 24.03 -29.77 -5.52
CA ASP D 105 25.21 -29.98 -4.69
C ASP D 105 26.34 -29.10 -5.20
N VAL D 106 26.93 -28.29 -4.32
CA VAL D 106 27.86 -27.26 -4.75
C VAL D 106 29.06 -27.22 -3.81
N GLU D 107 30.24 -27.03 -4.39
CA GLU D 107 31.50 -26.85 -3.67
C GLU D 107 31.99 -25.42 -3.86
N TYR D 108 32.43 -24.79 -2.79
CA TYR D 108 32.98 -23.44 -2.92
C TYR D 108 34.02 -23.17 -1.85
N THR D 109 34.91 -22.23 -2.14
CA THR D 109 35.93 -21.79 -1.19
C THR D 109 35.49 -20.50 -0.51
N GLN D 110 35.59 -20.45 0.81
CA GLN D 110 34.86 -19.47 1.59
C GLN D 110 35.67 -18.27 2.06
N GLY D 111 37.00 -18.28 1.90
CA GLY D 111 37.77 -17.07 2.15
C GLY D 111 37.69 -16.58 3.59
N GLY D 112 37.33 -15.31 3.77
CA GLY D 112 37.08 -14.76 5.08
C GLY D 112 37.15 -13.24 5.05
N PHE D 113 37.24 -12.64 6.25
CA PHE D 113 37.74 -11.27 6.36
C PHE D 113 39.18 -11.14 5.91
N ASN D 114 39.46 -10.01 5.25
CA ASN D 114 40.82 -9.50 5.16
C ASN D 114 40.80 -8.00 4.95
N PRO D 115 41.68 -7.24 5.62
CA PRO D 115 42.35 -7.59 6.88
C PRO D 115 41.37 -7.62 8.04
N ILE D 116 41.75 -8.28 9.14
CA ILE D 116 40.88 -8.34 10.31
C ILE D 116 40.64 -6.93 10.85
N PRO D 117 39.40 -6.51 11.07
CA PRO D 117 39.17 -5.12 11.47
C PRO D 117 39.64 -4.86 12.90
N GLU D 118 40.10 -3.63 13.11
CA GLU D 118 40.64 -3.22 14.41
C GLU D 118 39.64 -3.30 15.55
N ASP D 119 38.34 -3.17 15.26
CA ASP D 119 37.36 -3.29 16.33
C ASP D 119 37.23 -4.71 16.85
N LEU D 120 37.27 -5.71 15.98
CA LEU D 120 37.33 -7.09 16.48
C LEU D 120 38.60 -7.31 17.31
N LYS D 121 39.72 -6.78 16.84
CA LYS D 121 40.97 -6.95 17.57
C LYS D 121 40.88 -6.36 18.97
N LEU D 122 40.22 -5.21 19.09
CA LEU D 122 39.99 -4.63 20.41
C LEU D 122 39.06 -5.49 21.24
N ALA D 123 37.95 -5.93 20.65
CA ALA D 123 36.98 -6.69 21.43
C ALA D 123 37.60 -7.96 21.98
N ALA D 124 38.43 -8.62 21.18
CA ALA D 124 39.19 -9.76 21.67
C ALA D 124 40.08 -9.39 22.85
N CYS D 125 40.79 -8.27 22.76
CA CYS D 125 41.60 -7.86 23.92
C CYS D 125 40.74 -7.64 25.17
N MET D 126 39.58 -7.02 25.01
CA MET D 126 38.72 -6.80 26.17
C MET D 126 38.15 -8.10 26.72
N LEU D 127 37.92 -9.09 25.88
CA LEU D 127 37.47 -10.38 26.39
C LEU D 127 38.57 -11.10 27.16
N VAL D 128 39.79 -11.07 26.64
CA VAL D 128 40.91 -11.66 27.36
C VAL D 128 41.06 -11.00 28.72
N ASP D 129 40.99 -9.68 28.77
CA ASP D 129 41.01 -9.01 30.09
C ASP D 129 39.86 -9.48 30.96
N HIS D 130 38.67 -9.65 30.37
CA HIS D 130 37.51 -10.02 31.18
C HIS D 130 37.71 -11.35 31.88
N TRP D 131 38.18 -12.36 31.16
CA TRP D 131 38.50 -13.62 31.84
C TRP D 131 39.70 -13.51 32.76
N HIS D 132 40.74 -12.78 32.35
CA HIS D 132 41.96 -12.75 33.12
C HIS D 132 41.78 -12.08 34.47
N LYS D 133 41.13 -10.92 34.51
CA LYS D 133 40.85 -10.29 35.79
C LYS D 133 39.71 -10.94 36.55
N GLN D 134 39.08 -11.97 36.00
CA GLN D 134 37.92 -12.61 36.62
C GLN D 134 36.81 -11.62 36.94
N ASP D 135 36.40 -10.85 35.93
CA ASP D 135 35.36 -9.86 36.09
C ASP D 135 33.98 -10.40 35.78
N TYR D 136 33.81 -11.72 35.81
CA TYR D 136 32.51 -12.35 35.80
C TYR D 136 31.89 -12.40 37.20
N ARG D 137 31.69 -11.22 37.78
CA ARG D 137 31.09 -11.10 39.11
C ARG D 137 30.12 -9.93 39.05
N GLN D 138 29.25 -9.84 40.05
CA GLN D 138 28.43 -8.63 40.12
C GLN D 138 29.03 -7.49 40.92
N ALA D 139 29.82 -7.76 41.96
CA ALA D 139 30.49 -6.67 42.65
C ALA D 139 31.69 -7.19 43.43
N LYS D 140 32.57 -6.26 43.79
CA LYS D 140 33.69 -6.58 44.66
C LYS D 140 33.94 -5.37 45.54
N THR D 141 34.54 -5.60 46.71
CA THR D 141 34.84 -4.49 47.59
C THR D 141 36.21 -4.61 48.26
N ILE D 142 37.18 -5.23 47.59
CA ILE D 142 38.46 -5.45 48.25
C ILE D 142 39.00 -4.14 48.79
N GLY D 143 39.46 -4.17 50.03
CA GLY D 143 39.86 -2.96 50.72
C GLY D 143 38.73 -1.95 50.87
N GLY D 144 39.00 -0.70 50.52
CA GLY D 144 37.94 0.28 50.42
C GLY D 144 37.26 0.50 49.09
N GLU D 145 37.95 0.30 47.97
CA GLU D 145 37.31 0.60 46.69
C GLU D 145 36.20 -0.40 46.42
N THR D 146 35.33 -0.05 45.47
CA THR D 146 34.18 -0.89 45.17
C THR D 146 33.69 -0.62 43.76
N VAL D 147 33.25 -1.67 43.06
CA VAL D 147 32.81 -1.56 41.68
C VAL D 147 31.59 -2.45 41.51
N THR D 148 30.74 -2.07 40.58
CA THR D 148 29.63 -2.89 40.12
C THR D 148 29.72 -3.11 38.62
N PHE D 149 29.59 -4.35 38.19
CA PHE D 149 29.88 -4.75 36.83
C PHE D 149 28.65 -4.64 35.94
N ASN D 150 28.89 -4.74 34.63
CA ASN D 150 27.86 -4.55 33.63
C ASN D 150 26.70 -5.53 33.78
N ASN D 151 25.54 -5.11 33.28
CA ASN D 151 24.39 -5.98 33.09
C ASN D 151 24.62 -6.82 31.85
N THR D 152 25.34 -7.93 32.03
CA THR D 152 25.72 -8.76 30.90
C THR D 152 24.51 -9.36 30.20
N LYS D 153 24.67 -9.62 28.90
CA LYS D 153 23.60 -10.05 28.02
C LYS D 153 24.06 -11.22 27.18
N SER D 154 23.23 -12.26 27.10
CA SER D 154 23.67 -13.59 26.65
C SER D 154 24.91 -14.09 27.37
N GLY D 155 25.10 -13.64 28.61
CA GLY D 155 26.32 -13.87 29.34
C GLY D 155 27.56 -13.19 28.80
N ILE D 156 27.45 -12.43 27.72
CA ILE D 156 28.59 -11.70 27.18
C ILE D 156 28.53 -10.27 27.73
N PRO D 157 29.60 -9.73 28.29
CA PRO D 157 29.54 -8.40 28.88
C PRO D 157 29.03 -7.40 27.86
N GLU D 158 28.16 -6.50 28.30
CA GLU D 158 27.39 -5.70 27.37
C GLU D 158 28.29 -4.84 26.49
N HIS D 159 29.35 -4.28 27.05
CA HIS D 159 30.25 -3.43 26.28
C HIS D 159 31.05 -4.19 25.22
N ILE D 160 31.14 -5.52 25.32
CA ILE D 160 31.70 -6.30 24.22
C ILE D 160 30.64 -6.59 23.16
N ARG D 161 29.41 -6.85 23.57
CA ARG D 161 28.44 -7.43 22.64
C ARG D 161 28.10 -6.53 21.47
N THR D 162 28.14 -5.21 21.64
CA THR D 162 27.85 -4.32 20.52
C THR D 162 28.78 -4.56 19.34
N ILE D 163 30.07 -4.78 19.60
CA ILE D 163 31.02 -4.96 18.52
C ILE D 163 30.80 -6.30 17.81
N ILE D 164 30.45 -7.33 18.56
CA ILE D 164 30.06 -8.60 17.94
C ILE D 164 28.83 -8.41 17.06
N GLU D 165 27.79 -7.78 17.59
CA GLU D 165 26.54 -7.68 16.84
C GLU D 165 26.69 -6.84 15.59
N VAL D 166 27.53 -5.81 15.62
CA VAL D 166 27.85 -5.09 14.39
C VAL D 166 28.39 -6.03 13.30
N TYR D 167 28.97 -7.17 13.65
CA TYR D 167 29.36 -8.15 12.64
C TYR D 167 28.62 -9.47 12.71
N ARG D 168 27.84 -9.75 13.74
CA ARG D 168 27.26 -11.08 13.89
C ARG D 168 26.45 -11.43 12.65
N ARG D 169 26.88 -12.48 11.96
CA ARG D 169 26.24 -12.88 10.72
C ARG D 169 24.86 -13.44 10.99
N VAL D 170 23.94 -13.18 10.08
CA VAL D 170 22.54 -13.56 10.24
C VAL D 170 22.01 -13.16 11.61
N ASP E 2 55.49 22.37 48.28
CA ASP E 2 55.91 21.15 48.97
C ASP E 2 56.08 20.01 47.99
N HIS E 3 56.78 18.96 48.42
CA HIS E 3 57.43 18.02 47.50
C HIS E 3 56.67 16.70 47.39
N ARG E 4 55.35 16.73 47.56
CA ARG E 4 54.58 15.50 47.73
C ARG E 4 54.71 14.58 46.51
N THR E 5 54.51 15.13 45.32
CA THR E 5 54.65 14.32 44.11
C THR E 5 56.11 14.02 43.80
N SER E 6 56.99 15.01 43.96
CA SER E 6 58.39 14.78 43.68
C SER E 6 59.00 13.76 44.63
N ILE E 7 58.59 13.76 45.90
CA ILE E 7 59.01 12.69 46.81
C ILE E 7 58.45 11.34 46.39
N ALA E 8 57.17 11.27 46.03
CA ALA E 8 56.64 9.98 45.61
C ALA E 8 57.37 9.47 44.36
N GLN E 9 57.64 10.37 43.42
CA GLN E 9 58.43 10.04 42.24
C GLN E 9 59.82 9.53 42.60
N ALA E 10 60.47 10.19 43.55
CA ALA E 10 61.81 9.78 43.95
C ALA E 10 61.80 8.39 44.55
N LEU E 11 60.83 8.10 45.40
CA LEU E 11 60.75 6.77 45.99
C LEU E 11 60.42 5.70 44.94
N VAL E 12 59.54 6.00 44.00
CA VAL E 12 59.28 5.10 42.88
C VAL E 12 60.56 4.81 42.10
N ASP E 13 61.31 5.84 41.76
CA ASP E 13 62.61 5.68 41.11
C ASP E 13 63.54 4.81 41.93
N ARG E 14 63.63 5.05 43.23
CA ARG E 14 64.50 4.24 44.09
C ARG E 14 64.10 2.77 44.10
N ILE E 15 62.79 2.50 44.15
CA ILE E 15 62.33 1.12 44.10
C ILE E 15 62.71 0.46 42.78
N ALA E 16 62.46 1.14 41.67
CA ALA E 16 62.81 0.57 40.37
C ALA E 16 64.31 0.35 40.23
N GLN E 17 65.12 1.32 40.67
CA GLN E 17 66.58 1.20 40.56
C GLN E 17 67.14 0.06 41.40
N GLN E 18 66.77 -0.02 42.67
CA GLN E 18 67.31 -1.11 43.50
C GLN E 18 66.73 -2.47 43.16
N MET E 19 65.41 -2.58 42.96
CA MET E 19 64.83 -3.89 42.64
C MET E 19 65.40 -4.50 41.37
N ASP E 20 65.92 -3.68 40.45
CA ASP E 20 65.97 -4.02 39.03
C ASP E 20 66.56 -5.40 38.76
N GLY E 21 67.49 -5.86 39.59
CA GLY E 21 68.19 -7.10 39.31
C GLY E 21 69.65 -7.11 39.69
N SER E 22 70.18 -5.96 40.06
CA SER E 22 71.59 -5.84 40.41
C SER E 22 71.90 -6.43 41.79
N GLN E 23 70.90 -6.85 42.54
CA GLN E 23 71.05 -7.30 43.92
C GLN E 23 70.49 -8.71 44.08
N PRO E 24 71.00 -9.67 43.30
CA PRO E 24 70.25 -10.93 43.12
C PRO E 24 70.25 -11.84 44.33
N ASP E 25 71.29 -11.79 45.16
CA ASP E 25 71.29 -12.44 46.46
C ASP E 25 70.83 -11.51 47.57
N GLU E 26 70.16 -10.43 47.22
CA GLU E 26 69.74 -9.41 48.16
C GLU E 26 68.26 -9.12 48.08
N TYR E 27 67.68 -9.09 46.87
CA TYR E 27 66.25 -8.92 46.70
C TYR E 27 65.68 -10.15 46.00
N PHE E 28 64.53 -10.63 46.49
CA PHE E 28 63.88 -11.80 45.92
C PHE E 28 63.34 -11.60 44.51
N ASN E 29 63.11 -10.36 44.07
CA ASN E 29 62.31 -10.16 42.87
C ASN E 29 62.93 -9.16 41.91
N ASN E 30 62.41 -9.17 40.69
CA ASN E 30 62.55 -8.08 39.73
C ASN E 30 61.16 -7.55 39.40
N LEU E 31 61.05 -6.23 39.26
CA LEU E 31 59.75 -5.62 38.96
C LEU E 31 59.62 -5.17 37.52
N TYR E 32 60.73 -5.07 36.78
CA TYR E 32 60.70 -4.67 35.38
C TYR E 32 59.90 -3.39 35.15
N GLY E 33 59.95 -2.47 36.11
CA GLY E 33 59.21 -1.24 35.98
C GLY E 33 57.74 -1.29 36.30
N ASN E 34 57.26 -2.37 36.92
CA ASN E 34 55.90 -2.39 37.45
C ASN E 34 55.83 -1.81 38.86
N VAL E 35 56.39 -0.61 38.99
CA VAL E 35 56.12 0.27 40.11
C VAL E 35 55.84 1.67 39.58
N SER E 36 54.83 2.32 40.13
CA SER E 36 54.32 3.52 39.50
C SER E 36 53.52 4.33 40.50
N ARG E 37 53.31 5.59 40.15
CA ARG E 37 52.60 6.58 40.93
C ARG E 37 51.27 7.02 40.36
N GLN E 38 51.12 7.00 39.03
CA GLN E 38 49.97 7.59 38.36
C GLN E 38 49.12 6.55 37.65
N THR E 39 49.39 5.26 37.88
CA THR E 39 48.63 4.17 37.28
C THR E 39 48.43 3.10 38.36
N TYR E 40 47.44 3.33 39.22
CA TYR E 40 47.35 2.64 40.50
C TYR E 40 45.97 2.07 40.81
N LYS E 41 44.94 2.44 40.07
CA LYS E 41 43.63 1.84 40.24
C LYS E 41 43.68 0.38 39.81
N PHE E 42 43.08 -0.51 40.61
CA PHE E 42 43.30 -1.95 40.43
C PHE E 42 42.91 -2.42 39.04
N GLU E 43 41.91 -1.78 38.42
CA GLU E 43 41.59 -2.08 37.03
C GLU E 43 42.78 -1.91 36.11
N GLU E 44 43.65 -0.95 36.43
CA GLU E 44 44.77 -0.62 35.56
C GLU E 44 45.79 -1.74 35.47
N ILE E 45 45.95 -2.51 36.53
CA ILE E 45 47.02 -3.50 36.62
C ILE E 45 46.68 -4.74 35.81
N ARG E 46 47.61 -5.14 34.93
CA ARG E 46 47.50 -6.36 34.14
C ARG E 46 48.69 -7.30 34.34
N GLU E 47 49.59 -7.00 35.26
CA GLU E 47 50.73 -7.85 35.56
C GLU E 47 50.84 -8.02 37.06
N PHE E 48 51.47 -9.12 37.46
CA PHE E 48 51.71 -9.33 38.86
C PHE E 48 53.10 -9.90 39.08
N PRO E 49 53.81 -9.44 40.13
CA PRO E 49 53.45 -8.41 41.10
C PRO E 49 53.41 -6.99 40.57
N TYR E 50 52.82 -6.09 41.35
CA TYR E 50 52.77 -4.67 41.02
C TYR E 50 52.77 -3.88 42.32
N VAL E 51 53.44 -2.72 42.29
CA VAL E 51 53.58 -1.86 43.46
C VAL E 51 53.01 -0.49 43.15
N ALA E 52 52.01 -0.07 43.92
CA ALA E 52 51.29 1.17 43.71
C ALA E 52 51.53 2.11 44.88
N VAL E 53 51.96 3.33 44.57
CA VAL E 53 52.27 4.35 45.57
C VAL E 53 51.15 5.38 45.62
N HIS E 54 50.58 5.57 46.80
CA HIS E 54 49.53 6.56 47.04
C HIS E 54 50.08 7.64 47.97
N ILE E 55 49.48 8.83 47.90
CA ILE E 55 49.98 9.99 48.61
C ILE E 55 48.99 10.36 49.70
N GLY E 56 49.47 10.42 50.94
CA GLY E 56 48.62 10.68 52.08
C GLY E 56 48.44 12.16 52.36
N THR E 57 47.94 12.43 53.56
CA THR E 57 47.86 13.78 54.09
C THR E 57 49.26 14.31 54.41
N GLU E 58 49.50 15.57 54.06
CA GLU E 58 50.72 16.28 54.40
C GLU E 58 50.43 17.31 55.47
N THR E 59 51.24 17.33 56.52
CA THR E 59 51.01 18.18 57.67
C THR E 59 52.28 18.97 58.00
N GLY E 60 52.11 20.11 58.68
CA GLY E 60 53.23 20.99 58.97
C GLY E 60 53.39 21.31 60.44
N GLN E 61 54.56 21.85 60.79
CA GLN E 61 54.88 22.19 62.17
C GLN E 61 55.91 23.30 62.18
N TYR E 62 55.54 24.47 62.69
CA TYR E 62 56.40 25.64 62.66
C TYR E 62 57.39 25.65 63.81
N LEU E 63 58.53 26.29 63.58
CA LEU E 63 59.62 26.31 64.54
C LEU E 63 60.16 27.74 64.68
N PRO E 64 60.91 28.02 65.74
CA PRO E 64 61.02 29.40 66.24
C PRO E 64 61.46 30.46 65.23
N SER E 65 62.29 30.13 64.24
CA SER E 65 62.85 31.17 63.37
C SER E 65 62.92 30.70 61.92
N GLY E 66 61.75 30.56 61.32
CA GLY E 66 61.61 30.20 59.92
C GLY E 66 61.66 28.73 59.60
N GLN E 67 62.28 27.91 60.44
CA GLN E 67 62.26 26.48 60.18
C GLN E 67 60.84 25.93 60.34
N GLN E 68 60.53 24.89 59.57
CA GLN E 68 59.33 24.10 59.83
C GLN E 68 59.57 22.68 59.37
N TRP E 69 59.05 21.74 60.13
CA TRP E 69 58.93 20.35 59.70
C TRP E 69 57.66 20.15 58.90
N MET E 70 57.69 19.18 57.99
CA MET E 70 56.49 18.65 57.36
C MET E 70 56.55 17.13 57.37
N PHE E 71 55.37 16.52 57.50
CA PHE E 71 55.23 15.08 57.59
C PHE E 71 54.28 14.59 56.51
N LEU E 72 54.64 13.48 55.88
CA LEU E 72 53.86 12.89 54.81
C LEU E 72 53.64 11.41 55.09
N GLU E 73 52.45 10.92 54.75
CA GLU E 73 52.16 9.49 54.72
C GLU E 73 52.16 9.01 53.28
N LEU E 74 52.78 7.87 53.04
CA LEU E 74 52.60 7.11 51.81
C LEU E 74 51.97 5.76 52.07
N PRO E 75 50.65 5.61 51.90
CA PRO E 75 50.07 4.28 51.74
C PRO E 75 50.60 3.61 50.49
N ILE E 76 51.17 2.41 50.64
CA ILE E 76 51.69 1.64 49.53
C ILE E 76 50.87 0.35 49.44
N LEU E 77 50.52 -0.05 48.23
CA LEU E 77 49.80 -1.29 48.02
C LEU E 77 50.61 -2.21 47.13
N VAL E 78 50.79 -3.46 47.56
CA VAL E 78 51.48 -4.47 46.78
C VAL E 78 50.46 -5.51 46.34
N TYR E 79 50.22 -5.59 45.03
CA TYR E 79 49.26 -6.52 44.46
C TYR E 79 50.00 -7.69 43.86
N ASP E 80 49.49 -8.90 44.09
CA ASP E 80 50.22 -10.09 43.66
C ASP E 80 49.22 -11.18 43.35
N LYS E 81 49.69 -12.20 42.63
CA LYS E 81 48.83 -13.27 42.15
C LYS E 81 49.51 -14.59 42.45
N GLU E 82 48.73 -15.60 42.84
CA GLU E 82 49.29 -16.85 43.30
C GLU E 82 50.15 -17.50 42.23
N LYS E 83 51.27 -18.06 42.67
CA LYS E 83 51.96 -19.11 41.96
C LYS E 83 52.43 -20.16 42.96
N THR E 84 53.17 -19.72 43.98
CA THR E 84 53.30 -20.35 45.28
C THR E 84 52.12 -19.87 46.13
N ASP E 85 51.97 -20.41 47.33
CA ASP E 85 50.99 -19.81 48.23
C ASP E 85 51.27 -18.31 48.37
N ILE E 86 50.18 -17.55 48.27
CA ILE E 86 50.26 -16.10 48.13
C ILE E 86 50.88 -15.41 49.34
N GLN E 87 50.67 -15.95 50.55
CA GLN E 87 51.27 -15.35 51.74
C GLN E 87 52.79 -15.44 51.77
N GLU E 88 53.37 -16.48 51.19
CA GLU E 88 54.84 -16.52 51.07
C GLU E 88 55.36 -15.56 50.01
N GLN E 89 54.65 -15.41 48.90
CA GLN E 89 55.08 -14.45 47.89
C GLN E 89 55.03 -13.02 48.45
N LEU E 90 53.91 -12.67 49.09
CA LEU E 90 53.83 -11.37 49.73
C LEU E 90 54.91 -11.17 50.79
N GLU E 91 55.23 -12.21 51.57
CA GLU E 91 56.34 -12.10 52.52
C GLU E 91 57.66 -11.78 51.83
N LYS E 92 57.88 -12.35 50.64
CA LYS E 92 59.08 -11.99 49.88
C LYS E 92 59.05 -10.53 49.46
N LEU E 93 57.95 -10.08 48.87
CA LEU E 93 57.91 -8.73 48.34
C LEU E 93 58.04 -7.70 49.45
N VAL E 94 57.35 -7.91 50.57
CA VAL E 94 57.47 -7.01 51.70
C VAL E 94 58.88 -7.02 52.28
N ALA E 95 59.53 -8.19 52.35
CA ALA E 95 60.91 -8.21 52.81
C ALA E 95 61.83 -7.41 51.89
N ASP E 96 61.64 -7.53 50.58
CA ASP E 96 62.43 -6.75 49.64
C ASP E 96 62.20 -5.25 49.84
N ILE E 97 60.94 -4.82 49.85
CA ILE E 97 60.70 -3.39 49.87
C ILE E 97 61.07 -2.79 51.23
N LYS E 98 60.90 -3.54 52.32
CA LYS E 98 61.39 -3.08 53.61
C LYS E 98 62.91 -2.94 53.63
N THR E 99 63.63 -3.85 52.96
CA THR E 99 65.07 -3.69 52.87
C THR E 99 65.44 -2.43 52.10
N VAL E 100 64.78 -2.20 50.97
CA VAL E 100 65.04 -1.01 50.17
C VAL E 100 64.71 0.27 50.94
N ILE E 101 63.73 0.22 51.83
CA ILE E 101 63.47 1.35 52.73
C ILE E 101 64.57 1.53 53.75
N ASP E 102 64.99 0.46 54.42
CA ASP E 102 65.84 0.59 55.59
C ASP E 102 67.33 0.44 55.29
N THR E 103 67.72 0.40 54.02
CA THR E 103 69.12 0.31 53.67
C THR E 103 69.39 1.21 52.46
N GLY E 104 70.65 1.62 52.34
CA GLY E 104 71.02 2.74 51.50
C GLY E 104 70.79 4.09 52.17
N GLY E 105 71.28 5.13 51.50
CA GLY E 105 71.21 6.46 52.05
C GLY E 105 69.81 7.02 52.13
N ASN E 106 69.71 8.18 52.77
CA ASN E 106 68.49 8.97 52.79
C ASN E 106 67.98 9.28 51.39
N LEU E 107 66.67 9.25 51.23
CA LEU E 107 66.03 9.40 49.93
C LEU E 107 66.30 10.78 49.34
N GLU E 108 66.97 10.82 48.19
CA GLU E 108 67.13 12.06 47.44
C GLU E 108 65.97 12.29 46.48
N TYR E 109 65.57 13.55 46.36
CA TYR E 109 64.57 13.98 45.38
C TYR E 109 64.98 15.31 44.77
N THR E 110 64.54 15.57 43.55
CA THR E 110 64.94 16.75 42.79
C THR E 110 63.78 17.74 42.69
N VAL E 111 63.87 18.84 43.44
CA VAL E 111 62.79 19.81 43.53
C VAL E 111 62.85 20.74 42.32
N SER E 112 61.92 20.58 41.40
CA SER E 112 61.83 21.50 40.26
C SER E 112 61.30 22.86 40.72
N LYS E 113 61.84 23.92 40.14
CA LYS E 113 61.61 25.27 40.63
C LYS E 113 60.95 26.13 39.57
N PRO E 114 60.14 27.13 39.97
CA PRO E 114 59.52 28.01 38.96
C PRO E 114 60.51 28.75 38.09
N ASN E 115 61.74 28.94 38.55
CA ASN E 115 62.79 29.50 37.70
C ASN E 115 63.31 28.52 36.65
N GLY E 116 62.88 27.26 36.69
CA GLY E 116 63.28 26.27 35.71
C GLY E 116 64.34 25.29 36.18
N SER E 117 65.01 25.59 37.29
CA SER E 117 66.01 24.69 37.85
C SER E 117 65.35 23.48 38.50
N THR E 118 66.17 22.49 38.82
CA THR E 118 65.80 21.46 39.79
C THR E 118 66.93 21.27 40.80
N PHE E 119 66.60 21.46 42.08
CA PHE E 119 67.58 21.48 43.16
C PHE E 119 67.59 20.14 43.85
N PRO E 120 68.73 19.45 43.94
CA PRO E 120 68.79 18.15 44.60
C PRO E 120 68.72 18.29 46.11
N CYS E 121 67.75 17.62 46.73
CA CYS E 121 67.48 17.73 48.14
C CYS E 121 67.24 16.33 48.70
N GLU E 122 67.09 16.22 50.01
CA GLU E 122 67.13 14.92 50.66
C GLU E 122 66.13 14.86 51.80
N ALA E 123 65.36 13.78 51.87
CA ALA E 123 64.42 13.58 52.96
C ALA E 123 65.13 13.19 54.24
N THR E 124 64.87 13.94 55.31
CA THR E 124 65.69 13.82 56.51
C THR E 124 65.51 12.46 57.19
N ASP E 125 64.26 12.05 57.44
CA ASP E 125 63.96 10.75 58.03
C ASP E 125 62.75 10.12 57.36
N MET E 126 62.84 8.81 57.14
CA MET E 126 61.85 8.09 56.35
C MET E 126 61.71 6.68 56.88
N SER E 127 60.48 6.26 57.18
CA SER E 127 60.23 5.18 58.12
C SER E 127 58.97 4.44 57.71
N ILE E 128 59.11 3.14 57.45
CA ILE E 128 57.98 2.22 57.40
C ILE E 128 57.45 1.93 58.80
N THR E 129 56.13 2.01 58.96
CA THR E 129 55.47 1.86 60.25
C THR E 129 54.68 0.58 60.41
N SER E 130 53.95 0.12 59.39
CA SER E 130 53.10 -1.05 59.60
C SER E 130 52.84 -1.77 58.29
N VAL E 131 52.44 -3.03 58.41
CA VAL E 131 52.09 -3.90 57.29
C VAL E 131 50.83 -4.68 57.64
N SER E 132 49.96 -4.87 56.65
CA SER E 132 48.86 -5.81 56.79
C SER E 132 48.70 -6.60 55.49
N THR E 133 47.90 -7.66 55.53
CA THR E 133 47.70 -8.49 54.36
C THR E 133 46.24 -8.87 54.19
N ASP E 134 45.89 -9.24 52.97
CA ASP E 134 44.53 -9.64 52.61
C ASP E 134 44.06 -10.87 53.39
N GLU E 135 42.74 -10.96 53.56
CA GLU E 135 42.09 -12.14 54.13
C GLU E 135 42.20 -13.39 53.25
N GLY E 136 42.49 -13.23 51.96
CA GLY E 136 42.63 -14.37 51.07
C GLY E 136 41.36 -14.88 50.41
N LEU E 137 40.27 -14.11 50.41
CA LEU E 137 39.02 -14.58 49.81
C LEU E 137 39.12 -14.66 48.30
N LEU E 138 39.60 -13.60 47.66
CA LEU E 138 39.92 -13.76 46.26
C LEU E 138 41.12 -14.66 46.13
N ALA E 139 41.12 -15.44 45.06
CA ALA E 139 42.30 -16.14 44.62
C ALA E 139 42.21 -16.24 43.11
N PRO E 140 43.35 -16.25 42.43
CA PRO E 140 44.70 -16.22 42.98
C PRO E 140 45.22 -14.86 43.44
N TYR E 141 44.42 -13.79 43.40
CA TYR E 141 44.93 -12.47 43.78
C TYR E 141 45.01 -12.26 45.29
N GLY E 142 46.07 -11.58 45.71
CA GLY E 142 46.23 -11.13 47.07
C GLY E 142 46.81 -9.73 47.11
N LEU E 143 46.79 -9.14 48.31
CA LEU E 143 47.20 -7.76 48.52
C LEU E 143 47.90 -7.62 49.87
N ALA E 144 48.94 -6.79 49.93
CA ALA E 144 49.48 -6.31 51.20
C ALA E 144 49.50 -4.79 51.25
N GLU E 145 49.03 -4.23 52.37
CA GLU E 145 49.21 -2.83 52.69
C GLU E 145 50.54 -2.60 53.39
N ILE E 146 51.20 -1.49 53.05
CA ILE E 146 52.30 -0.91 53.82
C ILE E 146 51.98 0.55 54.12
N ASN E 147 52.27 1.00 55.34
CA ASN E 147 52.20 2.42 55.67
C ASN E 147 53.60 2.97 55.88
N VAL E 148 53.98 3.97 55.07
CA VAL E 148 55.26 4.65 55.18
C VAL E 148 55.04 6.06 55.69
N THR E 149 55.94 6.54 56.55
CA THR E 149 55.95 7.93 56.96
C THR E 149 57.27 8.58 56.57
N VAL E 150 57.23 9.88 56.27
CA VAL E 150 58.41 10.67 55.96
C VAL E 150 58.32 12.00 56.68
N ARG E 151 59.46 12.46 57.22
CA ARG E 151 59.64 13.82 57.70
C ARG E 151 60.64 14.55 56.84
N TYR E 152 60.27 15.74 56.36
CA TYR E 152 61.24 16.56 55.62
C TYR E 152 61.01 18.03 55.89
N GLN E 153 62.04 18.82 55.61
CA GLN E 153 62.02 20.26 55.79
C GLN E 153 62.05 20.98 54.46
N PRO E 154 61.13 21.90 54.21
CA PRO E 154 61.14 22.65 52.95
C PRO E 154 62.30 23.64 52.91
N PRO E 155 62.50 24.31 51.77
CA PRO E 155 63.28 25.56 51.79
C PRO E 155 62.73 26.56 52.81
N ARG E 156 63.65 27.35 53.37
CA ARG E 156 63.38 28.23 54.51
C ARG E 156 62.64 29.50 54.07
N ARG E 157 61.47 29.27 53.48
CA ARG E 157 60.72 30.25 52.71
C ARG E 157 60.70 31.65 53.34
N SER E 158 60.21 31.74 54.57
CA SER E 158 59.92 33.03 55.22
C SER E 158 61.16 33.84 55.58
N LEU E 159 62.35 33.24 55.57
CA LEU E 159 63.57 34.02 55.78
C LEU E 159 64.34 34.27 54.49
N ARG E 160 64.18 33.41 53.49
CA ARG E 160 64.69 33.70 52.16
C ARG E 160 63.99 34.92 51.57
N ARG E 161 62.66 34.94 51.67
CA ARG E 161 61.88 36.16 51.47
C ARG E 161 62.15 37.16 52.59
N LEU F 11 -56.75 38.77 -29.02
CA LEU F 11 -55.76 37.71 -28.97
C LEU F 11 -55.63 37.15 -27.57
N ASN F 12 -54.72 37.71 -26.79
CA ASN F 12 -54.59 37.38 -25.37
C ASN F 12 -54.01 38.60 -24.69
N PRO F 13 -54.84 39.36 -23.97
CA PRO F 13 -54.36 40.59 -23.35
C PRO F 13 -53.13 40.41 -22.48
N GLY F 14 -52.99 39.25 -21.84
CA GLY F 14 -51.86 39.03 -20.96
C GLY F 14 -50.53 38.85 -21.67
N GLN F 15 -50.54 38.71 -23.00
CA GLN F 15 -49.34 38.27 -23.70
C GLN F 15 -48.19 39.24 -23.48
N ARG F 16 -48.50 40.54 -23.56
CA ARG F 16 -47.50 41.58 -23.35
C ARG F 16 -46.81 41.43 -22.00
N ILE F 17 -47.50 40.86 -21.03
CA ILE F 17 -46.90 40.61 -19.73
C ILE F 17 -46.16 39.30 -19.72
N ILE F 18 -46.76 38.24 -20.25
CA ILE F 18 -46.08 36.95 -20.32
C ILE F 18 -44.77 37.10 -21.07
N ARG F 19 -44.79 37.88 -22.15
CA ARG F 19 -43.59 38.13 -22.93
C ARG F 19 -42.43 38.57 -22.05
N ASP F 20 -42.70 39.41 -21.06
CA ASP F 20 -41.64 39.92 -20.20
C ASP F 20 -41.19 38.94 -19.13
N MET F 21 -41.93 37.85 -18.91
CA MET F 21 -41.50 36.86 -17.94
C MET F 21 -40.35 36.01 -18.48
N GLU F 22 -40.26 35.87 -19.79
CA GLU F 22 -39.20 35.09 -20.42
C GLU F 22 -39.05 35.53 -21.87
N PRO F 23 -38.44 36.70 -22.09
CA PRO F 23 -38.45 37.29 -23.44
C PRO F 23 -37.64 36.51 -24.43
N VAL F 24 -36.64 35.77 -23.98
CA VAL F 24 -35.81 34.94 -24.85
C VAL F 24 -35.49 33.63 -24.15
N SER F 25 -35.49 32.55 -24.91
CA SER F 25 -35.16 31.25 -24.37
C SER F 25 -33.74 31.25 -23.81
N HIS F 26 -33.50 30.34 -22.88
CA HIS F 26 -32.15 30.02 -22.44
C HIS F 26 -31.94 28.53 -22.36
N ARG F 27 -30.69 28.13 -22.60
CA ARG F 27 -30.30 26.74 -22.60
C ARG F 27 -30.50 26.12 -21.21
N THR F 28 -30.63 24.81 -21.18
CA THR F 28 -30.64 24.07 -19.92
C THR F 28 -29.57 23.00 -19.80
N ASN F 29 -29.01 22.52 -20.90
CA ASN F 29 -27.88 21.59 -20.85
C ASN F 29 -26.58 22.31 -20.50
N ARG F 30 -26.51 22.78 -19.26
CA ARG F 30 -25.20 23.11 -18.71
C ARG F 30 -24.33 21.86 -18.65
N LYS F 31 -23.05 22.07 -18.34
CA LYS F 31 -22.04 21.02 -18.36
C LYS F 31 -21.91 20.27 -19.69
N PRO F 32 -21.93 20.95 -20.84
CA PRO F 32 -21.92 20.20 -22.11
C PRO F 32 -20.67 19.36 -22.32
N PHE F 33 -19.51 19.88 -21.90
CA PHE F 33 -18.27 19.13 -22.06
C PHE F 33 -18.29 17.85 -21.24
N THR F 34 -18.58 17.96 -19.95
CA THR F 34 -18.53 16.76 -19.12
C THR F 34 -19.62 15.77 -19.53
N THR F 35 -20.73 16.24 -20.08
CA THR F 35 -21.72 15.33 -20.64
C THR F 35 -21.18 14.56 -21.83
N GLY F 36 -20.46 15.24 -22.73
CA GLY F 36 -19.85 14.54 -23.84
C GLY F 36 -18.74 13.60 -23.46
N GLN F 37 -17.97 13.95 -22.42
CA GLN F 37 -17.05 13.00 -21.82
C GLN F 37 -17.77 11.77 -21.28
N ALA F 38 -18.82 11.99 -20.49
CA ALA F 38 -19.54 10.87 -19.90
C ALA F 38 -20.08 9.93 -20.97
N TYR F 39 -20.79 10.48 -21.94
CA TYR F 39 -21.31 9.65 -23.03
C TYR F 39 -20.19 8.93 -23.76
N SER F 40 -19.03 9.57 -23.91
CA SER F 40 -17.93 8.95 -24.62
C SER F 40 -17.18 7.92 -23.78
N LYS F 41 -17.38 7.89 -22.47
CA LYS F 41 -16.52 7.10 -21.60
C LYS F 41 -17.24 6.17 -20.63
N ILE F 42 -18.50 6.44 -20.29
CA ILE F 42 -19.20 5.66 -19.27
C ILE F 42 -20.19 4.75 -19.97
N GLU F 43 -20.06 3.45 -19.69
CA GLU F 43 -20.73 2.42 -20.49
C GLU F 43 -22.25 2.49 -20.40
N ILE F 44 -22.80 2.50 -19.18
CA ILE F 44 -24.24 2.39 -18.99
C ILE F 44 -25.00 3.55 -19.60
N LEU F 45 -24.40 4.74 -19.61
CA LEU F 45 -24.99 5.85 -20.33
C LEU F 45 -24.99 5.60 -21.82
N ASN F 46 -23.87 5.13 -22.35
CA ASN F 46 -23.76 4.90 -23.79
C ASN F 46 -24.78 3.87 -24.25
N ARG F 47 -24.86 2.75 -23.54
CA ARG F 47 -25.80 1.70 -23.91
C ARG F 47 -27.24 2.18 -23.83
N THR F 48 -27.65 2.80 -22.71
CA THR F 48 -29.05 3.15 -22.59
C THR F 48 -29.47 4.23 -23.59
N ALA F 49 -28.60 5.23 -23.80
CA ALA F 49 -28.88 6.21 -24.84
C ALA F 49 -28.94 5.59 -26.23
N ASN F 50 -28.01 4.71 -26.57
CA ASN F 50 -28.07 4.09 -27.88
C ASN F 50 -29.32 3.24 -28.04
N MET F 51 -29.74 2.55 -26.97
CA MET F 51 -30.98 1.78 -27.06
C MET F 51 -32.18 2.66 -27.36
N VAL F 52 -32.27 3.81 -26.69
CA VAL F 52 -33.40 4.70 -26.92
C VAL F 52 -33.37 5.27 -28.34
N ILE F 53 -32.24 5.86 -28.73
CA ILE F 53 -32.13 6.45 -30.06
C ILE F 53 -32.42 5.41 -31.14
N ASP F 54 -31.70 4.28 -31.11
CA ASP F 54 -31.85 3.26 -32.13
C ASP F 54 -33.24 2.65 -32.14
N SER F 55 -33.94 2.64 -31.01
CA SER F 55 -35.29 2.10 -31.01
C SER F 55 -36.29 3.10 -31.58
N ALA F 56 -36.15 4.38 -31.23
CA ALA F 56 -37.09 5.36 -31.71
C ALA F 56 -36.94 5.62 -33.21
N ALA F 57 -35.71 5.57 -33.71
CA ALA F 57 -35.47 5.88 -35.12
C ALA F 57 -36.21 4.97 -36.10
N GLU F 58 -36.58 3.76 -35.71
CA GLU F 58 -37.16 2.78 -36.62
C GLU F 58 -38.69 2.70 -36.60
N CYS F 59 -39.39 3.64 -35.99
CA CYS F 59 -40.84 3.73 -36.13
C CYS F 59 -41.22 4.37 -37.47
N SER F 60 -42.07 3.69 -38.24
CA SER F 60 -42.61 4.32 -39.44
C SER F 60 -43.66 5.36 -39.09
N TYR F 61 -43.91 6.28 -40.02
CA TYR F 61 -44.96 7.27 -39.86
C TYR F 61 -46.05 7.02 -40.88
N THR F 62 -47.31 7.03 -40.44
CA THR F 62 -48.44 7.02 -41.36
C THR F 62 -49.08 8.40 -41.47
N VAL F 63 -49.42 8.78 -42.69
CA VAL F 63 -50.09 10.03 -43.00
C VAL F 63 -51.57 9.76 -43.25
N GLY F 64 -52.43 10.44 -42.51
CA GLY F 64 -53.85 10.16 -42.50
C GLY F 64 -54.64 11.05 -43.43
N ASP F 65 -55.85 11.41 -43.01
CA ASP F 65 -56.71 12.38 -43.66
C ASP F 65 -56.22 13.81 -43.42
N LYS F 66 -56.81 14.73 -44.17
CA LYS F 66 -56.46 16.14 -44.13
C LYS F 66 -57.61 16.93 -43.50
N TYR F 67 -57.29 17.66 -42.45
CA TYR F 67 -58.19 18.65 -41.90
C TYR F 67 -58.28 19.86 -42.81
N ASN F 68 -59.45 20.52 -42.78
CA ASN F 68 -59.71 21.63 -43.69
C ASN F 68 -59.06 22.93 -43.24
N ILE F 69 -58.58 23.01 -42.01
CA ILE F 69 -58.03 24.25 -41.50
C ILE F 69 -56.78 24.66 -42.28
N VAL F 70 -56.57 25.97 -42.41
CA VAL F 70 -55.40 26.52 -43.06
C VAL F 70 -54.20 26.49 -42.12
N THR F 71 -53.01 26.47 -42.70
CA THR F 71 -51.78 26.33 -41.92
C THR F 71 -50.63 26.94 -42.71
N TYR F 72 -49.42 26.79 -42.19
CA TYR F 72 -48.21 27.30 -42.84
C TYR F 72 -47.87 26.52 -44.10
N ALA F 73 -47.63 25.22 -43.97
CA ALA F 73 -47.12 24.40 -45.06
C ALA F 73 -48.21 23.99 -46.05
N ASN F 74 -48.88 25.00 -46.57
CA ASN F 74 -50.14 24.82 -47.28
C ASN F 74 -49.95 23.97 -48.54
N GLY F 75 -50.98 23.19 -48.85
CA GLY F 75 -51.16 22.62 -50.18
C GLY F 75 -50.21 21.52 -50.60
N VAL F 76 -49.43 20.94 -49.68
CA VAL F 76 -48.50 19.90 -50.07
C VAL F 76 -49.26 18.60 -50.33
N LYS F 77 -49.05 18.01 -51.50
CA LYS F 77 -49.69 16.75 -51.84
C LYS F 77 -49.20 15.63 -50.93
N THR F 78 -50.15 14.76 -50.53
CA THR F 78 -49.86 13.71 -49.56
C THR F 78 -48.70 12.81 -49.98
N LYS F 79 -48.66 12.40 -51.25
CA LYS F 79 -47.57 11.55 -51.72
C LYS F 79 -46.19 12.18 -51.50
N THR F 80 -46.08 13.49 -51.63
CA THR F 80 -44.80 14.14 -51.36
C THR F 80 -44.47 14.06 -49.87
N LEU F 81 -45.43 14.39 -49.02
CA LEU F 81 -45.16 14.41 -47.59
C LEU F 81 -44.78 13.02 -47.11
N ASP F 82 -45.51 12.01 -47.58
CA ASP F 82 -45.15 10.63 -47.29
C ASP F 82 -43.74 10.28 -47.73
N THR F 83 -43.36 10.66 -48.95
CA THR F 83 -42.01 10.36 -49.42
C THR F 83 -40.95 11.07 -48.60
N LEU F 84 -41.23 12.29 -48.16
CA LEU F 84 -40.27 13.01 -47.33
C LEU F 84 -40.13 12.41 -45.95
N LEU F 85 -41.24 12.05 -45.31
CA LEU F 85 -41.18 11.49 -43.96
C LEU F 85 -40.63 10.08 -43.93
N ASN F 86 -41.16 9.20 -44.77
CA ASN F 86 -40.75 7.80 -44.80
C ASN F 86 -39.47 7.50 -45.58
N VAL F 87 -39.14 8.24 -46.65
CA VAL F 87 -38.13 7.78 -47.60
C VAL F 87 -36.92 8.69 -47.67
N ARG F 88 -37.12 9.99 -47.88
CA ARG F 88 -35.99 10.86 -48.20
C ARG F 88 -36.25 12.29 -47.73
N PRO F 89 -35.68 12.69 -46.61
CA PRO F 89 -35.94 14.04 -46.09
C PRO F 89 -35.43 15.14 -47.00
N ASN F 90 -34.28 14.95 -47.62
CA ASN F 90 -33.72 15.96 -48.50
C ASN F 90 -32.74 15.27 -49.45
N PRO F 91 -32.28 15.97 -50.48
CA PRO F 91 -31.45 15.31 -51.50
C PRO F 91 -30.15 14.72 -50.99
N PHE F 92 -29.68 15.07 -49.79
CA PHE F 92 -28.33 14.75 -49.38
C PHE F 92 -28.20 13.86 -48.16
N MET F 93 -29.23 13.72 -47.34
CA MET F 93 -29.14 13.02 -46.08
C MET F 93 -30.21 11.92 -46.04
N ASP F 94 -29.87 10.78 -45.44
CA ASP F 94 -30.83 9.69 -45.43
C ASP F 94 -31.97 10.02 -44.46
N ILE F 95 -32.94 9.11 -44.35
CA ILE F 95 -33.97 9.21 -43.32
C ILE F 95 -33.48 8.79 -41.95
N SER F 96 -32.68 7.73 -41.86
CA SER F 96 -32.27 7.25 -40.54
C SER F 96 -31.33 8.22 -39.86
N THR F 97 -30.35 8.77 -40.58
CA THR F 97 -29.47 9.74 -39.98
C THR F 97 -30.23 10.98 -39.54
N PHE F 98 -31.18 11.43 -40.35
CA PHE F 98 -32.02 12.56 -39.99
C PHE F 98 -32.80 12.30 -38.70
N ARG F 99 -33.47 11.15 -38.62
CA ARG F 99 -34.23 10.83 -37.41
C ARG F 99 -33.33 10.74 -36.19
N ARG F 100 -32.19 10.05 -36.30
CA ARG F 100 -31.31 9.93 -35.16
C ARG F 100 -30.77 11.29 -34.71
N LEU F 101 -30.44 12.17 -35.65
CA LEU F 101 -30.03 13.51 -35.26
C LEU F 101 -31.12 14.26 -34.51
N VAL F 102 -32.36 14.20 -35.03
CA VAL F 102 -33.46 14.90 -34.37
C VAL F 102 -33.72 14.35 -32.97
N VAL F 103 -33.70 13.03 -32.82
CA VAL F 103 -33.93 12.43 -31.50
C VAL F 103 -32.77 12.71 -30.56
N THR F 104 -31.55 12.74 -31.07
CA THR F 104 -30.41 13.15 -30.24
C THR F 104 -30.61 14.56 -29.69
N ASP F 105 -30.95 15.50 -30.57
CA ASP F 105 -31.16 16.87 -30.08
C ASP F 105 -32.31 16.91 -29.08
N LEU F 106 -33.42 16.27 -29.40
CA LEU F 106 -34.58 16.29 -28.52
C LEU F 106 -34.26 15.71 -27.14
N LEU F 107 -33.48 14.63 -27.09
CA LEU F 107 -33.12 14.07 -25.79
C LEU F 107 -32.08 14.91 -25.06
N PHE F 108 -30.95 15.21 -25.70
CA PHE F 108 -29.85 15.83 -24.97
C PHE F 108 -30.09 17.30 -24.66
N GLU F 109 -30.40 18.11 -25.67
CA GLU F 109 -30.68 19.51 -25.43
C GLU F 109 -32.07 19.74 -24.85
N GLY F 110 -33.05 18.96 -25.26
CA GLY F 110 -34.42 19.20 -24.86
C GLY F 110 -35.25 19.93 -25.90
N CYS F 111 -34.69 20.22 -27.06
CA CYS F 111 -35.40 20.92 -28.12
C CYS F 111 -35.00 20.32 -29.45
N ALA F 112 -35.83 20.54 -30.46
CA ALA F 112 -35.43 20.20 -31.82
C ALA F 112 -36.04 21.16 -32.82
N TYR F 113 -35.28 21.49 -33.85
CA TYR F 113 -35.72 22.43 -34.87
C TYR F 113 -35.47 21.85 -36.25
N ILE F 114 -36.43 22.06 -37.15
CA ILE F 114 -36.31 21.58 -38.52
C ILE F 114 -36.68 22.70 -39.48
N TYR F 115 -35.78 23.02 -40.39
CA TYR F 115 -36.12 23.96 -41.44
C TYR F 115 -36.98 23.26 -42.48
N TRP F 116 -37.75 24.06 -43.21
CA TRP F 116 -38.52 23.61 -44.36
C TRP F 116 -38.31 24.57 -45.52
N ASP F 117 -38.16 24.03 -46.72
CA ASP F 117 -37.75 24.81 -47.87
C ASP F 117 -38.50 24.34 -49.11
N GLY F 118 -39.81 24.51 -49.09
CA GLY F 118 -40.65 24.11 -50.20
C GLY F 118 -40.78 22.61 -50.31
N THR F 119 -39.68 21.93 -50.58
CA THR F 119 -39.65 20.48 -50.73
C THR F 119 -38.37 19.94 -50.10
N SER F 120 -38.11 20.34 -48.86
CA SER F 120 -36.96 19.82 -48.14
C SER F 120 -37.12 20.10 -46.66
N LEU F 121 -36.78 19.11 -45.84
CA LEU F 121 -36.63 19.29 -44.41
C LEU F 121 -35.17 19.12 -44.01
N TYR F 122 -34.65 20.06 -43.22
CA TYR F 122 -33.27 19.99 -42.77
C TYR F 122 -33.21 20.10 -41.26
N HIS F 123 -32.48 19.19 -40.62
CA HIS F 123 -32.22 19.32 -39.20
C HIS F 123 -31.37 20.55 -38.93
N VAL F 124 -31.71 21.29 -37.87
CA VAL F 124 -30.94 22.47 -37.49
C VAL F 124 -30.47 22.33 -36.04
N PRO F 125 -29.17 22.41 -35.76
CA PRO F 125 -28.64 22.02 -34.45
C PRO F 125 -29.26 22.84 -33.32
N ALA F 126 -29.80 22.12 -32.34
CA ALA F 126 -30.53 22.74 -31.23
C ALA F 126 -29.64 23.58 -30.32
N ALA F 127 -28.35 23.26 -30.22
CA ALA F 127 -27.47 24.05 -29.37
C ALA F 127 -27.24 25.47 -29.87
N LEU F 128 -27.50 25.74 -31.15
CA LEU F 128 -27.24 27.06 -31.71
C LEU F 128 -28.49 27.89 -31.95
N MET F 129 -29.66 27.30 -31.90
CA MET F 129 -30.91 28.05 -32.04
C MET F 129 -31.24 28.80 -30.76
N GLN F 130 -32.05 29.84 -30.92
CA GLN F 130 -32.64 30.56 -29.80
C GLN F 130 -34.01 31.06 -30.21
N VAL F 131 -34.94 31.09 -29.26
CA VAL F 131 -36.33 31.44 -29.50
C VAL F 131 -36.64 32.78 -28.87
N GLU F 132 -37.20 33.69 -29.65
CA GLU F 132 -37.58 35.01 -29.16
C GLU F 132 -39.09 35.15 -29.11
N ALA F 133 -39.60 35.54 -27.94
CA ALA F 133 -41.03 35.59 -27.71
C ALA F 133 -41.64 36.79 -28.43
N ASP F 134 -42.83 36.61 -29.01
CA ASP F 134 -43.55 37.75 -29.55
C ASP F 134 -44.39 38.41 -28.47
N ALA F 135 -44.69 39.70 -28.67
CA ALA F 135 -45.54 40.43 -27.75
C ALA F 135 -47.04 40.19 -27.94
N ASN F 136 -47.45 39.62 -29.07
CA ASN F 136 -48.88 39.45 -29.34
C ASN F 136 -49.17 38.01 -29.72
N LYS F 137 -48.38 37.47 -30.64
CA LYS F 137 -48.49 36.10 -31.06
C LYS F 137 -47.68 35.22 -30.11
N PHE F 138 -47.44 33.97 -30.47
CA PHE F 138 -46.62 33.12 -29.62
C PHE F 138 -45.14 33.45 -29.78
N ILE F 139 -44.58 33.24 -30.96
CA ILE F 139 -43.13 33.35 -31.16
C ILE F 139 -42.85 34.32 -32.31
N LYS F 140 -41.90 35.22 -32.10
CA LYS F 140 -41.62 36.26 -33.08
C LYS F 140 -40.68 35.78 -34.19
N LYS F 141 -39.51 35.26 -33.82
CA LYS F 141 -38.54 34.76 -34.78
C LYS F 141 -37.61 33.81 -34.04
N PHE F 142 -36.94 32.95 -34.80
CA PHE F 142 -35.90 32.10 -34.25
C PHE F 142 -34.53 32.62 -34.66
N ILE F 143 -33.62 32.74 -33.70
CA ILE F 143 -32.29 33.26 -33.95
C ILE F 143 -31.31 32.10 -33.90
N PHE F 144 -30.53 31.96 -34.95
CA PHE F 144 -29.47 30.97 -35.06
C PHE F 144 -28.11 31.63 -34.92
N ASN F 145 -27.34 31.19 -33.92
CA ASN F 145 -25.98 31.64 -33.65
C ASN F 145 -25.85 33.15 -33.61
N ASN F 146 -26.92 33.85 -33.23
CA ASN F 146 -27.00 35.30 -33.30
C ASN F 146 -26.72 35.85 -34.69
N GLN F 147 -26.69 34.99 -35.70
CA GLN F 147 -26.19 35.38 -37.00
C GLN F 147 -27.19 35.23 -38.13
N ILE F 148 -28.24 34.44 -37.98
CA ILE F 148 -29.35 34.51 -38.92
C ILE F 148 -30.68 34.32 -38.22
N ASN F 149 -31.70 35.03 -38.68
CA ASN F 149 -33.06 34.91 -38.15
C ASN F 149 -33.93 34.13 -39.12
N TYR F 150 -34.51 33.03 -38.63
CA TYR F 150 -35.55 32.29 -39.33
C TYR F 150 -36.93 32.82 -38.99
N ARG F 151 -37.72 33.05 -40.03
CA ARG F 151 -39.13 33.41 -39.91
C ARG F 151 -39.91 32.25 -39.32
N VAL F 152 -40.98 32.60 -38.60
CA VAL F 152 -41.71 31.61 -37.81
C VAL F 152 -42.34 30.55 -38.68
N ASP F 153 -42.88 30.91 -39.84
CA ASP F 153 -43.52 29.92 -40.69
C ASP F 153 -42.53 29.07 -41.48
N GLU F 154 -41.25 29.11 -41.14
CA GLU F 154 -40.25 28.31 -41.81
C GLU F 154 -39.53 27.35 -40.87
N ILE F 155 -40.00 27.19 -39.64
CA ILE F 155 -39.40 26.26 -38.70
C ILE F 155 -40.46 25.36 -38.10
N ILE F 156 -40.11 24.10 -37.90
CA ILE F 156 -40.87 23.18 -37.09
C ILE F 156 -40.14 23.04 -35.76
N PHE F 157 -40.86 23.28 -34.67
CA PHE F 157 -40.28 23.39 -33.34
C PHE F 157 -40.86 22.34 -32.41
N ILE F 158 -39.98 21.66 -31.67
CA ILE F 158 -40.39 20.66 -30.70
C ILE F 158 -39.68 20.96 -29.39
N LYS F 159 -40.40 20.86 -28.27
CA LYS F 159 -39.76 21.02 -26.98
C LYS F 159 -40.31 20.04 -25.95
N ASP F 160 -39.42 19.53 -25.12
CA ASP F 160 -39.78 18.78 -23.94
C ASP F 160 -40.33 19.72 -22.86
N ASN F 161 -40.82 19.12 -21.77
CA ASN F 161 -41.38 19.89 -20.67
C ASN F 161 -40.35 20.84 -20.09
N SER F 162 -40.82 21.86 -19.38
CA SER F 162 -39.90 22.84 -18.82
C SER F 162 -40.53 23.54 -17.63
N TYR F 163 -39.88 23.42 -16.48
CA TYR F 163 -40.19 24.21 -15.29
C TYR F 163 -38.90 24.76 -14.73
N VAL F 164 -38.71 26.08 -14.81
CA VAL F 164 -37.39 26.70 -14.72
C VAL F 164 -37.45 27.84 -13.73
N CYS F 165 -36.49 27.89 -12.81
CA CYS F 165 -36.33 28.96 -11.84
C CYS F 165 -37.61 29.28 -11.08
N GLY F 166 -38.50 28.30 -10.96
CA GLY F 166 -39.78 28.53 -10.33
C GLY F 166 -40.85 29.10 -11.24
N THR F 167 -40.57 29.25 -12.51
CA THR F 167 -41.57 29.57 -13.52
C THR F 167 -41.82 28.36 -14.38
N ASN F 168 -43.08 27.96 -14.52
CA ASN F 168 -43.41 27.10 -15.65
C ASN F 168 -43.06 27.84 -16.92
N SER F 169 -42.40 27.14 -17.83
CA SER F 169 -41.71 27.79 -18.95
C SER F 169 -42.35 27.38 -20.26
N GLN F 170 -42.95 28.34 -20.94
CA GLN F 170 -43.11 28.20 -22.38
C GLN F 170 -41.74 28.30 -23.03
N ILE F 171 -41.70 28.10 -24.35
CA ILE F 171 -40.51 28.34 -25.14
C ILE F 171 -39.35 27.39 -24.83
N SER F 172 -38.90 27.36 -23.58
CA SER F 172 -37.71 26.59 -23.24
C SER F 172 -38.02 25.11 -23.05
N GLY F 173 -36.98 24.29 -23.12
CA GLY F 173 -37.09 22.87 -22.86
C GLY F 173 -36.04 22.36 -21.89
N GLN F 174 -36.48 21.54 -20.94
CA GLN F 174 -35.56 20.85 -20.05
C GLN F 174 -34.83 19.71 -20.76
N SER F 175 -33.50 19.67 -20.60
CA SER F 175 -32.71 18.50 -20.95
C SER F 175 -33.01 17.33 -20.05
N ARG F 176 -33.16 16.15 -20.64
CA ARG F 176 -33.31 14.93 -19.86
C ARG F 176 -32.01 14.49 -19.20
N VAL F 177 -30.95 14.39 -19.99
CA VAL F 177 -29.65 13.89 -19.56
C VAL F 177 -28.98 14.76 -18.49
N ALA F 178 -29.28 16.05 -18.47
CA ALA F 178 -28.72 16.95 -17.47
C ALA F 178 -28.95 16.50 -16.03
N THR F 179 -30.05 15.80 -15.76
CA THR F 179 -30.28 15.34 -14.39
C THR F 179 -29.42 14.16 -13.96
N VAL F 180 -28.64 13.56 -14.86
CA VAL F 180 -27.94 12.32 -14.53
C VAL F 180 -26.47 12.53 -14.12
N ILE F 181 -25.86 13.65 -14.47
CA ILE F 181 -24.41 13.78 -14.35
C ILE F 181 -23.98 13.70 -12.89
N ASP F 182 -24.79 14.23 -11.97
CA ASP F 182 -24.43 14.20 -10.57
C ASP F 182 -24.06 12.80 -10.12
N SER F 183 -24.77 11.80 -10.63
CA SER F 183 -24.58 10.44 -10.15
C SER F 183 -23.37 9.80 -10.80
N LEU F 184 -23.16 10.09 -12.09
CA LEU F 184 -22.02 9.55 -12.83
C LEU F 184 -20.70 10.00 -12.22
N GLU F 185 -20.65 11.21 -11.69
CA GLU F 185 -19.46 11.62 -10.98
C GLU F 185 -19.24 10.77 -9.73
N LYS F 186 -20.24 10.71 -8.84
CA LYS F 186 -20.02 10.00 -7.58
C LYS F 186 -19.64 8.56 -7.79
N ARG F 187 -20.27 7.89 -8.74
CA ARG F 187 -19.95 6.49 -8.98
C ARG F 187 -18.52 6.33 -9.44
N SER F 188 -18.10 7.17 -10.37
CA SER F 188 -16.71 7.12 -10.83
C SER F 188 -15.74 7.32 -9.69
N LYS F 189 -16.05 8.26 -8.79
CA LYS F 189 -15.19 8.45 -7.64
C LYS F 189 -15.05 7.17 -6.83
N MET F 190 -16.18 6.53 -6.50
CA MET F 190 -16.09 5.29 -5.74
C MET F 190 -15.24 4.27 -6.48
N LEU F 191 -15.48 4.09 -7.77
CA LEU F 191 -14.71 3.09 -8.50
C LEU F 191 -13.23 3.40 -8.48
N ASN F 192 -12.86 4.67 -8.64
CA ASN F 192 -11.44 4.97 -8.59
C ASN F 192 -10.87 4.71 -7.21
N PHE F 193 -11.62 5.05 -6.17
CA PHE F 193 -11.15 4.76 -4.83
C PHE F 193 -11.00 3.27 -4.64
N LYS F 194 -11.98 2.51 -5.14
CA LYS F 194 -11.93 1.07 -5.02
C LYS F 194 -10.67 0.50 -5.65
N GLU F 195 -10.27 1.03 -6.80
CA GLU F 195 -8.98 0.64 -7.36
C GLU F 195 -7.81 1.10 -6.50
N LYS F 196 -7.74 2.39 -6.22
CA LYS F 196 -6.48 2.96 -5.74
C LYS F 196 -6.10 2.49 -4.35
N PHE F 197 -7.07 2.12 -3.53
CA PHE F 197 -6.79 1.48 -2.25
C PHE F 197 -5.88 0.26 -2.41
N LEU F 198 -5.99 -0.46 -3.51
CA LEU F 198 -5.11 -1.60 -3.73
C LEU F 198 -3.68 -1.16 -4.01
N ASP F 199 -3.49 -0.16 -4.87
CA ASP F 199 -2.12 0.32 -5.12
C ASP F 199 -1.50 1.03 -3.94
N ASN F 200 -2.27 1.74 -3.14
CA ASN F 200 -1.76 2.27 -1.89
C ASN F 200 -1.63 1.22 -0.80
N GLY F 201 -2.01 -0.03 -1.05
CA GLY F 201 -1.99 -1.04 -0.01
C GLY F 201 -0.61 -1.31 0.53
N THR F 202 -0.57 -2.09 1.60
CA THR F 202 0.67 -2.50 2.24
C THR F 202 0.47 -3.84 2.92
N VAL F 203 1.25 -4.83 2.53
CA VAL F 203 1.03 -6.22 2.90
C VAL F 203 2.31 -6.77 3.52
N ILE F 204 2.27 -7.03 4.81
CA ILE F 204 3.44 -7.51 5.57
C ILE F 204 3.22 -8.98 5.89
N GLY F 205 4.30 -9.76 5.85
CA GLY F 205 4.20 -11.15 6.22
C GLY F 205 4.66 -11.46 7.62
N LEU F 206 5.67 -10.75 8.10
CA LEU F 206 6.24 -11.04 9.42
C LEU F 206 6.96 -9.79 9.90
N ILE F 207 7.04 -9.61 11.22
CA ILE F 207 7.85 -8.55 11.81
C ILE F 207 8.76 -9.13 12.88
N LEU F 208 10.05 -8.85 12.76
CA LEU F 208 11.08 -9.27 13.70
C LEU F 208 11.77 -8.04 14.25
N GLU F 209 12.23 -8.12 15.49
CA GLU F 209 12.58 -6.93 16.23
C GLU F 209 13.73 -7.21 17.18
N THR F 210 14.59 -6.21 17.37
CA THR F 210 15.71 -6.28 18.29
C THR F 210 15.99 -4.90 18.87
N ASP F 211 16.62 -4.88 20.03
CA ASP F 211 17.26 -3.67 20.55
C ASP F 211 18.71 -3.50 20.13
N GLU F 212 19.36 -4.57 19.68
CA GLU F 212 20.70 -4.44 19.11
C GLU F 212 20.68 -3.68 17.79
N ILE F 213 21.87 -3.33 17.33
CA ILE F 213 22.07 -2.76 16.00
C ILE F 213 22.76 -3.80 15.13
N LEU F 214 22.28 -3.95 13.90
CA LEU F 214 22.68 -5.03 13.01
C LEU F 214 23.28 -4.48 11.73
N ASN F 215 24.24 -5.22 11.18
CA ASN F 215 24.92 -4.79 9.97
C ASN F 215 23.93 -4.76 8.81
N LYS F 216 23.71 -3.56 8.26
CA LYS F 216 22.59 -3.34 7.35
C LYS F 216 22.62 -4.27 6.14
N LYS F 217 23.78 -4.42 5.52
CA LYS F 217 23.91 -5.27 4.34
C LYS F 217 23.55 -6.72 4.63
N LEU F 218 24.03 -7.26 5.74
CA LEU F 218 23.67 -8.61 6.12
C LEU F 218 22.20 -8.72 6.50
N ARG F 219 21.66 -7.70 7.18
CA ARG F 219 20.23 -7.71 7.47
C ARG F 219 19.38 -7.79 6.21
N GLU F 220 19.72 -7.01 5.19
CA GLU F 220 18.99 -7.08 3.94
C GLU F 220 19.10 -8.45 3.29
N ARG F 221 20.31 -9.02 3.27
CA ARG F 221 20.45 -10.37 2.74
C ARG F 221 19.56 -11.35 3.49
N LYS F 222 19.56 -11.28 4.82
CA LYS F 222 18.74 -12.18 5.62
C LYS F 222 17.26 -12.04 5.32
N GLN F 223 16.79 -10.81 5.12
CA GLN F 223 15.40 -10.62 4.71
C GLN F 223 15.09 -11.32 3.40
N GLU F 224 15.99 -11.21 2.43
CA GLU F 224 15.71 -11.86 1.15
C GLU F 224 15.76 -13.38 1.25
N GLU F 225 16.66 -13.91 2.09
CA GLU F 225 16.69 -15.34 2.33
C GLU F 225 15.39 -15.84 2.96
N LEU F 226 14.94 -15.18 4.02
CA LEU F 226 13.69 -15.60 4.64
C LEU F 226 12.52 -15.53 3.67
N GLN F 227 12.45 -14.45 2.89
CA GLN F 227 11.33 -14.26 1.98
C GLN F 227 11.28 -15.36 0.93
N LEU F 228 12.41 -15.67 0.29
CA LEU F 228 12.39 -16.71 -0.71
C LEU F 228 12.23 -18.10 -0.11
N ASP F 229 12.82 -18.36 1.05
CA ASP F 229 12.72 -19.71 1.61
C ASP F 229 11.31 -20.06 2.08
N TYR F 230 10.67 -19.17 2.82
CA TYR F 230 9.42 -19.56 3.47
C TYR F 230 8.21 -19.68 2.54
N ASN F 231 8.15 -18.91 1.46
CA ASN F 231 6.97 -19.03 0.62
C ASN F 231 6.90 -20.43 0.01
N PRO F 232 5.75 -21.11 0.10
CA PRO F 232 5.65 -22.47 -0.44
C PRO F 232 5.92 -22.60 -1.92
N SER F 233 5.59 -21.56 -2.69
CA SER F 233 5.87 -21.57 -4.12
C SER F 233 7.37 -21.60 -4.41
N THR F 234 8.13 -20.71 -3.75
CA THR F 234 9.57 -20.69 -3.93
C THR F 234 10.28 -21.80 -3.17
N GLY F 235 9.99 -22.01 -1.90
CA GLY F 235 10.88 -22.79 -1.07
C GLY F 235 10.16 -23.76 -0.17
N GLN F 236 10.95 -24.58 0.53
CA GLN F 236 10.50 -25.67 1.37
C GLN F 236 10.36 -25.36 2.86
N SER F 237 11.29 -24.61 3.44
CA SER F 237 11.38 -24.48 4.88
C SER F 237 10.16 -23.76 5.47
N SER F 238 9.81 -24.14 6.70
CA SER F 238 8.64 -23.57 7.37
C SER F 238 8.81 -23.30 8.86
N VAL F 239 9.56 -24.11 9.61
CA VAL F 239 9.87 -23.75 10.98
C VAL F 239 10.92 -22.64 10.99
N LEU F 240 10.86 -21.77 11.99
CA LEU F 240 11.83 -20.69 12.16
C LEU F 240 12.35 -20.64 13.58
N ILE F 241 13.67 -20.62 13.72
CA ILE F 241 14.34 -20.60 15.02
C ILE F 241 15.09 -19.29 15.16
N LEU F 242 14.71 -18.50 16.17
CA LEU F 242 15.30 -17.20 16.43
C LEU F 242 16.22 -17.31 17.63
N ASP F 243 17.38 -16.66 17.54
CA ASP F 243 18.37 -16.71 18.60
C ASP F 243 18.96 -15.33 18.82
N GLY F 244 19.71 -15.20 19.90
CA GLY F 244 20.30 -13.93 20.26
C GLY F 244 19.32 -12.85 20.64
N GLY F 245 18.03 -13.18 20.75
CA GLY F 245 17.05 -12.24 21.23
C GLY F 245 16.20 -11.53 20.21
N MET F 246 16.28 -11.89 18.93
CA MET F 246 15.29 -11.37 18.00
C MET F 246 13.89 -11.80 18.40
N LYS F 247 13.00 -10.84 18.57
CA LYS F 247 11.63 -11.09 19.01
C LYS F 247 10.68 -10.97 17.83
N ALA F 248 9.73 -11.89 17.76
CA ALA F 248 8.63 -11.81 16.80
C ALA F 248 7.51 -10.96 17.39
N LYS F 249 7.12 -9.91 16.67
CA LYS F 249 6.13 -8.96 17.16
C LYS F 249 4.78 -9.29 16.55
N PRO F 250 3.78 -9.65 17.34
CA PRO F 250 2.43 -9.83 16.80
C PRO F 250 1.84 -8.51 16.30
N TYR F 251 1.13 -8.60 15.18
CA TYR F 251 0.54 -7.43 14.55
C TYR F 251 -0.82 -7.82 13.97
N SER F 252 -1.55 -6.83 13.47
CA SER F 252 -2.83 -7.09 12.84
C SER F 252 -3.04 -6.09 11.70
N GLN F 253 -3.89 -6.48 10.76
CA GLN F 253 -4.21 -5.65 9.60
C GLN F 253 -5.06 -4.47 10.04
N ILE F 254 -4.44 -3.29 10.16
CA ILE F 254 -5.10 -2.16 10.79
C ILE F 254 -6.21 -1.55 9.95
N SER F 255 -6.22 -1.82 8.64
CA SER F 255 -7.36 -1.44 7.80
C SER F 255 -7.51 -2.44 6.68
N SER F 256 -8.72 -2.95 6.48
CA SER F 256 -8.93 -4.10 5.61
C SER F 256 -9.88 -3.76 4.47
N PHE F 257 -9.62 -4.40 3.33
CA PHE F 257 -10.48 -4.34 2.16
C PHE F 257 -11.91 -4.77 2.44
N LYS F 258 -12.12 -5.59 3.45
CA LYS F 258 -13.48 -6.05 3.80
C LYS F 258 -14.44 -4.89 4.07
N ASP F 259 -13.96 -3.77 4.57
CA ASP F 259 -14.86 -2.67 4.90
C ASP F 259 -15.25 -1.82 3.71
N LEU F 260 -14.78 -2.14 2.51
CA LEU F 260 -15.21 -1.45 1.29
C LEU F 260 -16.35 -2.21 0.60
N ASP F 261 -17.47 -2.33 1.29
CA ASP F 261 -18.63 -3.03 0.75
C ASP F 261 -19.51 -2.15 -0.15
N PHE F 262 -18.88 -1.54 -1.14
CA PHE F 262 -19.52 -0.55 -2.01
C PHE F 262 -20.79 -1.07 -2.69
N LYS F 263 -20.94 -2.40 -2.77
CA LYS F 263 -21.74 -3.04 -3.81
C LYS F 263 -23.15 -2.52 -3.98
N GLU F 264 -23.87 -2.26 -2.89
CA GLU F 264 -25.22 -1.71 -3.02
C GLU F 264 -25.25 -0.24 -3.46
N ASP F 265 -24.31 0.57 -3.00
CA ASP F 265 -24.32 1.99 -3.37
C ASP F 265 -24.12 2.18 -4.87
N ILE F 266 -23.15 1.50 -5.46
CA ILE F 266 -22.97 1.63 -6.90
C ILE F 266 -24.18 1.05 -7.64
N ALA F 267 -24.77 -0.01 -7.10
CA ALA F 267 -25.98 -0.54 -7.71
C ALA F 267 -27.09 0.49 -7.71
N GLY F 268 -27.20 1.27 -6.64
CA GLY F 268 -28.17 2.35 -6.63
C GLY F 268 -27.93 3.33 -7.75
N PHE F 269 -26.68 3.72 -7.95
CA PHE F 269 -26.40 4.69 -9.00
C PHE F 269 -26.73 4.12 -10.37
N ASN F 270 -26.42 2.84 -10.59
CA ASN F 270 -26.82 2.24 -11.86
C ASN F 270 -28.33 2.30 -12.05
N LYS F 271 -29.08 1.98 -11.00
CA LYS F 271 -30.53 2.09 -11.12
C LYS F 271 -30.96 3.50 -11.47
N SER F 272 -30.36 4.50 -10.83
CA SER F 272 -30.74 5.87 -11.15
C SER F 272 -30.53 6.15 -12.63
N ILE F 273 -29.37 5.78 -13.16
CA ILE F 273 -29.10 6.08 -14.56
C ILE F 273 -30.11 5.33 -15.41
N CYS F 274 -30.28 4.05 -15.13
CA CYS F 274 -31.20 3.23 -15.90
C CYS F 274 -32.60 3.80 -15.82
N LEU F 275 -32.99 4.32 -14.65
CA LEU F 275 -34.31 4.92 -14.53
C LEU F 275 -34.47 6.23 -15.27
N ALA F 276 -33.43 7.07 -15.37
CA ALA F 276 -33.64 8.36 -16.02
C ALA F 276 -34.10 8.25 -17.46
N PHE F 277 -33.55 7.30 -18.21
CA PHE F 277 -34.08 7.01 -19.54
C PHE F 277 -35.41 6.27 -19.50
N GLY F 278 -35.63 5.46 -18.46
CA GLY F 278 -36.87 4.72 -18.40
C GLY F 278 -36.82 3.45 -19.21
N VAL F 279 -35.80 2.63 -18.97
CA VAL F 279 -35.67 1.31 -19.56
C VAL F 279 -35.70 0.28 -18.44
N PRO F 280 -36.58 -0.71 -18.49
CA PRO F 280 -36.66 -1.70 -17.41
C PRO F 280 -35.40 -2.54 -17.31
N GLN F 281 -35.10 -2.94 -16.08
CA GLN F 281 -33.90 -3.74 -15.82
C GLN F 281 -33.95 -5.10 -16.51
N VAL F 282 -35.15 -5.65 -16.73
CA VAL F 282 -35.28 -6.89 -17.47
C VAL F 282 -34.67 -6.79 -18.85
N LEU F 283 -34.65 -5.60 -19.46
CA LEU F 283 -33.99 -5.43 -20.74
C LEU F 283 -32.47 -5.36 -20.61
N ILE F 284 -31.97 -5.00 -19.44
CA ILE F 284 -30.53 -5.02 -19.23
C ILE F 284 -30.04 -6.42 -18.87
N ASP F 285 -30.87 -7.19 -18.19
CA ASP F 285 -30.57 -8.56 -17.81
C ASP F 285 -30.97 -9.57 -18.87
N GLY F 286 -32.22 -9.51 -19.33
CA GLY F 286 -32.86 -10.68 -19.88
C GLY F 286 -33.32 -11.60 -18.78
N GLY F 287 -34.60 -11.97 -18.81
CA GLY F 287 -35.24 -12.74 -17.76
C GLY F 287 -35.92 -13.97 -18.33
N ASN F 288 -37.07 -14.31 -17.76
CA ASN F 288 -37.90 -15.32 -18.38
C ASN F 288 -38.86 -14.73 -19.42
N ASN F 289 -39.49 -15.64 -20.17
CA ASN F 289 -40.39 -15.26 -21.25
C ASN F 289 -41.50 -14.34 -20.76
N ALA F 290 -42.16 -14.74 -19.66
CA ALA F 290 -43.23 -13.95 -19.09
C ALA F 290 -42.73 -12.57 -18.67
N ASN F 291 -41.48 -12.47 -18.25
CA ASN F 291 -40.88 -11.17 -18.01
C ASN F 291 -40.62 -10.44 -19.33
N ILE F 292 -39.97 -11.11 -20.27
CA ILE F 292 -39.32 -10.40 -21.38
C ILE F 292 -40.37 -9.87 -22.35
N ARG F 293 -41.33 -10.68 -22.76
CA ARG F 293 -42.23 -10.25 -23.82
C ARG F 293 -43.10 -9.04 -23.44
N PRO F 294 -43.69 -8.98 -22.25
CA PRO F 294 -44.41 -7.75 -21.85
C PRO F 294 -43.52 -6.54 -21.61
N ASN F 295 -42.30 -6.73 -21.11
CA ASN F 295 -41.43 -5.60 -20.85
C ASN F 295 -41.05 -4.81 -22.09
N ILE F 296 -40.89 -5.47 -23.23
CA ILE F 296 -40.68 -4.74 -24.48
C ILE F 296 -41.85 -3.81 -24.78
N GLU F 297 -43.08 -4.30 -24.61
CA GLU F 297 -44.23 -3.44 -24.83
C GLU F 297 -44.31 -2.32 -23.81
N LEU F 298 -43.87 -2.58 -22.58
CA LEU F 298 -43.82 -1.51 -21.59
C LEU F 298 -42.86 -0.41 -22.03
N PHE F 299 -41.65 -0.81 -22.42
CA PHE F 299 -40.63 0.15 -22.83
C PHE F 299 -41.10 0.96 -24.04
N TYR F 300 -41.62 0.27 -25.05
CA TYR F 300 -42.07 0.98 -26.25
C TYR F 300 -43.20 1.95 -25.93
N TYR F 301 -44.27 1.47 -25.30
CA TYR F 301 -45.45 2.31 -25.17
C TYR F 301 -45.26 3.45 -24.18
N MET F 302 -44.65 3.19 -23.02
CA MET F 302 -44.51 4.27 -22.05
C MET F 302 -43.44 5.30 -22.43
N THR F 303 -42.23 4.86 -22.75
CA THR F 303 -41.18 5.84 -23.05
C THR F 303 -41.21 6.42 -24.46
N ILE F 304 -41.17 5.59 -25.50
CA ILE F 304 -40.96 6.09 -26.86
C ILE F 304 -42.20 6.78 -27.42
N ILE F 305 -43.36 6.16 -27.28
CA ILE F 305 -44.55 6.66 -27.96
C ILE F 305 -44.96 8.05 -27.52
N PRO F 306 -44.83 8.45 -26.26
CA PRO F 306 -45.03 9.87 -25.94
C PRO F 306 -44.09 10.83 -26.64
N MET F 307 -42.82 10.46 -26.81
CA MET F 307 -41.90 11.30 -27.58
C MET F 307 -42.39 11.45 -29.01
N LEU F 308 -42.69 10.33 -29.66
CA LEU F 308 -43.14 10.42 -31.04
C LEU F 308 -44.47 11.15 -31.14
N ASN F 309 -45.32 11.05 -30.12
CA ASN F 309 -46.54 11.83 -30.13
C ASN F 309 -46.28 13.33 -30.04
N LYS F 310 -45.25 13.74 -29.30
CA LYS F 310 -44.85 15.15 -29.31
C LYS F 310 -44.46 15.58 -30.71
N LEU F 311 -43.64 14.76 -31.35
CA LEU F 311 -43.17 15.12 -32.68
C LEU F 311 -44.31 15.14 -33.69
N THR F 312 -45.12 14.10 -33.72
CA THR F 312 -46.18 14.01 -34.71
C THR F 312 -47.23 15.09 -34.48
N SER F 313 -47.57 15.41 -33.22
CA SER F 313 -48.47 16.53 -32.98
C SER F 313 -47.90 17.85 -33.47
N SER F 314 -46.59 18.03 -33.41
CA SER F 314 -46.03 19.25 -34.02
C SER F 314 -46.10 19.22 -35.55
N LEU F 315 -45.89 18.05 -36.15
CA LEU F 315 -46.02 17.98 -37.61
C LEU F 315 -47.45 18.12 -38.08
N THR F 316 -48.41 17.56 -37.35
CA THR F 316 -49.81 17.76 -37.75
C THR F 316 -50.22 19.21 -37.59
N PHE F 317 -49.71 19.89 -36.55
CA PHE F 317 -49.94 21.33 -36.47
C PHE F 317 -49.37 22.08 -37.66
N PHE F 318 -48.16 21.73 -38.07
CA PHE F 318 -47.52 22.48 -39.15
C PHE F 318 -48.15 22.20 -40.51
N PHE F 319 -48.20 20.93 -40.93
CA PHE F 319 -48.81 20.57 -42.20
C PHE F 319 -50.33 20.58 -42.21
N GLY F 320 -50.98 20.27 -41.09
CA GLY F 320 -52.41 20.15 -41.06
C GLY F 320 -52.96 18.78 -41.40
N TYR F 321 -52.15 17.89 -41.98
CA TYR F 321 -52.59 16.51 -42.12
C TYR F 321 -52.63 15.83 -40.76
N LYS F 322 -53.50 14.84 -40.62
CA LYS F 322 -53.35 13.85 -39.57
C LYS F 322 -52.06 13.07 -39.79
N ILE F 323 -51.24 13.00 -38.75
CA ILE F 323 -49.97 12.28 -38.81
C ILE F 323 -49.79 11.49 -37.53
N THR F 324 -49.42 10.22 -37.64
CA THR F 324 -49.28 9.42 -36.43
C THR F 324 -48.31 8.29 -36.70
N PRO F 325 -47.59 7.80 -35.68
CA PRO F 325 -46.58 6.78 -35.95
C PRO F 325 -47.12 5.36 -35.94
N ASN F 326 -46.61 4.55 -36.86
CA ASN F 326 -46.92 3.14 -36.95
C ASN F 326 -45.74 2.32 -36.47
N THR F 327 -46.01 1.46 -35.48
CA THR F 327 -45.05 0.53 -34.90
C THR F 327 -44.95 -0.79 -35.66
N LYS F 328 -45.94 -1.12 -36.48
CA LYS F 328 -46.09 -2.51 -36.93
C LYS F 328 -45.00 -2.95 -37.89
N GLU F 329 -44.14 -2.05 -38.34
CA GLU F 329 -42.89 -2.47 -38.96
C GLU F 329 -41.87 -3.01 -37.96
N VAL F 330 -41.98 -2.65 -36.69
CA VAL F 330 -40.94 -2.98 -35.72
C VAL F 330 -40.94 -4.48 -35.45
N ALA F 331 -39.81 -5.13 -35.77
CA ALA F 331 -39.69 -6.57 -35.60
C ALA F 331 -39.79 -6.99 -34.15
N ALA F 332 -39.35 -6.13 -33.23
CA ALA F 332 -39.45 -6.44 -31.81
C ALA F 332 -40.90 -6.59 -31.37
N LEU F 333 -41.77 -5.66 -31.76
CA LEU F 333 -43.16 -5.70 -31.34
C LEU F 333 -43.96 -6.80 -32.03
N THR F 334 -43.63 -7.13 -33.28
CA THR F 334 -44.56 -7.83 -34.16
C THR F 334 -45.19 -9.04 -33.50
N PRO F 335 -46.52 -9.13 -33.47
CA PRO F 335 -47.22 -10.06 -32.58
C PRO F 335 -46.97 -11.52 -32.95
N ASP F 336 -47.44 -12.40 -32.07
CA ASP F 336 -47.23 -13.83 -32.23
C ASP F 336 -48.09 -14.34 -33.39
N LYS F 337 -47.47 -15.17 -34.24
CA LYS F 337 -48.14 -15.76 -35.39
C LYS F 337 -49.39 -16.57 -35.03
N GLU F 338 -49.42 -17.20 -33.85
CA GLU F 338 -50.61 -17.93 -33.46
C GLU F 338 -51.80 -17.02 -33.14
N ALA F 339 -51.63 -16.08 -32.21
CA ALA F 339 -52.77 -15.30 -31.74
C ALA F 339 -53.40 -14.54 -32.89
N GLU F 340 -52.57 -13.87 -33.70
CA GLU F 340 -53.04 -13.04 -34.80
C GLU F 340 -53.91 -13.82 -35.78
N ALA F 341 -53.56 -15.09 -36.02
CA ALA F 341 -54.36 -15.89 -36.95
C ALA F 341 -55.74 -16.19 -36.40
N LYS F 342 -55.87 -16.43 -35.10
CA LYS F 342 -57.17 -16.77 -34.55
C LYS F 342 -58.04 -15.52 -34.40
N HIS F 343 -57.41 -14.41 -34.03
CA HIS F 343 -58.05 -13.11 -34.08
C HIS F 343 -58.63 -12.82 -35.46
N LEU F 344 -57.78 -12.82 -36.48
CA LEU F 344 -58.22 -12.43 -37.81
C LEU F 344 -59.24 -13.43 -38.35
N THR F 345 -58.97 -14.73 -38.22
CA THR F 345 -59.90 -15.73 -38.73
C THR F 345 -61.28 -15.58 -38.10
N SER F 346 -61.34 -15.43 -36.78
CA SER F 346 -62.63 -15.35 -36.12
C SER F 346 -63.39 -14.10 -36.54
N LEU F 347 -62.69 -12.97 -36.67
CA LEU F 347 -63.37 -11.78 -37.14
C LEU F 347 -63.83 -11.89 -38.60
N VAL F 348 -63.06 -12.58 -39.44
CA VAL F 348 -63.42 -12.73 -40.84
C VAL F 348 -64.62 -13.65 -41.03
N ASN F 349 -64.58 -14.82 -40.42
CA ASN F 349 -65.68 -15.77 -40.56
C ASN F 349 -66.99 -15.27 -39.98
N ASN F 350 -66.95 -14.50 -38.91
CA ASN F 350 -68.19 -13.99 -38.35
C ASN F 350 -68.69 -12.73 -39.04
N GLY F 351 -68.12 -12.38 -40.19
CA GLY F 351 -68.66 -11.30 -41.00
C GLY F 351 -68.56 -9.93 -40.37
N ILE F 352 -67.54 -9.70 -39.57
CA ILE F 352 -67.24 -8.35 -39.09
C ILE F 352 -66.26 -7.65 -40.02
N MET F 353 -65.30 -8.39 -40.57
CA MET F 353 -64.21 -7.79 -41.35
C MET F 353 -64.08 -8.51 -42.68
N THR F 354 -63.88 -7.72 -43.74
CA THR F 354 -63.70 -8.29 -45.06
C THR F 354 -62.33 -8.93 -45.21
N GLY F 355 -62.24 -9.86 -46.17
CA GLY F 355 -61.02 -10.61 -46.37
C GLY F 355 -59.81 -9.75 -46.67
N ASN F 356 -59.95 -8.83 -47.62
CA ASN F 356 -58.81 -8.02 -48.00
C ASN F 356 -58.31 -7.16 -46.86
N GLU F 357 -59.18 -6.77 -45.93
CA GLU F 357 -58.71 -6.05 -44.74
C GLU F 357 -57.74 -6.90 -43.94
N ALA F 358 -58.01 -8.20 -43.85
CA ALA F 358 -57.09 -9.13 -43.21
C ALA F 358 -55.80 -9.28 -44.00
N ARG F 359 -55.90 -9.41 -45.33
CA ARG F 359 -54.69 -9.47 -46.13
C ARG F 359 -53.83 -8.24 -45.88
N LEU F 360 -54.46 -7.07 -45.87
CA LEU F 360 -53.74 -5.83 -45.58
C LEU F 360 -53.05 -5.89 -44.24
N GLU F 361 -53.76 -6.33 -43.20
CA GLU F 361 -53.14 -6.40 -41.88
C GLU F 361 -52.00 -7.41 -41.82
N LEU F 362 -52.04 -8.44 -42.66
CA LEU F 362 -50.91 -9.35 -42.84
C LEU F 362 -49.91 -8.87 -43.87
N ASN F 363 -49.95 -7.59 -44.25
CA ASN F 363 -49.04 -6.98 -45.21
C ASN F 363 -49.21 -7.52 -46.62
N LEU F 364 -50.28 -8.23 -46.88
CA LEU F 364 -50.50 -8.82 -48.19
C LEU F 364 -51.29 -7.85 -49.07
N GLU F 365 -50.99 -7.89 -50.38
CA GLU F 365 -51.75 -7.11 -51.33
C GLU F 365 -53.20 -7.57 -51.37
N PRO F 366 -54.16 -6.64 -51.43
CA PRO F 366 -55.56 -7.03 -51.65
C PRO F 366 -55.73 -7.84 -52.92
N LEU F 367 -56.62 -8.81 -52.86
CA LEU F 367 -56.95 -9.65 -54.01
C LEU F 367 -58.28 -9.20 -54.61
N ASP F 368 -58.32 -9.09 -55.94
CA ASP F 368 -59.38 -8.36 -56.62
C ASP F 368 -60.66 -9.17 -56.80
N ASP F 369 -60.67 -10.42 -56.38
CA ASP F 369 -61.91 -11.21 -56.39
C ASP F 369 -62.96 -10.55 -55.48
N GLU F 370 -64.05 -10.12 -56.11
CA GLU F 370 -65.07 -9.31 -55.43
C GLU F 370 -65.45 -9.87 -54.07
N GLN F 371 -65.64 -11.19 -53.99
CA GLN F 371 -66.00 -11.83 -52.72
C GLN F 371 -65.05 -11.48 -51.59
N MET F 372 -63.77 -11.23 -51.91
CA MET F 372 -62.79 -10.88 -50.90
C MET F 372 -63.06 -9.52 -50.25
N ASN F 373 -63.89 -8.70 -50.89
CA ASN F 373 -64.39 -7.45 -50.32
C ASN F 373 -65.85 -7.54 -49.94
N ARG F 374 -66.34 -8.74 -49.67
CA ARG F 374 -67.70 -8.91 -49.17
C ARG F 374 -67.66 -9.45 -47.75
N ILE F 375 -68.62 -9.02 -46.95
CA ILE F 375 -68.90 -9.66 -45.67
C ILE F 375 -69.66 -10.95 -45.92
N ARG F 376 -69.32 -11.98 -45.14
CA ARG F 376 -70.04 -13.25 -45.14
C ARG F 376 -70.82 -13.35 -43.85
N ILE F 377 -72.13 -13.47 -43.95
CA ILE F 377 -72.98 -13.33 -42.77
C ILE F 377 -72.81 -14.53 -41.83
N PRO F 378 -72.91 -15.78 -42.30
CA PRO F 378 -73.06 -16.86 -41.33
C PRO F 378 -71.83 -17.04 -40.45
N LEU G 11 -79.99 33.83 -2.94
CA LEU G 11 -78.73 33.25 -3.36
C LEU G 11 -78.15 32.36 -2.28
N ASN G 12 -77.32 32.92 -1.42
CA ASN G 12 -76.82 32.22 -0.24
C ASN G 12 -76.52 33.28 0.80
N PRO G 13 -77.37 33.41 1.81
CA PRO G 13 -77.17 34.47 2.81
C PRO G 13 -75.81 34.47 3.44
N GLY G 14 -75.19 33.30 3.59
CA GLY G 14 -73.89 33.24 4.24
C GLY G 14 -72.75 33.78 3.41
N GLN G 15 -72.98 34.09 2.14
CA GLN G 15 -71.87 34.35 1.23
C GLN G 15 -71.06 35.55 1.70
N ARG G 16 -71.76 36.60 2.13
CA ARG G 16 -71.10 37.80 2.62
C ARG G 16 -70.15 37.50 3.77
N ILE G 17 -70.41 36.43 4.50
CA ILE G 17 -69.52 36.01 5.58
C ILE G 17 -68.41 35.13 5.04
N ILE G 18 -68.77 34.15 4.20
CA ILE G 18 -67.76 33.29 3.61
C ILE G 18 -66.73 34.13 2.87
N ARG G 19 -67.20 35.15 2.15
CA ARG G 19 -66.32 36.05 1.43
C ARG G 19 -65.20 36.58 2.33
N ASP G 20 -65.52 36.90 3.57
CA ASP G 20 -64.51 37.45 4.47
C ASP G 20 -63.58 36.41 5.06
N MET G 21 -63.89 35.12 4.92
CA MET G 21 -62.98 34.09 5.42
C MET G 21 -61.76 33.93 4.51
N GLU G 22 -61.89 34.27 3.24
CA GLU G 22 -60.80 34.16 2.28
C GLU G 22 -61.08 35.07 1.10
N PRO G 23 -60.93 36.39 1.28
CA PRO G 23 -61.39 37.33 0.25
C PRO G 23 -60.60 37.26 -1.02
N VAL G 24 -59.34 36.82 -0.96
CA VAL G 24 -58.49 36.68 -2.13
C VAL G 24 -57.66 35.41 -2.00
N SER G 25 -57.47 34.71 -3.11
CA SER G 25 -56.66 33.51 -3.10
C SER G 25 -55.23 33.84 -2.70
N HIS G 26 -54.53 32.83 -2.19
CA HIS G 26 -53.10 32.91 -2.00
C HIS G 26 -52.42 31.65 -2.50
N ARG G 27 -51.19 31.82 -2.97
CA ARG G 27 -50.39 30.74 -3.52
C ARG G 27 -50.10 29.70 -2.45
N THR G 28 -49.82 28.47 -2.89
CA THR G 28 -49.35 27.43 -2.00
C THR G 28 -48.00 26.83 -2.36
N ASN G 29 -47.55 26.97 -3.60
CA ASN G 29 -46.20 26.54 -3.99
C ASN G 29 -45.14 27.52 -3.49
N ARG G 30 -44.97 27.57 -2.18
CA ARG G 30 -43.75 28.16 -1.66
C ARG G 30 -42.54 27.35 -2.13
N LYS G 31 -41.36 27.89 -1.86
CA LYS G 31 -40.09 27.34 -2.36
C LYS G 31 -40.01 27.16 -3.88
N PRO G 32 -40.47 28.11 -4.69
CA PRO G 32 -40.49 27.87 -6.14
C PRO G 32 -39.11 27.65 -6.73
N PHE G 33 -38.11 28.38 -6.25
CA PHE G 33 -36.76 28.23 -6.78
C PHE G 33 -36.22 26.84 -6.48
N THR G 34 -36.25 26.42 -5.23
CA THR G 34 -35.68 25.11 -4.90
C THR G 34 -36.46 23.99 -5.57
N THR G 35 -37.76 24.18 -5.81
CA THR G 35 -38.51 23.20 -6.59
C THR G 35 -38.01 23.11 -8.02
N GLY G 36 -37.74 24.25 -8.65
CA GLY G 36 -37.17 24.22 -10.00
C GLY G 36 -35.76 23.67 -10.07
N GLN G 37 -34.96 23.92 -9.04
CA GLN G 37 -33.68 23.22 -8.91
C GLN G 37 -33.87 21.72 -8.81
N ALA G 38 -34.75 21.27 -7.92
CA ALA G 38 -34.95 19.84 -7.73
C ALA G 38 -35.38 19.17 -9.02
N TYR G 39 -36.41 19.70 -9.67
CA TYR G 39 -36.86 19.14 -10.93
C TYR G 39 -35.74 19.14 -11.97
N SER G 40 -34.89 20.17 -11.96
CA SER G 40 -33.82 20.24 -12.93
C SER G 40 -32.63 19.35 -12.60
N LYS G 41 -32.54 18.83 -11.38
CA LYS G 41 -31.32 18.16 -10.94
C LYS G 41 -31.52 16.78 -10.32
N ILE G 42 -32.70 16.46 -9.81
CA ILE G 42 -32.91 15.19 -9.10
C ILE G 42 -33.69 14.26 -10.00
N GLU G 43 -33.12 13.08 -10.23
CA GLU G 43 -33.58 12.20 -11.30
C GLU G 43 -35.00 11.68 -11.08
N ILE G 44 -35.26 11.10 -9.89
CA ILE G 44 -36.53 10.42 -9.66
C ILE G 44 -37.73 11.36 -9.73
N LEU G 45 -37.52 12.62 -9.34
CA LEU G 45 -38.57 13.63 -9.55
C LEU G 45 -38.79 13.88 -11.03
N ASN G 46 -37.71 14.04 -11.78
CA ASN G 46 -37.83 14.34 -13.20
C ASN G 46 -38.55 13.22 -13.94
N ARG G 47 -38.14 11.98 -13.68
CA ARG G 47 -38.77 10.84 -14.34
C ARG G 47 -40.24 10.72 -13.98
N THR G 48 -40.57 10.75 -12.68
CA THR G 48 -41.97 10.52 -12.33
C THR G 48 -42.89 11.63 -12.82
N ALA G 49 -42.43 12.89 -12.73
CA ALA G 49 -43.20 13.98 -13.30
C ALA G 49 -43.35 13.87 -14.81
N ASN G 50 -42.28 13.53 -15.52
CA ASN G 50 -42.41 13.38 -16.96
C ASN G 50 -43.34 12.24 -17.32
N MET G 51 -43.31 11.15 -16.55
CA MET G 51 -44.23 10.05 -16.83
C MET G 51 -45.67 10.49 -16.68
N VAL G 52 -45.98 11.24 -15.63
CA VAL G 52 -47.36 11.69 -15.43
C VAL G 52 -47.79 12.66 -16.52
N ILE G 53 -47.00 13.71 -16.76
CA ILE G 53 -47.35 14.68 -17.78
C ILE G 53 -47.52 14.02 -19.15
N ASP G 54 -46.50 13.28 -19.59
CA ASP G 54 -46.53 12.66 -20.90
C ASP G 54 -47.63 11.62 -21.03
N SER G 55 -48.05 11.00 -19.92
CA SER G 55 -49.14 10.05 -20.03
C SER G 55 -50.48 10.76 -20.11
N ALA G 56 -50.68 11.80 -19.32
CA ALA G 56 -51.97 12.48 -19.33
C ALA G 56 -52.20 13.24 -20.63
N ALA G 57 -51.14 13.80 -21.21
CA ALA G 57 -51.31 14.61 -22.41
C ALA G 57 -51.91 13.86 -23.60
N GLU G 58 -51.79 12.54 -23.66
CA GLU G 58 -52.22 11.77 -24.82
C GLU G 58 -53.61 11.13 -24.71
N CYS G 59 -54.43 11.51 -23.75
CA CYS G 59 -55.83 11.12 -23.73
C CYS G 59 -56.65 11.96 -24.71
N SER G 60 -57.38 11.31 -25.61
CA SER G 60 -58.33 12.05 -26.44
C SER G 60 -59.56 12.48 -25.65
N TYR G 61 -60.25 13.50 -26.15
CA TYR G 61 -61.51 13.93 -25.55
C TYR G 61 -62.65 13.64 -26.50
N THR G 62 -63.74 13.07 -26.00
CA THR G 62 -64.97 12.93 -26.76
C THR G 62 -66.00 13.95 -26.29
N VAL G 63 -66.69 14.55 -27.26
CA VAL G 63 -67.77 15.51 -27.04
C VAL G 63 -69.11 14.82 -27.25
N GLY G 64 -69.97 14.87 -26.24
CA GLY G 64 -71.20 14.10 -26.23
C GLY G 64 -72.39 14.90 -26.71
N ASP G 65 -73.53 14.65 -26.08
CA ASP G 65 -74.77 15.39 -26.26
C ASP G 65 -74.71 16.75 -25.55
N LYS G 66 -75.70 17.59 -25.85
CA LYS G 66 -75.80 18.94 -25.32
C LYS G 66 -76.98 19.02 -24.37
N TYR G 67 -76.69 19.43 -23.14
CA TYR G 67 -77.73 19.79 -22.19
C TYR G 67 -78.37 21.12 -22.58
N ASN G 68 -79.65 21.27 -22.22
CA ASN G 68 -80.42 22.44 -22.63
C ASN G 68 -80.12 23.67 -21.79
N ILE G 69 -79.45 23.51 -20.65
CA ILE G 69 -79.22 24.64 -19.76
C ILE G 69 -78.35 25.69 -20.43
N VAL G 70 -78.58 26.96 -20.09
CA VAL G 70 -77.78 28.08 -20.58
C VAL G 70 -76.48 28.18 -19.80
N THR G 71 -75.47 28.77 -20.44
CA THR G 71 -74.14 28.85 -19.87
C THR G 71 -73.41 30.05 -20.46
N TYR G 72 -72.13 30.17 -20.13
CA TYR G 72 -71.30 31.27 -20.64
C TYR G 72 -71.00 31.11 -22.13
N ALA G 73 -70.35 30.02 -22.51
CA ALA G 73 -69.83 29.82 -23.86
C ALA G 73 -70.92 29.40 -24.83
N ASN G 74 -71.98 30.21 -24.89
CA ASN G 74 -73.22 29.83 -25.52
C ASN G 74 -73.04 29.55 -27.02
N GLY G 75 -73.82 28.60 -27.52
CA GLY G 75 -74.09 28.46 -28.94
C GLY G 75 -72.95 27.97 -29.81
N VAL G 76 -71.86 27.45 -29.23
CA VAL G 76 -70.74 26.99 -30.05
C VAL G 76 -71.11 25.67 -30.72
N LYS G 77 -70.96 25.60 -32.04
CA LYS G 77 -71.24 24.37 -32.75
C LYS G 77 -70.26 23.26 -32.36
N THR G 78 -70.79 22.05 -32.25
CA THR G 78 -70.00 20.91 -31.77
C THR G 78 -68.74 20.68 -32.57
N LYS G 79 -68.82 20.74 -33.90
CA LYS G 79 -67.63 20.53 -34.73
C LYS G 79 -66.51 21.51 -34.41
N THR G 80 -66.84 22.75 -34.05
CA THR G 80 -65.79 23.69 -33.66
C THR G 80 -65.16 23.26 -32.35
N LEU G 81 -65.99 22.94 -31.36
CA LEU G 81 -65.45 22.59 -30.06
C LEU G 81 -64.57 21.36 -30.16
N ASP G 82 -65.02 20.36 -30.90
CA ASP G 82 -64.22 19.17 -31.17
C ASP G 82 -62.88 19.53 -31.80
N THR G 83 -62.90 20.38 -32.83
CA THR G 83 -61.65 20.76 -33.49
C THR G 83 -60.71 21.49 -32.54
N LEU G 84 -61.26 22.32 -31.66
CA LEU G 84 -60.42 23.04 -30.71
C LEU G 84 -59.82 22.11 -29.66
N LEU G 85 -60.62 21.20 -29.12
CA LEU G 85 -60.13 20.30 -28.07
C LEU G 85 -59.16 19.26 -28.62
N ASN G 86 -59.56 18.56 -29.68
CA ASN G 86 -58.76 17.50 -30.26
C ASN G 86 -57.63 17.94 -31.19
N VAL G 87 -57.77 19.04 -31.93
CA VAL G 87 -56.88 19.31 -33.06
C VAL G 87 -56.04 20.56 -32.88
N ARG G 88 -56.67 21.70 -32.59
CA ARG G 88 -55.97 22.98 -32.64
C ARG G 88 -56.55 23.98 -31.66
N PRO G 89 -55.90 24.17 -30.51
CA PRO G 89 -56.46 25.09 -29.52
C PRO G 89 -56.51 26.54 -29.99
N ASN G 90 -55.50 26.98 -30.72
CA ASN G 90 -55.47 28.35 -31.21
C ASN G 90 -54.55 28.41 -32.42
N PRO G 91 -54.54 29.53 -33.16
CA PRO G 91 -53.77 29.56 -34.41
C PRO G 91 -52.27 29.34 -34.25
N PHE G 92 -51.71 29.44 -33.05
CA PHE G 92 -50.26 29.52 -32.90
C PHE G 92 -49.62 28.39 -32.11
N MET G 93 -50.38 27.63 -31.31
CA MET G 93 -49.82 26.64 -30.41
C MET G 93 -50.46 25.29 -30.70
N ASP G 94 -49.69 24.22 -30.60
CA ASP G 94 -50.24 22.92 -30.92
C ASP G 94 -51.20 22.49 -29.81
N ILE G 95 -51.80 21.31 -29.96
CA ILE G 95 -52.58 20.68 -28.90
C ILE G 95 -51.71 20.06 -27.81
N SER G 96 -50.63 19.39 -28.19
CA SER G 96 -49.84 18.70 -27.19
C SER G 96 -49.12 19.67 -26.25
N THR G 97 -48.53 20.72 -26.81
CA THR G 97 -47.89 21.71 -25.96
C THR G 97 -48.89 22.38 -25.03
N PHE G 98 -50.07 22.69 -25.55
CA PHE G 98 -51.14 23.26 -24.72
C PHE G 98 -51.52 22.34 -23.56
N ARG G 99 -51.77 21.07 -23.86
CA ARG G 99 -52.13 20.13 -22.81
C ARG G 99 -51.02 19.99 -21.78
N ARG G 100 -49.78 19.83 -22.23
CA ARG G 100 -48.69 19.67 -21.28
C ARG G 100 -48.51 20.90 -20.40
N LEU G 101 -48.66 22.09 -20.97
CA LEU G 101 -48.63 23.30 -20.15
C LEU G 101 -49.72 23.32 -19.09
N VAL G 102 -50.95 23.00 -19.49
CA VAL G 102 -52.06 22.99 -18.54
C VAL G 102 -51.85 21.97 -17.44
N VAL G 103 -51.39 20.77 -17.78
CA VAL G 103 -51.16 19.75 -16.77
C VAL G 103 -49.97 20.11 -15.88
N THR G 104 -48.95 20.74 -16.44
CA THR G 104 -47.86 21.24 -15.61
C THR G 104 -48.36 22.23 -14.57
N ASP G 105 -49.15 23.21 -14.99
CA ASP G 105 -49.66 24.18 -14.03
C ASP G 105 -50.53 23.49 -12.99
N LEU G 106 -51.44 22.62 -13.44
CA LEU G 106 -52.35 21.93 -12.53
C LEU G 106 -51.60 21.11 -11.49
N LEU G 107 -50.53 20.43 -11.89
CA LEU G 107 -49.75 19.65 -10.94
C LEU G 107 -48.90 20.52 -10.02
N PHE G 108 -48.08 21.40 -10.59
CA PHE G 108 -47.09 22.10 -9.78
C PHE G 108 -47.71 23.20 -8.93
N GLU G 109 -48.45 24.13 -9.54
CA GLU G 109 -49.10 25.18 -8.77
C GLU G 109 -50.33 24.70 -8.04
N GLY G 110 -51.09 23.78 -8.64
CA GLY G 110 -52.36 23.38 -8.08
C GLY G 110 -53.56 24.05 -8.70
N CYS G 111 -53.37 24.88 -9.72
CA CYS G 111 -54.46 25.58 -10.37
C CYS G 111 -54.17 25.63 -11.87
N ALA G 112 -55.21 25.83 -12.66
CA ALA G 112 -55.01 26.12 -14.07
C ALA G 112 -56.07 27.07 -14.58
N TYR G 113 -55.67 27.96 -15.48
CA TYR G 113 -56.57 28.95 -16.05
C TYR G 113 -56.45 28.96 -17.56
N ILE G 114 -57.59 29.10 -18.24
CA ILE G 114 -57.60 29.15 -19.69
C ILE G 114 -58.48 30.31 -20.14
N TYR G 115 -57.93 31.21 -20.93
CA TYR G 115 -58.75 32.25 -21.53
C TYR G 115 -59.54 31.66 -22.68
N TRP G 116 -60.66 32.30 -23.00
CA TRP G 116 -61.45 32.00 -24.17
C TRP G 116 -61.80 33.30 -24.90
N ASP G 117 -61.73 33.25 -26.23
CA ASP G 117 -61.82 34.46 -27.04
C ASP G 117 -62.63 34.18 -28.31
N GLY G 118 -63.89 33.85 -28.12
CA GLY G 118 -64.77 33.55 -29.23
C GLY G 118 -64.45 32.22 -29.87
N THR G 119 -63.27 32.11 -30.46
CA THR G 119 -62.83 30.89 -31.13
C THR G 119 -61.35 30.68 -30.86
N SER G 120 -60.97 30.73 -29.59
CA SER G 120 -59.60 30.46 -29.20
C SER G 120 -59.55 30.16 -27.71
N LEU G 121 -58.75 29.17 -27.34
CA LEU G 121 -58.38 28.91 -25.97
C LEU G 121 -56.89 29.17 -25.77
N TYR G 122 -56.54 29.92 -24.74
CA TYR G 122 -55.14 30.22 -24.45
C TYR G 122 -54.81 29.85 -23.01
N HIS G 123 -53.73 29.11 -22.82
CA HIS G 123 -53.24 28.86 -21.48
C HIS G 123 -52.77 30.16 -20.83
N VAL G 124 -53.11 30.35 -19.56
CA VAL G 124 -52.68 31.53 -18.82
C VAL G 124 -51.89 31.11 -17.58
N PRO G 125 -50.66 31.58 -17.39
CA PRO G 125 -49.79 30.99 -16.36
C PRO G 125 -50.39 31.13 -14.96
N ALA G 126 -50.48 29.99 -14.28
CA ALA G 126 -51.12 29.93 -12.97
C ALA G 126 -50.36 30.68 -11.88
N ALA G 127 -49.05 30.83 -12.00
CA ALA G 127 -48.30 31.58 -11.00
C ALA G 127 -48.63 33.06 -10.96
N LEU G 128 -49.21 33.62 -12.02
CA LEU G 128 -49.49 35.04 -12.07
C LEU G 128 -50.94 35.40 -11.88
N MET G 129 -51.86 34.44 -11.96
CA MET G 129 -53.26 34.70 -11.72
C MET G 129 -53.56 34.82 -10.23
N GLN G 130 -54.65 35.50 -9.93
CA GLN G 130 -55.19 35.56 -8.58
C GLN G 130 -56.71 35.63 -8.67
N VAL G 131 -57.38 35.01 -7.71
CA VAL G 131 -58.83 34.90 -7.70
C VAL G 131 -59.41 35.76 -6.58
N GLU G 132 -60.37 36.62 -6.93
CA GLU G 132 -61.03 37.48 -5.97
C GLU G 132 -62.47 37.04 -5.74
N ALA G 133 -62.83 36.82 -4.47
CA ALA G 133 -64.13 36.28 -4.13
C ALA G 133 -65.21 37.34 -4.30
N ASP G 134 -66.37 36.94 -4.81
CA ASP G 134 -67.51 37.86 -4.84
C ASP G 134 -68.27 37.78 -3.53
N ALA G 135 -68.99 38.87 -3.21
CA ALA G 135 -69.82 38.91 -2.02
C ALA G 135 -71.17 38.21 -2.18
N ASN G 136 -71.61 37.94 -3.40
CA ASN G 136 -72.94 37.36 -3.60
C ASN G 136 -72.85 36.11 -4.46
N LYS G 137 -72.13 36.22 -5.56
CA LYS G 137 -71.89 35.11 -6.46
C LYS G 137 -70.68 34.33 -5.98
N PHE G 138 -70.15 33.44 -6.79
CA PHE G 138 -68.95 32.72 -6.38
C PHE G 138 -67.71 33.58 -6.51
N ILE G 139 -67.35 33.99 -7.73
CA ILE G 139 -66.09 34.67 -7.99
C ILE G 139 -66.36 35.97 -8.71
N LYS G 140 -65.70 37.05 -8.27
CA LYS G 140 -65.96 38.37 -8.81
C LYS G 140 -65.17 38.65 -10.08
N LYS G 141 -63.85 38.49 -10.02
CA LYS G 141 -62.98 38.70 -11.17
C LYS G 141 -61.68 37.98 -10.92
N PHE G 142 -60.94 37.71 -11.99
CA PHE G 142 -59.59 37.16 -11.87
C PHE G 142 -58.57 38.24 -12.17
N ILE G 143 -57.56 38.36 -11.31
CA ILE G 143 -56.54 39.38 -11.45
C ILE G 143 -55.26 38.69 -11.91
N PHE G 144 -54.70 39.19 -13.00
CA PHE G 144 -53.44 38.74 -13.55
C PHE G 144 -52.35 39.77 -13.28
N ASN G 145 -51.30 39.33 -12.58
CA ASN G 145 -50.11 40.13 -12.27
C ASN G 145 -50.45 41.49 -11.68
N ASN G 146 -51.58 41.60 -10.99
CA ASN G 146 -52.13 42.86 -10.50
C ASN G 146 -52.31 43.89 -11.61
N GLN G 147 -52.22 43.47 -12.87
CA GLN G 147 -52.14 44.41 -13.97
C GLN G 147 -53.26 44.28 -14.99
N ILE G 148 -53.95 43.15 -15.06
CA ILE G 148 -55.20 43.13 -15.83
C ILE G 148 -56.23 42.25 -15.13
N ASN G 149 -57.48 42.65 -15.22
CA ASN G 149 -58.61 41.89 -14.68
C ASN G 149 -59.38 41.20 -15.79
N TYR G 150 -59.48 39.87 -15.70
CA TYR G 150 -60.36 39.07 -16.54
C TYR G 150 -61.73 38.94 -15.92
N ARG G 151 -62.76 39.19 -16.74
CA ARG G 151 -64.14 38.95 -16.38
C ARG G 151 -64.40 37.47 -16.20
N VAL G 152 -65.35 37.16 -15.33
CA VAL G 152 -65.58 35.78 -14.89
C VAL G 152 -66.01 34.89 -16.05
N ASP G 153 -66.86 35.39 -16.94
CA ASP G 153 -67.31 34.56 -18.05
C ASP G 153 -66.29 34.43 -19.18
N GLU G 154 -65.05 34.82 -18.95
CA GLU G 154 -63.99 34.69 -19.94
C GLU G 154 -62.85 33.81 -19.47
N ILE G 155 -62.99 33.10 -18.36
CA ILE G 155 -61.95 32.21 -17.89
C ILE G 155 -62.55 30.85 -17.58
N ILE G 156 -61.79 29.80 -17.88
CA ILE G 156 -62.05 28.45 -17.42
C ILE G 156 -61.06 28.18 -16.29
N PHE G 157 -61.57 27.78 -15.14
CA PHE G 157 -60.81 27.65 -13.91
C PHE G 157 -60.83 26.23 -13.38
N ILE G 158 -59.66 25.70 -13.04
CA ILE G 158 -59.54 24.37 -12.47
C ILE G 158 -58.70 24.47 -11.20
N LYS G 159 -59.11 23.77 -10.16
CA LYS G 159 -58.31 23.72 -8.94
C LYS G 159 -58.32 22.35 -8.32
N ASP G 160 -57.16 21.95 -7.80
CA ASP G 160 -57.03 20.78 -6.95
C ASP G 160 -57.61 21.07 -5.57
N ASN G 161 -57.65 20.03 -4.74
CA ASN G 161 -58.20 20.14 -3.40
C ASN G 161 -57.41 21.17 -2.59
N SER G 162 -58.02 21.65 -1.52
CA SER G 162 -57.36 22.67 -0.71
C SER G 162 -57.92 22.67 0.70
N TYR G 163 -57.04 22.44 1.68
CA TYR G 163 -57.34 22.63 3.09
C TYR G 163 -56.19 23.41 3.72
N VAL G 164 -56.44 24.65 4.10
CA VAL G 164 -55.38 25.64 4.32
C VAL G 164 -55.60 26.30 5.67
N CYS G 165 -54.53 26.40 6.45
CA CYS G 165 -54.51 27.08 7.74
C CYS G 165 -55.65 26.66 8.66
N GLY G 166 -56.16 25.44 8.48
CA GLY G 166 -57.29 24.99 9.25
C GLY G 166 -58.64 25.38 8.70
N THR G 167 -58.68 26.03 7.55
CA THR G 167 -59.92 26.27 6.83
C THR G 167 -59.95 25.38 5.59
N ASN G 168 -61.02 24.63 5.41
CA ASN G 168 -61.29 24.12 4.08
C ASN G 168 -61.45 25.30 3.14
N SER G 169 -60.80 25.22 2.00
CA SER G 169 -60.60 26.39 1.15
C SER G 169 -61.32 26.22 -0.17
N GLN G 170 -62.31 27.06 -0.40
CA GLN G 170 -62.71 27.35 -1.76
C GLN G 170 -61.59 28.13 -2.45
N ILE G 171 -61.77 28.39 -3.73
CA ILE G 171 -60.89 29.29 -4.47
C ILE G 171 -59.45 28.77 -4.62
N SER G 172 -58.77 28.51 -3.51
CA SER G 172 -57.36 28.15 -3.59
C SER G 172 -57.15 26.68 -3.94
N GLY G 173 -55.95 26.37 -4.38
CA GLY G 173 -55.57 24.99 -4.66
C GLY G 173 -54.24 24.62 -4.03
N GLN G 174 -54.21 23.43 -3.42
CA GLN G 174 -52.96 22.88 -2.92
C GLN G 174 -52.06 22.37 -4.05
N SER G 175 -50.79 22.76 -4.02
CA SER G 175 -49.77 22.13 -4.85
C SER G 175 -49.51 20.70 -4.42
N ARG G 176 -49.40 19.80 -5.40
CA ARG G 176 -49.01 18.43 -5.11
C ARG G 176 -47.53 18.31 -4.76
N VAL G 177 -46.66 18.86 -5.63
CA VAL G 177 -45.21 18.74 -5.50
C VAL G 177 -44.66 19.41 -4.24
N ALA G 178 -45.33 20.43 -3.73
CA ALA G 178 -44.87 21.09 -2.51
C ALA G 178 -44.67 20.15 -1.33
N THR G 179 -45.41 19.06 -1.25
CA THR G 179 -45.20 18.14 -0.12
C THR G 179 -43.95 17.28 -0.24
N VAL G 180 -43.23 17.31 -1.35
CA VAL G 180 -42.13 16.37 -1.56
C VAL G 180 -40.74 16.95 -1.23
N ILE G 181 -40.59 18.27 -1.18
CA ILE G 181 -39.27 18.86 -1.13
C ILE G 181 -38.54 18.48 0.16
N ASP G 182 -39.27 18.36 1.26
CA ASP G 182 -38.65 18.02 2.53
C ASP G 182 -37.79 16.77 2.40
N SER G 183 -38.24 15.81 1.61
CA SER G 183 -37.54 14.53 1.53
C SER G 183 -36.35 14.62 0.60
N LEU G 184 -36.51 15.36 -0.49
CA LEU G 184 -35.44 15.52 -1.47
C LEU G 184 -34.23 16.20 -0.84
N GLU G 185 -34.44 17.12 0.09
CA GLU G 185 -33.31 17.67 0.81
C GLU G 185 -32.59 16.62 1.63
N LYS G 186 -33.32 15.91 2.51
CA LYS G 186 -32.66 14.97 3.40
C LYS G 186 -31.89 13.91 2.63
N ARG G 187 -32.47 13.40 1.55
CA ARG G 187 -31.79 12.36 0.80
C ARG G 187 -30.50 12.89 0.20
N SER G 188 -30.55 14.07 -0.39
CA SER G 188 -29.35 14.66 -0.94
C SER G 188 -28.28 14.82 0.12
N LYS G 189 -28.66 15.25 1.31
CA LYS G 189 -27.69 15.35 2.39
C LYS G 189 -27.01 14.02 2.65
N MET G 190 -27.79 12.97 2.81
CA MET G 190 -27.18 11.67 3.05
C MET G 190 -26.21 11.31 1.93
N LEU G 191 -26.65 11.47 0.68
CA LEU G 191 -25.77 11.11 -0.42
C LEU G 191 -24.48 11.91 -0.41
N ASN G 192 -24.56 13.20 -0.11
CA ASN G 192 -23.32 13.97 -0.06
C ASN G 192 -22.44 13.50 1.07
N PHE G 193 -23.03 13.20 2.21
CA PHE G 193 -22.24 12.68 3.31
C PHE G 193 -21.60 11.37 2.92
N LYS G 194 -22.38 10.51 2.26
CA LYS G 194 -21.86 9.22 1.83
C LYS G 194 -20.64 9.38 0.94
N GLU G 195 -20.67 10.37 0.04
CA GLU G 195 -19.46 10.66 -0.73
C GLU G 195 -18.34 11.21 0.14
N LYS G 196 -18.62 12.28 0.87
CA LYS G 196 -17.52 13.08 1.43
C LYS G 196 -16.74 12.36 2.51
N PHE G 197 -17.37 11.42 3.22
CA PHE G 197 -16.65 10.55 4.14
C PHE G 197 -15.47 9.85 3.48
N LEU G 198 -15.57 9.54 2.20
CA LEU G 198 -14.44 8.93 1.50
C LEU G 198 -13.30 9.92 1.28
N ASP G 199 -13.61 11.15 0.85
CA ASP G 199 -12.53 12.13 0.69
C ASP G 199 -11.93 12.59 2.00
N ASN G 200 -12.71 12.70 3.06
CA ASN G 200 -12.15 12.94 4.37
C ASN G 200 -11.48 11.71 4.99
N GLY G 201 -11.50 10.57 4.32
CA GLY G 201 -10.96 9.35 4.90
C GLY G 201 -9.48 9.44 5.19
N THR G 202 -9.00 8.41 5.89
CA THR G 202 -7.58 8.31 6.25
C THR G 202 -7.23 6.84 6.39
N VAL G 203 -6.26 6.38 5.59
CA VAL G 203 -5.98 4.96 5.45
C VAL G 203 -4.50 4.75 5.72
N ILE G 204 -4.18 4.09 6.82
CA ILE G 204 -2.80 3.85 7.25
C ILE G 204 -2.48 2.38 7.03
N GLY G 205 -1.25 2.10 6.62
CA GLY G 205 -0.84 0.73 6.44
C GLY G 205 -0.03 0.17 7.59
N LEU G 206 0.79 1.00 8.23
CA LEU G 206 1.67 0.54 9.29
C LEU G 206 2.05 1.73 10.15
N ILE G 207 2.34 1.49 11.42
CA ILE G 207 2.88 2.52 12.30
C ILE G 207 4.13 1.99 13.00
N LEU G 208 5.22 2.74 12.89
CA LEU G 208 6.49 2.45 13.53
C LEU G 208 6.86 3.61 14.44
N GLU G 209 7.57 3.30 15.52
CA GLU G 209 7.67 4.23 16.63
C GLU G 209 9.02 4.09 17.31
N THR G 210 9.55 5.22 17.79
CA THR G 210 10.80 5.27 18.53
C THR G 210 10.75 6.39 19.55
N ASP G 211 11.58 6.27 20.59
CA ASP G 211 11.89 7.39 21.46
C ASP G 211 13.11 8.19 21.02
N GLU G 212 13.95 7.64 20.16
CA GLU G 212 15.04 8.41 19.58
C GLU G 212 14.52 9.49 18.64
N ILE G 213 15.43 10.38 18.24
CA ILE G 213 15.16 11.37 17.21
C ILE G 213 15.95 10.99 15.97
N LEU G 214 15.31 11.08 14.81
CA LEU G 214 15.83 10.56 13.55
C LEU G 214 15.96 11.67 12.52
N ASN G 215 16.97 11.54 11.67
CA ASN G 215 17.23 12.55 10.65
C ASN G 215 16.06 12.59 9.66
N LYS G 216 15.38 13.73 9.62
CA LYS G 216 14.08 13.83 8.95
C LYS G 216 14.15 13.41 7.48
N LYS G 217 15.15 13.89 6.76
CA LYS G 217 15.31 13.57 5.35
C LYS G 217 15.46 12.07 5.10
N LEU G 218 16.30 11.42 5.90
CA LEU G 218 16.46 9.97 5.78
C LEU G 218 15.21 9.24 6.20
N ARG G 219 14.53 9.71 7.25
CA ARG G 219 13.26 9.10 7.63
C ARG G 219 12.24 9.13 6.49
N GLU G 220 12.10 10.26 5.82
CA GLU G 220 11.20 10.34 4.69
C GLU G 220 11.59 9.38 3.57
N ARG G 221 12.89 9.33 3.24
CA ARG G 221 13.33 8.36 2.25
C ARG G 221 12.96 6.94 2.65
N LYS G 222 13.20 6.58 3.90
CA LYS G 222 12.88 5.24 4.38
C LYS G 222 11.40 4.93 4.26
N GLN G 223 10.54 5.90 4.57
CA GLN G 223 9.10 5.69 4.38
C GLN G 223 8.78 5.39 2.93
N GLU G 224 9.38 6.11 2.00
CA GLU G 224 9.06 5.86 0.60
C GLU G 224 9.60 4.52 0.12
N GLU G 225 10.76 4.11 0.63
CA GLU G 225 11.28 2.78 0.32
C GLU G 225 10.36 1.67 0.82
N LEU G 226 9.95 1.76 2.09
CA LEU G 226 9.04 0.73 2.60
C LEU G 226 7.74 0.70 1.82
N GLN G 227 7.18 1.87 1.50
CA GLN G 227 5.90 1.91 0.81
C GLN G 227 5.98 1.27 -0.56
N LEU G 228 6.99 1.61 -1.35
CA LEU G 228 7.09 1.02 -2.67
C LEU G 228 7.50 -0.46 -2.62
N ASP G 229 8.36 -0.85 -1.68
CA ASP G 229 8.79 -2.24 -1.65
C ASP G 229 7.69 -3.21 -1.24
N TYR G 230 6.96 -2.89 -0.17
CA TYR G 230 6.05 -3.90 0.38
C TYR G 230 4.78 -4.13 -0.43
N ASN G 231 4.26 -3.14 -1.13
CA ASN G 231 3.04 -3.40 -1.87
C ASN G 231 3.28 -4.45 -2.95
N PRO G 232 2.44 -5.49 -3.03
CA PRO G 232 2.66 -6.55 -4.02
C PRO G 232 2.64 -6.09 -5.45
N SER G 233 1.87 -5.06 -5.77
CA SER G 233 1.85 -4.51 -7.11
C SER G 233 3.18 -3.90 -7.50
N THR G 234 3.75 -3.06 -6.62
CA THR G 234 5.04 -2.46 -6.90
C THR G 234 6.21 -3.42 -6.67
N GLY G 235 6.25 -4.12 -5.53
CA GLY G 235 7.49 -4.75 -5.13
C GLY G 235 7.30 -6.15 -4.60
N GLN G 236 8.43 -6.80 -4.31
CA GLN G 236 8.51 -8.19 -3.90
C GLN G 236 8.59 -8.44 -2.40
N SER G 237 9.33 -7.63 -1.66
CA SER G 237 9.66 -7.95 -0.28
C SER G 237 8.45 -7.95 0.62
N SER G 238 8.48 -8.81 1.65
CA SER G 238 7.35 -8.94 2.57
C SER G 238 7.73 -9.11 4.04
N VAL G 239 8.81 -9.79 4.37
CA VAL G 239 9.27 -9.81 5.76
C VAL G 239 9.91 -8.46 6.09
N LEU G 240 9.79 -8.04 7.35
CA LEU G 240 10.39 -6.81 7.82
C LEU G 240 11.15 -7.01 9.12
N ILE G 241 12.40 -6.58 9.15
CA ILE G 241 13.27 -6.73 10.31
C ILE G 241 13.59 -5.35 10.87
N LEU G 242 13.21 -5.13 12.12
CA LEU G 242 13.41 -3.85 12.80
C LEU G 242 14.53 -4.00 13.79
N ASP G 243 15.40 -3.00 13.86
CA ASP G 243 16.54 -3.02 14.75
C ASP G 243 16.72 -1.66 15.41
N GLY G 244 17.59 -1.63 16.41
CA GLY G 244 17.82 -0.42 17.16
C GLY G 244 16.65 0.05 17.99
N GLY G 245 15.58 -0.73 18.06
CA GLY G 245 14.48 -0.41 18.94
C GLY G 245 13.26 0.24 18.32
N MET G 246 13.18 0.35 17.00
CA MET G 246 11.92 0.76 16.41
C MET G 246 10.83 -0.27 16.73
N LYS G 247 9.74 0.21 17.31
CA LYS G 247 8.64 -0.65 17.73
C LYS G 247 7.47 -0.51 16.75
N ALA G 248 6.86 -1.64 16.42
CA ALA G 248 5.61 -1.65 15.66
C ALA G 248 4.43 -1.49 16.61
N LYS G 249 3.60 -0.48 16.35
CA LYS G 249 2.49 -0.17 17.24
C LYS G 249 1.21 -0.74 16.65
N PRO G 250 0.55 -1.66 17.34
CA PRO G 250 -0.75 -2.13 16.87
C PRO G 250 -1.81 -1.05 16.94
N TYR G 251 -2.68 -1.01 15.93
CA TYR G 251 -3.71 0.00 15.83
C TYR G 251 -4.96 -0.64 15.24
N SER G 252 -6.05 0.13 15.21
CA SER G 252 -7.29 -0.35 14.63
C SER G 252 -8.03 0.80 13.96
N GLN G 253 -8.88 0.45 13.01
CA GLN G 253 -9.67 1.44 12.27
C GLN G 253 -10.74 2.03 13.17
N ILE G 254 -10.50 3.25 13.67
CA ILE G 254 -11.33 3.80 14.74
C ILE G 254 -12.71 4.20 14.26
N SER G 255 -12.92 4.38 12.96
CA SER G 255 -14.26 4.57 12.41
C SER G 255 -14.31 4.00 11.01
N SER G 256 -15.31 3.17 10.73
CA SER G 256 -15.34 2.37 9.52
C SER G 256 -16.56 2.69 8.67
N PHE G 257 -16.35 2.59 7.35
CA PHE G 257 -17.40 2.72 6.35
C PHE G 257 -18.55 1.73 6.57
N LYS G 258 -18.28 0.60 7.22
CA LYS G 258 -19.33 -0.38 7.48
C LYS G 258 -20.52 0.19 8.23
N ASP G 259 -20.32 1.19 9.08
CA ASP G 259 -21.43 1.72 9.86
C ASP G 259 -22.30 2.72 9.09
N LEU G 260 -22.00 2.98 7.84
CA LEU G 260 -22.86 3.81 7.00
C LEU G 260 -23.82 2.96 6.16
N ASP G 261 -24.71 2.24 6.85
CA ASP G 261 -25.67 1.38 6.17
C ASP G 261 -26.94 2.12 5.74
N PHE G 262 -26.74 3.21 5.00
CA PHE G 262 -27.82 4.12 4.61
C PHE G 262 -28.96 3.42 3.88
N LYS G 263 -28.71 2.23 3.33
CA LYS G 263 -29.47 1.71 2.18
C LYS G 263 -30.99 1.71 2.35
N GLU G 264 -31.52 1.33 3.50
CA GLU G 264 -32.96 1.37 3.69
C GLU G 264 -33.54 2.79 3.83
N ASP G 265 -32.81 3.69 4.48
CA ASP G 265 -33.33 5.04 4.65
C ASP G 265 -33.52 5.77 3.33
N ILE G 266 -32.51 5.72 2.45
CA ILE G 266 -32.68 6.35 1.15
C ILE G 266 -33.78 5.64 0.36
N ALA G 267 -33.89 4.32 0.50
CA ALA G 267 -34.97 3.62 -0.16
C ALA G 267 -36.33 4.13 0.30
N GLY G 268 -36.45 4.43 1.60
CA GLY G 268 -37.68 5.02 2.08
C GLY G 268 -37.98 6.32 1.38
N PHE G 269 -36.98 7.19 1.25
CA PHE G 269 -37.24 8.47 0.61
C PHE G 269 -37.64 8.29 -0.85
N ASN G 270 -37.01 7.35 -1.54
CA ASN G 270 -37.45 7.09 -2.90
C ASN G 270 -38.91 6.66 -2.94
N LYS G 271 -39.30 5.77 -2.03
CA LYS G 271 -40.70 5.38 -1.99
C LYS G 271 -41.60 6.57 -1.75
N SER G 272 -41.23 7.47 -0.84
CA SER G 272 -42.07 8.63 -0.60
C SER G 272 -42.26 9.43 -1.88
N ILE G 273 -41.17 9.68 -2.60
CA ILE G 273 -41.30 10.49 -3.80
C ILE G 273 -42.18 9.76 -4.79
N CYS G 274 -41.88 8.47 -4.99
CA CYS G 274 -42.64 7.67 -5.94
C CYS G 274 -44.11 7.64 -5.55
N LEU G 275 -44.38 7.59 -4.25
CA LEU G 275 -45.77 7.60 -3.81
C LEU G 275 -46.48 8.93 -3.99
N ALA G 276 -45.79 10.06 -3.86
CA ALA G 276 -46.51 11.33 -3.95
C ALA G 276 -47.20 11.53 -5.30
N PHE G 277 -46.54 11.12 -6.39
CA PHE G 277 -47.22 11.12 -7.68
C PHE G 277 -48.21 9.97 -7.82
N GLY G 278 -47.97 8.86 -7.14
CA GLY G 278 -48.87 7.73 -7.25
C GLY G 278 -48.59 6.91 -8.48
N VAL G 279 -47.35 6.48 -8.64
CA VAL G 279 -46.94 5.55 -9.69
C VAL G 279 -46.43 4.28 -9.03
N PRO G 280 -46.95 3.10 -9.38
CA PRO G 280 -46.51 1.87 -8.73
C PRO G 280 -45.06 1.56 -9.05
N GLN G 281 -44.39 0.92 -8.09
CA GLN G 281 -42.99 0.56 -8.24
C GLN G 281 -42.75 -0.42 -9.38
N VAL G 282 -43.74 -1.27 -9.67
CA VAL G 282 -43.64 -2.17 -10.82
C VAL G 282 -43.37 -1.41 -12.11
N LEU G 283 -43.85 -0.17 -12.23
CA LEU G 283 -43.54 0.63 -13.41
C LEU G 283 -42.13 1.19 -13.38
N ILE G 284 -41.53 1.31 -12.20
CA ILE G 284 -40.14 1.75 -12.13
C ILE G 284 -39.20 0.58 -12.35
N ASP G 285 -39.59 -0.61 -11.94
CA ASP G 285 -38.81 -1.83 -12.11
C ASP G 285 -39.09 -2.51 -13.44
N GLY G 286 -40.36 -2.77 -13.75
CA GLY G 286 -40.71 -3.84 -14.64
C GLY G 286 -40.63 -5.18 -13.92
N GLY G 287 -41.71 -5.95 -13.99
CA GLY G 287 -41.86 -7.19 -13.25
C GLY G 287 -42.22 -8.32 -14.18
N ASN G 288 -43.07 -9.21 -13.68
CA ASN G 288 -43.66 -10.20 -14.57
C ASN G 288 -44.93 -9.70 -15.25
N ASN G 289 -45.39 -10.49 -16.23
CA ASN G 289 -46.57 -10.13 -17.01
C ASN G 289 -47.79 -9.89 -16.13
N ALA G 290 -48.05 -10.82 -15.21
CA ALA G 290 -49.19 -10.69 -14.30
C ALA G 290 -49.05 -9.43 -13.45
N ASN G 291 -47.83 -9.04 -13.13
CA ASN G 291 -47.64 -7.75 -12.46
C ASN G 291 -47.88 -6.61 -13.44
N ILE G 292 -47.25 -6.66 -14.61
CA ILE G 292 -47.10 -5.45 -15.41
C ILE G 292 -48.43 -5.04 -16.04
N ARG G 293 -49.15 -5.97 -16.64
CA ARG G 293 -50.35 -5.57 -17.39
C ARG G 293 -51.44 -4.95 -16.53
N PRO G 294 -51.78 -5.49 -15.36
CA PRO G 294 -52.74 -4.80 -14.48
C PRO G 294 -52.24 -3.49 -13.88
N ASN G 295 -50.94 -3.39 -13.58
CA ASN G 295 -50.43 -2.16 -12.99
C ASN G 295 -50.57 -0.94 -13.88
N ILE G 296 -50.44 -1.10 -15.19
CA ILE G 296 -50.73 0.02 -16.09
C ILE G 296 -52.16 0.51 -15.93
N GLU G 297 -53.12 -0.41 -15.86
CA GLU G 297 -54.50 0.00 -15.66
C GLU G 297 -54.71 0.63 -14.29
N LEU G 298 -53.98 0.16 -13.28
CA LEU G 298 -54.05 0.79 -11.97
C LEU G 298 -53.60 2.24 -12.05
N PHE G 299 -52.43 2.46 -12.66
CA PHE G 299 -51.86 3.80 -12.75
C PHE G 299 -52.78 4.72 -13.54
N TYR G 300 -53.26 4.26 -14.69
CA TYR G 300 -54.15 5.10 -15.50
C TYR G 300 -55.42 5.44 -14.77
N TYR G 301 -56.15 4.44 -14.27
CA TYR G 301 -57.47 4.71 -13.75
C TYR G 301 -57.45 5.46 -12.43
N MET G 302 -56.57 5.07 -11.50
CA MET G 302 -56.57 5.76 -10.21
C MET G 302 -55.97 7.17 -10.27
N THR G 303 -54.78 7.32 -10.82
CA THR G 303 -54.17 8.65 -10.81
C THR G 303 -54.65 9.61 -11.90
N ILE G 304 -54.58 9.22 -13.17
CA ILE G 304 -54.80 10.18 -14.25
C ILE G 304 -56.28 10.51 -14.43
N ILE G 305 -57.14 9.50 -14.44
CA ILE G 305 -58.54 9.73 -14.80
C ILE G 305 -59.26 10.66 -13.84
N PRO G 306 -59.01 10.66 -12.53
CA PRO G 306 -59.57 11.73 -11.70
C PRO G 306 -59.13 13.14 -12.07
N MET G 307 -57.87 13.32 -12.46
CA MET G 307 -57.44 14.63 -12.93
C MET G 307 -58.22 15.05 -14.17
N LEU G 308 -58.28 14.16 -15.15
CA LEU G 308 -59.02 14.53 -16.36
C LEU G 308 -60.49 14.72 -16.08
N ASN G 309 -61.05 14.00 -15.11
CA ASN G 309 -62.43 14.25 -14.72
C ASN G 309 -62.62 15.63 -14.11
N LYS G 310 -61.64 16.11 -13.35
CA LYS G 310 -61.71 17.49 -12.87
C LYS G 310 -61.74 18.47 -14.04
N LEU G 311 -60.87 18.24 -15.01
CA LEU G 311 -60.81 19.16 -16.15
C LEU G 311 -62.08 19.09 -16.97
N THR G 312 -62.52 17.90 -17.33
CA THR G 312 -63.69 17.76 -18.19
C THR G 312 -64.94 18.24 -17.50
N SER G 313 -65.10 18.00 -16.19
CA SER G 313 -66.23 18.57 -15.48
C SER G 313 -66.22 20.10 -15.49
N SER G 314 -65.04 20.72 -15.47
CA SER G 314 -65.01 22.17 -15.64
C SER G 314 -65.39 22.61 -17.04
N LEU G 315 -64.94 21.86 -18.06
CA LEU G 315 -65.33 22.22 -19.41
C LEU G 315 -66.81 21.98 -19.68
N THR G 316 -67.39 20.91 -19.15
CA THR G 316 -68.82 20.71 -19.33
C THR G 316 -69.61 21.78 -18.60
N PHE G 317 -69.15 22.24 -17.45
CA PHE G 317 -69.79 23.37 -16.81
C PHE G 317 -69.73 24.62 -17.68
N PHE G 318 -68.58 24.89 -18.30
CA PHE G 318 -68.43 26.12 -19.07
C PHE G 318 -69.20 26.08 -20.39
N PHE G 319 -68.94 25.08 -21.22
CA PHE G 319 -69.65 24.95 -22.50
C PHE G 319 -71.07 24.41 -22.38
N GLY G 320 -71.35 23.56 -21.41
CA GLY G 320 -72.64 22.92 -21.31
C GLY G 320 -72.79 21.63 -22.09
N TYR G 321 -71.89 21.32 -23.02
CA TYR G 321 -71.91 20.00 -23.62
C TYR G 321 -71.45 18.96 -22.61
N LYS G 322 -71.94 17.74 -22.79
CA LYS G 322 -71.28 16.59 -22.20
C LYS G 322 -69.88 16.44 -22.78
N ILE G 323 -68.89 16.34 -21.91
CA ILE G 323 -67.50 16.18 -22.34
C ILE G 323 -66.83 15.14 -21.45
N THR G 324 -66.11 14.20 -22.06
CA THR G 324 -65.50 13.17 -21.24
C THR G 324 -64.30 12.61 -21.99
N PRO G 325 -63.28 12.12 -21.28
CA PRO G 325 -62.07 11.66 -21.99
C PRO G 325 -62.14 10.22 -22.46
N ASN G 326 -61.60 10.00 -23.66
CA ASN G 326 -61.47 8.67 -24.23
C ASN G 326 -60.02 8.22 -24.18
N THR G 327 -59.81 7.06 -23.57
CA THR G 327 -58.51 6.40 -23.45
C THR G 327 -58.17 5.53 -24.64
N LYS G 328 -59.15 5.14 -25.45
CA LYS G 328 -58.96 4.01 -26.36
C LYS G 328 -58.00 4.31 -27.51
N GLU G 329 -57.56 5.56 -27.66
CA GLU G 329 -56.40 5.85 -28.49
C GLU G 329 -55.09 5.42 -27.84
N VAL G 330 -55.04 5.29 -26.52
CA VAL G 330 -53.78 5.07 -25.82
C VAL G 330 -53.26 3.67 -26.13
N ALA G 331 -52.08 3.60 -26.75
CA ALA G 331 -51.49 2.34 -27.15
C ALA G 331 -51.15 1.46 -25.95
N ALA G 332 -50.83 2.08 -24.81
CA ALA G 332 -50.54 1.32 -23.60
C ALA G 332 -51.76 0.52 -23.13
N LEU G 333 -52.93 1.16 -23.09
CA LEU G 333 -54.12 0.49 -22.60
C LEU G 333 -54.66 -0.55 -23.59
N THR G 334 -54.51 -0.32 -24.89
CA THR G 334 -55.34 -0.98 -25.89
C THR G 334 -55.42 -2.49 -25.68
N PRO G 335 -56.62 -3.05 -25.58
CA PRO G 335 -56.80 -4.41 -25.05
C PRO G 335 -56.19 -5.48 -25.95
N ASP G 336 -56.18 -6.70 -25.42
CA ASP G 336 -55.59 -7.83 -26.11
C ASP G 336 -56.46 -8.21 -27.31
N LYS G 337 -55.80 -8.43 -28.45
CA LYS G 337 -56.48 -8.83 -29.68
C LYS G 337 -57.30 -10.10 -29.56
N GLU G 338 -56.90 -11.04 -28.70
CA GLU G 338 -57.71 -12.24 -28.51
C GLU G 338 -59.03 -11.97 -27.78
N ALA G 339 -58.97 -11.39 -26.59
CA ALA G 339 -60.18 -11.26 -25.78
C ALA G 339 -61.24 -10.45 -26.51
N GLU G 340 -60.84 -9.31 -27.07
CA GLU G 340 -61.74 -8.40 -27.74
C GLU G 340 -62.51 -9.08 -28.87
N ALA G 341 -61.85 -9.99 -29.59
CA ALA G 341 -62.53 -10.68 -30.69
C ALA G 341 -63.61 -11.61 -30.18
N LYS G 342 -63.39 -12.29 -29.06
CA LYS G 342 -64.39 -13.23 -28.56
C LYS G 342 -65.55 -12.50 -27.91
N HIS G 343 -65.24 -11.42 -27.20
CA HIS G 343 -66.24 -10.49 -26.71
C HIS G 343 -67.15 -10.01 -27.84
N LEU G 344 -66.56 -9.36 -28.85
CA LEU G 344 -67.36 -8.78 -29.91
C LEU G 344 -68.11 -9.84 -30.70
N THR G 345 -67.43 -10.92 -31.08
CA THR G 345 -68.09 -11.97 -31.85
C THR G 345 -69.29 -12.53 -31.10
N SER G 346 -69.13 -12.85 -29.82
CA SER G 346 -70.22 -13.45 -29.08
C SER G 346 -71.39 -12.49 -28.93
N LEU G 347 -71.12 -11.21 -28.70
CA LEU G 347 -72.21 -10.25 -28.64
C LEU G 347 -72.90 -10.06 -29.99
N VAL G 348 -72.14 -10.12 -31.09
CA VAL G 348 -72.71 -9.92 -32.42
C VAL G 348 -73.58 -11.09 -32.84
N ASN G 349 -73.06 -12.31 -32.70
CA ASN G 349 -73.82 -13.49 -33.10
C ASN G 349 -75.07 -13.71 -32.29
N ASN G 350 -75.06 -13.36 -31.01
CA ASN G 350 -76.26 -13.54 -30.20
C ASN G 350 -77.25 -12.39 -30.34
N GLY G 351 -77.06 -11.52 -31.32
CA GLY G 351 -78.06 -10.51 -31.62
C GLY G 351 -78.26 -9.47 -30.54
N ILE G 352 -77.22 -9.16 -29.79
CA ILE G 352 -77.26 -8.02 -28.88
C ILE G 352 -76.75 -6.76 -29.56
N MET G 353 -75.74 -6.87 -30.42
CA MET G 353 -75.07 -5.73 -30.99
C MET G 353 -75.00 -5.87 -32.50
N THR G 354 -75.27 -4.77 -33.21
CA THR G 354 -75.19 -4.78 -34.66
C THR G 354 -73.74 -4.81 -35.14
N GLY G 355 -73.58 -5.28 -36.37
CA GLY G 355 -72.24 -5.44 -36.94
C GLY G 355 -71.45 -4.15 -37.00
N ASN G 356 -72.06 -3.08 -37.52
CA ASN G 356 -71.32 -1.84 -37.66
C ASN G 356 -70.89 -1.27 -36.33
N GLU G 357 -71.62 -1.55 -35.25
CA GLU G 357 -71.18 -1.13 -33.93
C GLU G 357 -69.85 -1.79 -33.57
N ALA G 358 -69.68 -3.06 -33.95
CA ALA G 358 -68.42 -3.74 -33.77
C ALA G 358 -67.33 -3.15 -34.66
N ARG G 359 -67.65 -2.89 -35.93
CA ARG G 359 -66.67 -2.24 -36.79
C ARG G 359 -66.19 -0.93 -36.17
N LEU G 360 -67.14 -0.13 -35.68
CA LEU G 360 -66.80 1.12 -35.01
C LEU G 360 -65.86 0.88 -33.84
N GLU G 361 -66.17 -0.09 -32.99
CA GLU G 361 -65.32 -0.35 -31.83
C GLU G 361 -63.93 -0.84 -32.25
N LEU G 362 -63.82 -1.48 -33.40
CA LEU G 362 -62.53 -1.82 -33.99
C LEU G 362 -61.96 -0.70 -34.84
N ASN G 363 -62.46 0.52 -34.73
CA ASN G 363 -61.98 1.69 -35.44
C ASN G 363 -62.27 1.60 -36.94
N LEU G 364 -63.10 0.68 -37.37
CA LEU G 364 -63.39 0.50 -38.78
C LEU G 364 -64.59 1.35 -39.18
N GLU G 365 -64.57 1.83 -40.42
CA GLU G 365 -65.71 2.56 -40.96
C GLU G 365 -66.93 1.64 -41.05
N PRO G 366 -68.11 2.13 -40.69
CA PRO G 366 -69.34 1.35 -40.93
C PRO G 366 -69.50 0.99 -42.39
N LEU G 367 -70.02 -0.20 -42.63
CA LEU G 367 -70.30 -0.68 -43.98
C LEU G 367 -71.79 -0.58 -44.26
N ASP G 368 -72.13 -0.07 -45.44
CA ASP G 368 -73.47 0.41 -45.72
C ASP G 368 -74.45 -0.71 -46.07
N ASP G 369 -74.00 -1.95 -46.16
CA ASP G 369 -74.91 -3.07 -46.35
C ASP G 369 -75.90 -3.17 -45.20
N GLU G 370 -77.18 -2.99 -45.53
CA GLU G 370 -78.24 -2.85 -44.52
C GLU G 370 -78.14 -3.92 -43.44
N GLN G 371 -77.90 -5.18 -43.84
CA GLN G 371 -77.79 -6.26 -42.87
C GLN G 371 -76.78 -5.97 -41.78
N MET G 372 -75.73 -5.20 -42.07
CA MET G 372 -74.71 -4.86 -41.08
C MET G 372 -75.27 -3.98 -39.97
N ASN G 373 -76.41 -3.35 -40.19
CA ASN G 373 -77.14 -2.61 -39.16
C ASN G 373 -78.40 -3.34 -38.73
N ARG G 374 -78.43 -4.66 -38.88
CA ARG G 374 -79.55 -5.46 -38.38
C ARG G 374 -79.05 -6.37 -37.27
N ILE G 375 -79.92 -6.59 -36.29
CA ILE G 375 -79.73 -7.66 -35.33
C ILE G 375 -80.09 -8.99 -35.97
N ARG G 376 -79.29 -10.01 -35.66
CA ARG G 376 -79.57 -11.39 -36.07
C ARG G 376 -80.01 -12.16 -34.84
N ILE G 377 -81.22 -12.71 -34.88
CA ILE G 377 -81.80 -13.28 -33.68
C ILE G 377 -81.09 -14.56 -33.26
N PRO G 378 -80.89 -15.54 -34.16
CA PRO G 378 -80.50 -16.86 -33.64
C PRO G 378 -79.13 -16.86 -32.99
N MET H 1 37.95 5.46 6.11
CA MET H 1 37.27 6.54 6.80
C MET H 1 37.97 6.87 8.11
N GLN H 2 38.38 8.12 8.27
CA GLN H 2 38.90 8.62 9.52
C GLN H 2 38.06 9.79 9.99
N ILE H 3 37.38 9.60 11.11
CA ILE H 3 36.65 10.68 11.76
C ILE H 3 37.58 11.49 12.65
N ILE H 4 38.52 10.82 13.32
CA ILE H 4 39.54 11.48 14.12
C ILE H 4 40.87 10.80 13.84
N THR H 5 41.95 11.56 14.04
CA THR H 5 43.24 10.96 14.32
C THR H 5 43.89 11.58 15.54
N ALA H 6 45.14 11.18 15.80
CA ALA H 6 45.78 11.46 17.07
C ALA H 6 45.76 12.94 17.42
N GLU H 7 45.91 13.80 16.41
CA GLU H 7 45.92 15.23 16.68
C GLU H 7 44.56 15.74 17.11
N ASP H 8 43.49 15.18 16.55
CA ASP H 8 42.15 15.58 16.95
C ASP H 8 41.88 15.23 18.41
N TYR H 9 42.23 14.00 18.81
CA TYR H 9 42.09 13.63 20.21
C TYR H 9 43.01 14.46 21.10
N ARG H 10 44.21 14.75 20.64
CA ARG H 10 45.13 15.56 21.43
C ARG H 10 44.59 16.96 21.67
N LEU H 11 43.97 17.56 20.66
CA LEU H 11 43.28 18.83 20.86
C LEU H 11 42.13 18.70 21.85
N TYR H 12 41.29 17.68 21.68
CA TYR H 12 40.15 17.56 22.58
C TYR H 12 40.59 17.38 24.02
N GLY H 13 41.51 16.45 24.26
CA GLY H 13 41.95 16.17 25.61
C GLY H 13 42.84 17.24 26.21
N GLY H 14 43.60 17.93 25.37
CA GLY H 14 44.64 18.85 25.83
C GLY H 14 45.88 18.16 26.34
N LEU H 15 46.22 17.01 25.75
CA LEU H 15 47.36 16.21 26.18
C LEU H 15 48.69 16.86 25.82
N LYS H 16 49.63 16.79 26.77
CA LYS H 16 50.96 17.39 26.63
C LYS H 16 52.07 16.41 26.95
N ARG H 17 51.73 15.18 27.35
CA ARG H 17 52.67 14.09 27.14
C ARG H 17 53.15 14.13 25.69
N PRO H 18 54.42 13.82 25.43
CA PRO H 18 54.91 13.87 24.05
C PRO H 18 54.29 12.87 23.10
N GLU H 19 53.77 11.74 23.58
CA GLU H 19 53.15 10.79 22.68
C GLU H 19 52.00 10.07 23.36
N LEU H 20 51.11 9.53 22.54
CA LEU H 20 50.08 8.62 23.02
C LEU H 20 50.67 7.26 23.33
N GLU H 21 50.10 6.60 24.33
CA GLU H 21 50.35 5.18 24.51
C GLU H 21 49.64 4.36 23.43
N SER H 22 50.17 3.16 23.17
CA SER H 22 49.60 2.27 22.18
C SER H 22 48.14 1.92 22.46
N GLY H 23 47.74 1.93 23.72
CA GLY H 23 46.35 1.82 24.08
C GLY H 23 45.46 2.83 23.40
N VAL H 24 45.76 4.11 23.59
CA VAL H 24 44.94 5.16 22.98
C VAL H 24 44.97 5.07 21.46
N GLU H 25 46.11 4.77 20.87
CA GLU H 25 46.16 4.76 19.41
C GLU H 25 45.41 3.59 18.81
N MET H 26 45.43 2.44 19.48
CA MET H 26 44.58 1.34 19.03
C MET H 26 43.11 1.68 19.22
N MET H 27 42.76 2.26 20.37
CA MET H 27 41.37 2.61 20.60
C MET H 27 40.85 3.63 19.57
N ILE H 28 41.66 4.62 19.20
CA ILE H 28 41.32 5.50 18.08
C ILE H 28 41.10 4.72 16.79
N THR H 29 41.96 3.74 16.51
CA THR H 29 41.82 3.04 15.24
C THR H 29 40.56 2.17 15.23
N ALA H 30 40.21 1.59 16.37
CA ALA H 30 38.96 0.85 16.47
C ALA H 30 37.74 1.77 16.43
N ALA H 31 37.84 2.94 17.07
CA ALA H 31 36.71 3.86 17.13
C ALA H 31 36.31 4.36 15.75
N ASN H 32 37.30 4.72 14.91
CA ASN H 32 36.99 5.02 13.52
C ASN H 32 36.17 3.94 12.84
N ALA H 33 36.60 2.68 12.97
CA ALA H 33 35.91 1.59 12.28
C ALA H 33 34.53 1.34 12.85
N LEU H 34 34.39 1.38 14.18
CA LEU H 34 33.08 1.12 14.75
C LEU H 34 32.10 2.22 14.38
N ILE H 35 32.48 3.49 14.52
CA ILE H 35 31.50 4.52 14.17
C ILE H 35 31.21 4.48 12.67
N THR H 36 32.21 4.15 11.85
CA THR H 36 31.97 3.91 10.44
C THR H 36 30.84 2.90 10.25
N SER H 37 30.81 1.87 11.09
CA SER H 37 29.95 0.73 10.80
C SER H 37 28.56 0.90 11.42
N LEU H 38 28.48 1.47 12.61
CA LEU H 38 27.18 1.73 13.23
C LEU H 38 26.34 2.73 12.45
N LEU H 39 26.97 3.65 11.72
CA LEU H 39 26.18 4.48 10.85
C LEU H 39 25.60 3.71 9.67
N GLY H 40 26.07 2.50 9.42
CA GLY H 40 25.62 1.75 8.27
C GLY H 40 26.26 2.16 6.97
N MET H 41 27.23 3.07 7.02
CA MET H 41 28.10 3.26 5.87
C MET H 41 29.04 2.07 5.71
N ASP H 42 29.76 2.07 4.60
CA ASP H 42 30.95 1.24 4.46
C ASP H 42 31.99 2.01 3.65
N ASP H 43 33.22 1.51 3.68
CA ASP H 43 34.35 2.22 3.13
C ASP H 43 34.68 1.79 1.71
N ALA H 44 33.78 1.08 1.04
CA ALA H 44 34.01 0.75 -0.36
C ALA H 44 33.86 1.98 -1.24
N ASP H 45 34.61 2.01 -2.34
CA ASP H 45 34.50 3.09 -3.32
C ASP H 45 33.47 2.83 -4.41
N ALA H 46 33.56 1.68 -5.08
CA ALA H 46 32.59 1.30 -6.11
C ALA H 46 31.74 0.15 -5.62
N VAL H 47 30.44 0.25 -5.84
CA VAL H 47 29.46 -0.69 -5.32
C VAL H 47 28.66 -1.25 -6.48
N ASP H 48 28.29 -2.52 -6.36
CA ASP H 48 27.49 -3.25 -7.34
C ASP H 48 26.24 -3.72 -6.64
N GLN H 49 25.09 -3.50 -7.27
CA GLN H 49 23.82 -3.83 -6.64
C GLN H 49 22.89 -4.46 -7.66
N LEU H 50 22.13 -5.45 -7.20
CA LEU H 50 21.15 -6.14 -8.00
C LEU H 50 19.75 -5.96 -7.43
N ILE H 51 18.83 -5.49 -8.26
CA ILE H 51 17.52 -5.00 -7.86
C ILE H 51 16.46 -5.76 -8.64
N ASN H 52 15.42 -6.21 -7.95
CA ASN H 52 14.25 -6.73 -8.64
C ASN H 52 13.42 -5.58 -9.19
N THR H 53 12.98 -5.70 -10.46
CA THR H 53 12.27 -4.63 -11.13
C THR H 53 11.02 -5.16 -11.82
N LYS H 54 10.02 -4.29 -11.95
CA LYS H 54 8.72 -4.59 -12.49
C LYS H 54 8.23 -3.43 -13.34
N PRO H 55 7.48 -3.70 -14.40
CA PRO H 55 7.06 -2.62 -15.31
C PRO H 55 6.16 -1.59 -14.66
N THR H 56 5.48 -1.94 -13.57
CA THR H 56 4.66 -1.01 -12.82
C THR H 56 5.46 0.04 -12.06
N ARG H 57 6.78 -0.12 -11.93
CA ARG H 57 7.58 0.66 -11.00
C ARG H 57 8.76 1.28 -11.73
N LYS H 58 8.98 2.57 -11.52
CA LYS H 58 10.06 3.28 -12.18
C LYS H 58 10.88 4.21 -11.29
N LYS H 59 10.53 4.38 -10.01
CA LYS H 59 11.48 4.86 -9.02
C LYS H 59 12.20 3.68 -8.39
N TYR H 60 13.52 3.78 -8.33
CA TYR H 60 14.34 2.78 -7.64
C TYR H 60 15.33 3.45 -6.71
N PHE H 61 15.57 2.84 -5.57
CA PHE H 61 16.39 3.41 -4.52
C PHE H 61 17.72 2.68 -4.47
N LEU H 62 18.80 3.43 -4.61
CA LEU H 62 20.14 2.85 -4.46
C LEU H 62 20.43 2.52 -3.00
N SER H 63 21.32 1.54 -2.82
CA SER H 63 21.58 0.99 -1.50
C SER H 63 22.30 1.97 -0.57
N SER H 64 22.90 3.02 -1.11
CA SER H 64 23.58 3.98 -0.24
C SER H 64 23.36 5.41 -0.67
N PRO H 65 22.61 6.21 0.10
CA PRO H 65 22.09 7.47 -0.42
C PRO H 65 23.16 8.50 -0.73
N SER H 66 24.41 8.24 -0.37
CA SER H 66 25.51 9.10 -0.79
C SER H 66 26.03 8.78 -2.18
N ALA H 67 25.43 7.80 -2.86
CA ALA H 67 25.81 7.48 -4.24
C ALA H 67 25.89 8.73 -5.09
N THR H 68 27.01 8.91 -5.77
CA THR H 68 27.26 10.16 -6.49
C THR H 68 27.13 10.06 -8.00
N SER H 69 27.33 8.89 -8.59
CA SER H 69 27.11 8.71 -10.02
C SER H 69 26.92 7.25 -10.35
N VAL H 70 25.87 6.93 -11.12
CA VAL H 70 25.77 5.62 -11.73
C VAL H 70 26.73 5.52 -12.89
N THR H 71 27.37 4.35 -13.03
CA THR H 71 28.44 4.16 -13.99
C THR H 71 28.20 2.98 -14.92
N LYS H 72 27.28 2.09 -14.58
CA LYS H 72 26.65 1.19 -15.54
C LYS H 72 25.31 0.77 -14.98
N MET H 73 24.34 0.58 -15.85
CA MET H 73 23.13 -0.13 -15.48
C MET H 73 22.65 -0.98 -16.64
N THR H 74 22.09 -2.14 -16.31
CA THR H 74 21.69 -3.09 -17.33
C THR H 74 20.53 -3.91 -16.80
N ILE H 75 19.67 -4.34 -17.72
CA ILE H 75 18.51 -5.16 -17.39
C ILE H 75 18.57 -6.44 -18.20
N ASN H 76 18.46 -7.57 -17.51
CA ASN H 76 18.58 -8.88 -18.13
C ASN H 76 19.81 -8.99 -19.02
N ASP H 77 20.88 -8.29 -18.61
CA ASP H 77 22.10 -8.14 -19.41
C ASP H 77 21.82 -7.48 -20.76
N LYS H 78 20.78 -6.67 -20.84
CA LYS H 78 20.62 -5.71 -21.92
C LYS H 78 20.95 -4.33 -21.38
N GLU H 79 21.98 -3.71 -21.94
CA GLU H 79 22.43 -2.41 -21.43
C GLU H 79 21.50 -1.31 -21.91
N ILE H 80 21.39 -0.26 -21.10
CA ILE H 80 20.53 0.89 -21.35
C ILE H 80 21.35 2.15 -21.12
N ASP H 81 20.89 3.26 -21.69
CA ASP H 81 21.77 4.40 -21.84
C ASP H 81 21.32 5.59 -21.02
N PRO H 82 22.27 6.45 -20.62
CA PRO H 82 21.98 7.53 -19.67
C PRO H 82 20.88 8.50 -20.08
N GLU H 83 20.40 8.47 -21.31
CA GLU H 83 19.20 9.26 -21.59
C GLU H 83 17.95 8.63 -21.03
N GLN H 84 17.96 7.33 -20.79
CA GLN H 84 16.78 6.59 -20.39
C GLN H 84 16.51 6.66 -18.89
N TYR H 85 17.24 7.49 -18.14
CA TYR H 85 16.96 7.64 -16.71
C TYR H 85 17.48 8.98 -16.23
N LYS H 86 17.10 9.31 -14.99
CA LYS H 86 17.57 10.49 -14.29
C LYS H 86 17.94 10.13 -12.86
N LEU H 87 19.03 10.70 -12.37
CA LEU H 87 19.55 10.34 -11.05
C LEU H 87 19.47 11.54 -10.12
N TYR H 88 18.71 11.40 -9.05
CA TYR H 88 18.42 12.45 -8.08
C TYR H 88 19.14 12.14 -6.78
N SER H 89 19.18 13.17 -5.92
CA SER H 89 19.84 13.09 -4.62
C SER H 89 19.24 12.02 -3.74
N ASP H 90 20.03 11.60 -2.75
CA ASP H 90 19.74 10.45 -1.90
C ASP H 90 19.66 9.15 -2.69
N GLY H 91 20.36 9.09 -3.82
CA GLY H 91 20.41 7.85 -4.56
C GLY H 91 19.06 7.39 -5.08
N VAL H 92 18.28 8.30 -5.64
CA VAL H 92 17.02 7.95 -6.27
C VAL H 92 17.22 7.94 -7.78
N ILE H 93 16.93 6.83 -8.44
CA ILE H 93 16.91 6.85 -9.89
C ILE H 93 15.46 6.76 -10.35
N LEU H 94 15.14 7.60 -11.33
CA LEU H 94 13.83 7.63 -11.96
C LEU H 94 14.00 7.18 -13.41
N LEU H 95 13.37 6.07 -13.75
CA LEU H 95 13.39 5.61 -15.13
C LEU H 95 12.43 6.42 -15.97
N LYS H 96 12.86 6.76 -17.19
CA LYS H 96 12.03 7.44 -18.16
C LYS H 96 11.33 6.47 -19.10
N PHE H 97 11.40 5.19 -18.82
CA PHE H 97 10.69 4.15 -19.56
C PHE H 97 10.28 3.05 -18.59
N SER H 98 9.17 2.39 -18.88
CA SER H 98 8.70 1.33 -18.00
C SER H 98 9.50 0.06 -18.28
N PRO H 99 10.18 -0.51 -17.29
CA PRO H 99 11.18 -1.52 -17.56
C PRO H 99 10.59 -2.89 -17.84
N PRO H 100 11.29 -3.71 -18.61
CA PRO H 100 10.98 -5.14 -18.65
C PRO H 100 11.13 -5.75 -17.27
N GLU H 101 10.28 -6.72 -16.98
CA GLU H 101 10.29 -7.38 -15.68
C GLU H 101 11.53 -8.24 -15.51
N GLY H 102 12.13 -8.20 -14.31
CA GLY H 102 13.29 -9.02 -14.02
C GLY H 102 14.36 -8.25 -13.27
N TYR H 103 15.58 -8.73 -13.35
CA TYR H 103 16.67 -8.21 -12.53
C TYR H 103 17.46 -7.09 -13.21
N MET H 104 17.69 -6.02 -12.46
CA MET H 104 18.52 -4.89 -12.86
C MET H 104 19.84 -4.93 -12.12
N ASP H 105 20.94 -4.72 -12.84
CA ASP H 105 22.27 -4.74 -12.24
C ASP H 105 22.93 -3.40 -12.48
N VAL H 106 23.42 -2.76 -11.41
CA VAL H 106 23.87 -1.38 -11.50
C VAL H 106 25.17 -1.22 -10.70
N GLU H 107 26.10 -0.44 -11.27
CA GLU H 107 27.35 -0.06 -10.63
C GLU H 107 27.33 1.43 -10.33
N TYR H 108 27.76 1.80 -9.12
CA TYR H 108 27.83 3.22 -8.80
C TYR H 108 28.94 3.50 -7.78
N THR H 109 29.41 4.73 -7.77
CA THR H 109 30.41 5.17 -6.82
C THR H 109 29.74 5.94 -5.68
N GLN H 110 30.09 5.59 -4.44
CA GLN H 110 29.26 5.93 -3.30
C GLN H 110 29.74 7.14 -2.49
N GLY H 111 30.95 7.65 -2.74
CA GLY H 111 31.35 8.91 -2.12
C GLY H 111 31.41 8.85 -0.60
N GLY H 112 30.73 9.78 0.06
CA GLY H 112 30.59 9.75 1.50
C GLY H 112 30.18 11.12 2.03
N PHE H 113 30.33 11.29 3.35
CA PHE H 113 30.37 12.63 3.92
C PHE H 113 31.58 13.42 3.44
N ASN H 114 31.37 14.71 3.21
CA ASN H 114 32.45 15.68 3.22
C ASN H 114 31.93 17.06 3.59
N PRO H 115 32.66 17.83 4.41
CA PRO H 115 33.64 17.36 5.39
C PRO H 115 32.97 16.60 6.54
N ILE H 116 33.75 15.81 7.28
CA ILE H 116 33.20 15.07 8.42
C ILE H 116 32.64 16.05 9.44
N PRO H 117 31.41 15.91 9.91
CA PRO H 117 30.85 16.91 10.81
C PRO H 117 31.50 16.85 12.18
N GLU H 118 31.60 18.03 12.81
CA GLU H 118 32.23 18.17 14.12
C GLU H 118 31.55 17.38 15.23
N ASP H 119 30.25 17.12 15.11
CA ASP H 119 29.58 16.32 16.13
C ASP H 119 30.01 14.86 16.10
N LEU H 120 30.18 14.27 14.91
CA LEU H 120 30.76 12.94 14.87
C LEU H 120 32.16 12.93 15.45
N LYS H 121 32.96 13.93 15.13
CA LYS H 121 34.31 14.01 15.64
C LYS H 121 34.33 14.04 17.17
N LEU H 122 33.39 14.78 17.76
CA LEU H 122 33.27 14.78 19.20
C LEU H 122 32.83 13.43 19.73
N ALA H 123 31.82 12.83 19.11
CA ALA H 123 31.30 11.57 19.63
C ALA H 123 32.38 10.51 19.62
N ALA H 124 33.20 10.48 18.57
CA ALA H 124 34.35 9.60 18.54
C ALA H 124 35.31 9.86 19.69
N CYS H 125 35.61 11.14 19.98
CA CYS H 125 36.47 11.40 21.13
C CYS H 125 35.86 10.89 22.44
N MET H 126 34.54 11.07 22.61
CA MET H 126 33.91 10.58 23.83
C MET H 126 33.89 9.07 23.92
N LEU H 127 33.81 8.38 22.79
CA LEU H 127 33.90 6.92 22.81
C LEU H 127 35.29 6.44 23.18
N VAL H 128 36.31 7.08 22.61
CA VAL H 128 37.68 6.73 22.98
C VAL H 128 37.90 6.93 24.46
N ASP H 129 37.44 8.05 25.01
CA ASP H 129 37.51 8.22 26.46
C ASP H 129 36.76 7.12 27.19
N HIS H 130 35.60 6.73 26.68
CA HIS H 130 34.79 5.72 27.37
C HIS H 130 35.54 4.40 27.53
N TRP H 131 36.14 3.92 26.45
CA TRP H 131 36.95 2.71 26.58
C TRP H 131 38.22 2.96 27.38
N HIS H 132 38.87 4.10 27.19
CA HIS H 132 40.17 4.32 27.82
C HIS H 132 40.06 4.40 29.34
N LYS H 133 39.10 5.18 29.84
CA LYS H 133 38.90 5.22 31.29
C LYS H 133 38.19 4.00 31.84
N GLN H 134 37.82 3.04 31.00
CA GLN H 134 37.06 1.86 31.42
C GLN H 134 35.79 2.23 32.17
N ASP H 135 34.97 3.09 31.56
CA ASP H 135 33.73 3.54 32.17
C ASP H 135 32.55 2.66 31.77
N TYR H 136 32.82 1.43 31.33
CA TYR H 136 31.78 0.40 31.19
C TYR H 136 31.51 -0.31 32.52
N ARG H 137 31.07 0.47 33.50
CA ARG H 137 30.75 -0.05 34.83
C ARG H 137 29.48 0.63 35.29
N GLN H 138 28.85 0.09 36.31
CA GLN H 138 27.72 0.82 36.89
C GLN H 138 28.09 1.79 38.01
N ALA H 139 29.11 1.51 38.79
CA ALA H 139 29.53 2.47 39.79
C ALA H 139 30.97 2.21 40.22
N LYS H 140 31.57 3.22 40.83
CA LYS H 140 32.89 3.06 41.43
C LYS H 140 32.93 3.93 42.67
N THR H 141 33.79 3.57 43.62
CA THR H 141 33.91 4.38 44.84
C THR H 141 35.35 4.55 45.29
N ILE H 142 36.31 4.57 44.37
CA ILE H 142 37.71 4.62 44.80
C ILE H 142 37.92 5.80 45.74
N GLY H 143 38.60 5.54 46.85
CA GLY H 143 38.74 6.52 47.89
C GLY H 143 37.41 6.94 48.49
N GLY H 144 37.20 8.26 48.62
CA GLY H 144 35.89 8.77 48.97
C GLY H 144 34.92 9.14 47.87
N GLU H 145 35.41 9.57 46.70
CA GLU H 145 34.47 10.02 45.68
C GLU H 145 33.68 8.82 45.14
N THR H 146 32.57 9.12 44.47
CA THR H 146 31.71 8.06 43.97
C THR H 146 30.88 8.58 42.81
N VAL H 147 30.66 7.73 41.81
CA VAL H 147 29.94 8.10 40.60
C VAL H 147 29.04 6.94 40.21
N THR H 148 27.93 7.26 39.55
CA THR H 148 27.07 6.29 38.90
C THR H 148 26.91 6.61 37.43
N PHE H 149 27.09 5.61 36.58
CA PHE H 149 27.21 5.80 35.15
C PHE H 149 25.86 5.74 34.47
N ASN H 150 25.84 6.16 33.20
CA ASN H 150 24.62 6.27 32.42
C ASN H 150 23.89 4.95 32.29
N ASN H 151 22.57 5.06 32.08
CA ASN H 151 21.74 3.93 31.68
C ASN H 151 21.96 3.68 30.19
N THR H 152 23.00 2.91 29.89
CA THR H 152 23.40 2.67 28.51
C THR H 152 22.31 1.94 27.73
N LYS H 153 22.27 2.20 26.43
CA LYS H 153 21.23 1.72 25.54
C LYS H 153 21.85 1.12 24.28
N SER H 154 21.38 -0.07 23.89
CA SER H 154 22.10 -0.94 22.95
C SER H 154 23.55 -1.15 23.33
N GLY H 155 23.84 -1.10 24.63
CA GLY H 155 25.20 -1.08 25.14
C GLY H 155 26.03 0.12 24.78
N ILE H 156 25.48 1.10 24.07
CA ILE H 156 26.19 2.33 23.76
C ILE H 156 25.82 3.38 24.79
N PRO H 157 26.77 4.05 25.43
CA PRO H 157 26.42 5.01 26.48
C PRO H 157 25.43 6.04 25.93
N GLU H 158 24.44 6.37 26.74
CA GLU H 158 23.28 7.09 26.24
C GLU H 158 23.67 8.45 25.68
N HIS H 159 24.60 9.15 26.32
CA HIS H 159 25.03 10.46 25.84
C HIS H 159 25.78 10.41 24.53
N ILE H 160 26.31 9.26 24.13
CA ILE H 160 26.83 9.12 22.76
C ILE H 160 25.73 8.83 21.75
N ARG H 161 24.75 8.03 22.13
CA ARG H 161 23.83 7.46 21.15
C ARG H 161 23.01 8.51 20.42
N THR H 162 22.67 9.62 21.07
CA THR H 162 21.91 10.65 20.37
C THR H 162 22.61 11.16 19.12
N ILE H 163 23.92 11.34 19.19
CA ILE H 163 24.65 11.87 18.03
C ILE H 163 24.71 10.85 16.90
N ILE H 164 24.86 9.57 17.24
CA ILE H 164 24.75 8.53 16.23
C ILE H 164 23.38 8.52 15.58
N GLU H 165 22.32 8.53 16.39
CA GLU H 165 20.98 8.41 15.83
C GLU H 165 20.60 9.61 14.98
N VAL H 166 21.08 10.79 15.31
CA VAL H 166 20.91 11.93 14.40
C VAL H 166 21.47 11.66 13.01
N TYR H 167 22.44 10.76 12.88
CA TYR H 167 22.89 10.35 11.56
C TYR H 167 22.63 8.91 11.17
N ARG H 168 22.20 8.05 12.10
CA ARG H 168 22.10 6.63 11.78
C ARG H 168 21.21 6.43 10.57
N ARG H 169 21.79 5.89 9.50
CA ARG H 169 21.07 5.71 8.26
C ARG H 169 20.01 4.63 8.41
N VAL H 170 18.89 4.82 7.74
CA VAL H 170 17.75 3.93 7.85
C VAL H 170 17.40 3.65 9.32
N MET I 1 25.41 27.45 9.85
CA MET I 1 24.58 27.94 10.95
C MET I 1 25.40 28.05 12.22
N GLN I 2 25.42 29.25 12.80
CA GLN I 2 26.01 29.47 14.10
C GLN I 2 24.97 30.05 15.03
N ILE I 3 24.62 29.28 16.06
CA ILE I 3 23.74 29.75 17.12
C ILE I 3 24.53 30.51 18.17
N ILE I 4 25.74 30.04 18.47
CA ILE I 4 26.65 30.75 19.37
C ILE I 4 28.03 30.72 18.76
N THR I 5 28.84 31.70 19.14
CA THR I 5 30.29 31.54 19.07
C THR I 5 30.95 31.94 20.38
N ALA I 6 32.28 31.95 20.38
CA ALA I 6 33.05 32.02 21.61
C ALA I 6 32.64 33.20 22.48
N GLU I 7 32.32 34.33 21.85
CA GLU I 7 31.95 35.50 22.63
C GLU I 7 30.60 35.32 23.32
N ASP I 8 29.67 34.63 22.68
CA ASP I 8 28.39 34.36 23.31
C ASP I 8 28.54 33.50 24.54
N TYR I 9 29.31 32.42 24.44
CA TYR I 9 29.59 31.60 25.61
C TYR I 9 30.36 32.37 26.67
N ARG I 10 31.30 33.21 26.25
CA ARG I 10 32.06 33.99 27.21
C ARG I 10 31.17 34.94 28.00
N LEU I 11 30.20 35.57 27.33
CA LEU I 11 29.22 36.37 28.04
C LEU I 11 28.39 35.54 28.99
N TYR I 12 27.88 34.39 28.53
CA TYR I 12 27.04 33.59 29.41
C TYR I 12 27.81 33.12 30.64
N GLY I 13 28.99 32.57 30.44
CA GLY I 13 29.77 32.04 31.55
C GLY I 13 30.38 33.11 32.43
N GLY I 14 30.71 34.26 31.85
CA GLY I 14 31.48 35.28 32.55
C GLY I 14 32.95 34.97 32.66
N LEU I 15 33.50 34.27 31.66
CA LEU I 15 34.89 33.84 31.68
C LEU I 15 35.86 34.99 31.48
N LYS I 16 36.94 34.98 32.26
CA LYS I 16 37.96 36.02 32.24
C LYS I 16 39.37 35.46 32.09
N ARG I 17 39.51 34.14 32.04
CA ARG I 17 40.67 33.59 31.36
C ARG I 17 40.82 34.26 30.00
N PRO I 18 42.04 34.53 29.54
CA PRO I 18 42.20 35.20 28.24
C PRO I 18 41.74 34.39 27.04
N GLU I 19 41.70 33.06 27.12
CA GLU I 19 41.24 32.28 25.98
C GLU I 19 40.52 31.02 26.43
N LEU I 20 39.70 30.50 25.54
CA LEU I 20 39.11 29.18 25.73
C LEU I 20 40.15 28.10 25.47
N GLU I 21 40.03 27.00 26.19
CA GLU I 21 40.74 25.78 25.81
C GLU I 21 40.10 25.15 24.57
N SER I 22 40.91 24.38 23.84
CA SER I 22 40.46 23.70 22.64
C SER I 22 39.26 22.79 22.89
N GLY I 23 39.15 22.25 24.09
CA GLY I 23 37.96 21.53 24.49
C GLY I 23 36.68 22.31 24.31
N VAL I 24 36.60 23.48 24.93
CA VAL I 24 35.41 24.31 24.82
C VAL I 24 35.14 24.72 23.37
N GLU I 25 36.19 25.07 22.61
CA GLU I 25 35.94 25.55 21.26
C GLU I 25 35.48 24.43 20.34
N MET I 26 35.99 23.23 20.52
CA MET I 26 35.44 22.09 19.77
C MET I 26 34.02 21.80 20.19
N MET I 27 33.74 21.81 21.49
CA MET I 27 32.39 21.56 21.95
C MET I 27 31.38 22.58 21.42
N ILE I 28 31.76 23.87 21.37
CA ILE I 28 30.94 24.87 20.69
C ILE I 28 30.72 24.53 19.22
N THR I 29 31.76 24.06 18.53
CA THR I 29 31.59 23.80 17.11
C THR I 29 30.69 22.59 16.87
N ALA I 30 30.77 21.59 17.74
CA ALA I 30 29.86 20.47 17.66
C ALA I 30 28.43 20.85 18.06
N ALA I 31 28.29 21.70 19.08
CA ALA I 31 26.97 22.08 19.55
C ALA I 31 26.17 22.82 18.50
N ASN I 32 26.80 23.74 17.78
CA ASN I 32 26.15 24.36 16.63
C ASN I 32 25.58 23.32 15.66
N ALA I 33 26.39 22.35 15.27
CA ALA I 33 25.94 21.36 14.29
C ALA I 33 24.85 20.45 14.84
N LEU I 34 24.98 20.02 16.09
CA LEU I 34 23.95 19.14 16.64
C LEU I 34 22.63 19.86 16.77
N ILE I 35 22.62 21.07 17.34
CA ILE I 35 21.33 21.72 17.47
C ILE I 35 20.76 22.07 16.10
N THR I 36 21.64 22.40 15.13
CA THR I 36 21.19 22.56 13.76
C THR I 36 20.42 21.33 13.30
N SER I 37 20.88 20.15 13.70
CA SER I 37 20.36 18.94 13.08
C SER I 37 19.16 18.38 13.81
N LEU I 38 19.14 18.46 15.14
CA LEU I 38 17.98 18.02 15.91
C LEU I 38 16.74 18.85 15.61
N LEU I 39 16.89 20.12 15.24
CA LEU I 39 15.71 20.85 14.80
C LEU I 39 15.17 20.34 13.48
N GLY I 40 15.94 19.53 12.76
CA GLY I 40 15.52 19.08 11.45
C GLY I 40 15.74 20.08 10.35
N MET I 41 16.36 21.21 10.64
CA MET I 41 16.87 22.06 9.59
C MET I 41 18.08 21.41 8.93
N ASP I 42 18.53 22.01 7.84
CA ASP I 42 19.86 21.78 7.31
C ASP I 42 20.43 23.07 6.77
N ASP I 43 21.73 23.07 6.52
CA ASP I 43 22.46 24.27 6.17
C ASP I 43 22.61 24.47 4.67
N ALA I 44 21.86 23.74 3.86
CA ALA I 44 21.88 23.98 2.43
C ALA I 44 21.18 25.29 2.09
N ASP I 45 21.65 25.94 1.02
CA ASP I 45 21.04 27.15 0.52
C ASP I 45 19.93 26.90 -0.51
N ALA I 46 20.22 26.14 -1.56
CA ALA I 46 19.24 25.80 -2.57
C ALA I 46 18.91 24.31 -2.48
N VAL I 47 17.61 24.01 -2.55
CA VAL I 47 17.10 22.67 -2.34
C VAL I 47 16.30 22.25 -3.56
N ASP I 48 16.37 20.97 -3.88
CA ASP I 48 15.66 20.37 -5.01
C ASP I 48 14.78 19.28 -4.43
N GLN I 49 13.51 19.25 -4.84
CA GLN I 49 12.56 18.31 -4.28
C GLN I 49 11.68 17.75 -5.39
N LEU I 50 11.37 16.46 -5.26
CA LEU I 50 10.51 15.75 -6.19
C LEU I 50 9.27 15.23 -5.48
N ILE I 51 8.10 15.57 -6.01
CA ILE I 51 6.82 15.41 -5.34
C ILE I 51 5.91 14.61 -6.27
N ASN I 52 5.22 13.62 -5.72
CA ASN I 52 4.15 12.96 -6.46
C ASN I 52 2.91 13.84 -6.48
N THR I 53 2.28 13.99 -7.66
CA THR I 53 1.16 14.89 -7.83
C THR I 53 0.03 14.20 -8.58
N LYS I 54 -1.20 14.64 -8.29
CA LYS I 54 -2.43 14.08 -8.80
C LYS I 54 -3.40 15.20 -9.12
N PRO I 55 -4.24 15.03 -10.15
CA PRO I 55 -5.14 16.12 -10.55
C PRO I 55 -6.17 16.49 -9.49
N THR I 56 -6.47 15.59 -8.57
CA THR I 56 -7.37 15.87 -7.45
C THR I 56 -6.80 16.83 -6.43
N ARG I 57 -5.49 17.12 -6.47
CA ARG I 57 -4.80 17.80 -5.40
C ARG I 57 -4.04 19.00 -5.93
N LYS I 58 -4.19 20.15 -5.26
CA LYS I 58 -3.55 21.37 -5.70
C LYS I 58 -2.89 22.18 -4.59
N LYS I 59 -3.00 21.80 -3.33
CA LYS I 59 -2.07 22.24 -2.30
C LYS I 59 -0.91 21.28 -2.22
N TYR I 60 0.30 21.81 -2.22
CA TYR I 60 1.51 21.01 -2.03
C TYR I 60 2.41 21.66 -0.99
N PHE I 61 3.05 20.84 -0.18
CA PHE I 61 3.85 21.31 0.94
C PHE I 61 5.32 21.13 0.61
N LEU I 62 6.07 22.22 0.68
CA LEU I 62 7.52 22.14 0.50
C LEU I 62 8.19 21.49 1.70
N SER I 63 9.35 20.89 1.44
CA SER I 63 10.03 20.09 2.44
C SER I 63 10.58 20.91 3.60
N SER I 64 10.71 22.22 3.45
CA SER I 64 11.22 23.01 4.55
C SER I 64 10.49 24.34 4.70
N PRO I 65 9.71 24.52 5.76
CA PRO I 65 8.72 25.60 5.79
C PRO I 65 9.34 26.99 5.80
N SER I 66 10.65 27.10 5.94
CA SER I 66 11.32 28.39 5.79
C SER I 66 11.63 28.73 4.34
N ALA I 67 11.23 27.88 3.39
CA ALA I 67 11.41 28.17 1.97
C ALA I 67 10.93 29.57 1.64
N THR I 68 11.78 30.36 0.98
CA THR I 68 11.48 31.76 0.76
C THR I 68 11.08 32.11 -0.66
N SER I 69 11.51 31.34 -1.65
CA SER I 69 11.07 31.57 -3.03
C SER I 69 11.28 30.32 -3.86
N VAL I 70 10.25 29.91 -4.61
CA VAL I 70 10.43 28.93 -5.65
C VAL I 70 11.13 29.55 -6.84
N THR I 71 12.05 28.80 -7.44
CA THR I 71 12.91 29.33 -8.49
C THR I 71 12.86 28.51 -9.77
N LYS I 72 12.35 27.28 -9.72
CA LYS I 72 11.85 26.58 -10.88
C LYS I 72 10.85 25.55 -10.41
N MET I 73 9.83 25.30 -11.22
CA MET I 73 9.00 24.13 -11.04
C MET I 73 8.58 23.59 -12.39
N THR I 74 8.48 22.26 -12.47
CA THR I 74 8.19 21.62 -13.73
C THR I 74 7.47 20.30 -13.46
N ILE I 75 6.63 19.91 -14.40
CA ILE I 75 5.86 18.68 -14.31
C ILE I 75 6.15 17.83 -15.54
N ASN I 76 6.55 16.58 -15.31
CA ASN I 76 6.93 15.67 -16.38
C ASN I 76 7.93 16.31 -17.33
N ASP I 77 8.79 17.17 -16.79
CA ASP I 77 9.71 18.00 -17.57
C ASP I 77 8.98 18.90 -18.55
N LYS I 78 7.75 19.27 -18.24
CA LYS I 78 7.08 20.40 -18.87
C LYS I 78 7.07 21.56 -17.89
N GLU I 79 7.73 22.65 -18.25
CA GLU I 79 7.84 23.79 -17.34
C GLU I 79 6.54 24.57 -17.30
N ILE I 80 6.29 25.19 -16.16
CA ILE I 80 5.08 25.97 -15.90
C ILE I 80 5.50 27.29 -15.28
N ASP I 81 4.61 28.28 -15.36
CA ASP I 81 5.05 29.65 -15.15
C ASP I 81 4.43 30.28 -13.90
N PRO I 82 5.14 31.24 -13.30
CA PRO I 82 4.72 31.78 -12.00
C PRO I 82 3.33 32.36 -11.93
N GLU I 83 2.64 32.55 -13.04
CA GLU I 83 1.24 32.91 -12.91
C GLU I 83 0.36 31.72 -12.53
N GLN I 84 0.82 30.51 -12.80
CA GLN I 84 0.04 29.31 -12.60
C GLN I 84 0.06 28.80 -11.16
N TYR I 85 0.63 29.55 -10.23
CA TYR I 85 0.61 29.12 -8.83
C TYR I 85 0.79 30.32 -7.92
N LYS I 86 0.58 30.08 -6.62
CA LYS I 86 0.79 31.06 -5.57
C LYS I 86 1.55 30.42 -4.42
N LEU I 87 2.48 31.15 -3.83
CA LEU I 87 3.34 30.61 -2.78
C LEU I 87 3.08 31.33 -1.47
N TYR I 88 2.62 30.59 -0.47
CA TYR I 88 2.24 31.10 0.83
C TYR I 88 3.26 30.66 1.87
N SER I 89 3.16 31.30 3.04
CA SER I 89 4.06 31.07 4.15
C SER I 89 4.00 29.62 4.63
N ASP I 90 5.07 29.23 5.32
CA ASP I 90 5.33 27.84 5.71
C ASP I 90 5.49 26.93 4.50
N GLY I 91 5.93 27.49 3.38
CA GLY I 91 6.21 26.65 2.23
C GLY I 91 4.99 25.94 1.69
N VAL I 92 3.87 26.63 1.57
CA VAL I 92 2.68 26.07 0.96
C VAL I 92 2.57 26.61 -0.47
N ILE I 93 2.51 25.75 -1.46
CA ILE I 93 2.19 26.22 -2.80
C ILE I 93 0.78 25.78 -3.15
N LEU I 94 0.03 26.71 -3.72
CA LEU I 94 -1.33 26.46 -4.19
C LEU I 94 -1.33 26.59 -5.70
N LEU I 95 -1.64 25.50 -6.39
CA LEU I 95 -1.76 25.55 -7.83
C LEU I 95 -3.08 26.19 -8.24
N LYS I 96 -3.02 27.02 -9.27
CA LYS I 96 -4.20 27.64 -9.86
C LYS I 96 -4.75 26.84 -11.02
N PHE I 97 -4.22 25.64 -11.25
CA PHE I 97 -4.71 24.72 -12.25
C PHE I 97 -4.56 23.30 -11.74
N SER I 98 -5.45 22.41 -12.16
CA SER I 98 -5.38 21.03 -11.71
C SER I 98 -4.30 20.29 -12.50
N PRO I 99 -3.29 19.72 -11.84
CA PRO I 99 -2.10 19.27 -12.55
C PRO I 99 -2.30 17.96 -13.26
N PRO I 100 -1.54 17.74 -14.34
CA PRO I 100 -1.39 16.39 -14.88
C PRO I 100 -0.80 15.46 -13.84
N GLU I 101 -1.23 14.22 -13.86
CA GLU I 101 -0.75 13.23 -12.90
C GLU I 101 0.71 12.86 -13.16
N GLY I 102 1.49 12.73 -12.09
CA GLY I 102 2.87 12.34 -12.20
C GLY I 102 3.78 13.16 -11.31
N TYR I 103 5.06 13.20 -11.66
CA TYR I 103 6.08 13.78 -10.80
C TYR I 103 6.32 15.26 -11.08
N MET I 104 6.36 16.05 -10.01
CA MET I 104 6.70 17.46 -10.02
C MET I 104 8.09 17.67 -9.45
N ASP I 105 8.90 18.47 -10.12
CA ASP I 105 10.27 18.75 -9.68
C ASP I 105 10.43 20.24 -9.46
N VAL I 106 10.90 20.63 -8.27
CA VAL I 106 10.87 22.03 -7.87
C VAL I 106 12.19 22.39 -7.18
N GLU I 107 12.70 23.57 -7.49
CA GLU I 107 13.88 24.16 -6.86
C GLU I 107 13.46 25.36 -6.03
N TYR I 108 13.99 25.46 -4.81
CA TYR I 108 13.69 26.62 -3.99
C TYR I 108 14.83 26.93 -3.04
N THR I 109 14.90 28.19 -2.60
CA THR I 109 15.89 28.63 -1.63
C THR I 109 15.25 28.70 -0.24
N GLN I 110 15.93 28.12 0.75
CA GLN I 110 15.29 27.75 2.00
C GLN I 110 15.53 28.72 3.16
N GLY I 111 16.43 29.69 3.02
CA GLY I 111 16.55 30.75 4.03
C GLY I 111 16.94 30.22 5.40
N GLY I 112 16.15 30.58 6.41
CA GLY I 112 16.32 30.05 7.75
C GLY I 112 15.61 30.92 8.78
N PHE I 113 15.97 30.71 10.05
CA PHE I 113 15.71 31.72 11.07
C PHE I 113 16.49 33.00 10.82
N ASN I 114 15.86 34.13 11.12
CA ASN I 114 16.57 35.36 11.39
C ASN I 114 15.73 36.27 12.27
N PRO I 115 16.34 36.94 13.27
CA PRO I 115 17.59 36.57 13.93
C PRO I 115 17.44 35.30 14.77
N ILE I 116 18.55 34.65 15.09
CA ILE I 116 18.49 33.44 15.92
C ILE I 116 17.88 33.76 17.27
N PRO I 117 16.87 33.04 17.75
CA PRO I 117 16.22 33.43 18.99
C PRO I 117 17.12 33.17 20.19
N GLU I 118 16.98 34.04 21.20
CA GLU I 118 17.79 33.97 22.42
C GLU I 118 17.62 32.68 23.21
N ASP I 119 16.47 32.02 23.10
CA ASP I 119 16.30 30.75 23.80
C ASP I 119 17.14 29.64 23.20
N LEU I 120 17.24 29.57 21.87
CA LEU I 120 18.18 28.62 21.29
C LEU I 120 19.61 28.93 21.71
N LYS I 121 19.98 30.20 21.73
CA LYS I 121 21.32 30.59 22.12
C LYS I 121 21.63 30.15 23.55
N LEU I 122 20.64 30.26 24.44
CA LEU I 122 20.83 29.76 25.79
C LEU I 122 20.94 28.24 25.81
N ALA I 123 20.06 27.55 25.09
CA ALA I 123 20.07 26.09 25.15
C ALA I 123 21.40 25.54 24.66
N ALA I 124 21.95 26.17 23.62
CA ALA I 124 23.30 25.81 23.17
C ALA I 124 24.34 26.02 24.26
N CYS I 125 24.28 27.14 24.97
CA CYS I 125 25.22 27.32 26.08
C CYS I 125 25.08 26.24 27.14
N MET I 126 23.84 25.86 27.47
CA MET I 126 23.65 24.82 28.47
C MET I 126 24.11 23.45 27.99
N LEU I 127 24.03 23.19 26.69
CA LEU I 127 24.56 21.93 26.18
C LEU I 127 26.08 21.90 26.22
N VAL I 128 26.71 23.01 25.85
CA VAL I 128 28.16 23.07 25.96
C VAL I 128 28.60 22.85 27.39
N ASP I 129 27.94 23.49 28.35
CA ASP I 129 28.25 23.20 29.75
C ASP I 129 28.04 21.73 30.08
N HIS I 130 26.97 21.14 29.56
CA HIS I 130 26.68 19.74 29.88
C HIS I 130 27.80 18.82 29.48
N TRP I 131 28.29 18.95 28.26
CA TRP I 131 29.45 18.13 27.86
C TRP I 131 30.72 18.55 28.60
N HIS I 132 30.93 19.85 28.79
CA HIS I 132 32.20 20.31 29.36
C HIS I 132 32.38 19.85 30.80
N LYS I 133 31.35 20.03 31.63
CA LYS I 133 31.44 19.54 33.00
C LYS I 133 31.29 18.03 33.12
N GLN I 134 31.05 17.32 32.01
CA GLN I 134 30.79 15.88 32.02
C GLN I 134 29.64 15.51 32.96
N ASP I 135 28.50 16.16 32.77
CA ASP I 135 27.33 15.91 33.59
C ASP I 135 26.43 14.85 33.00
N TYR I 136 26.95 14.01 32.12
CA TYR I 136 26.28 12.78 31.69
C TYR I 136 26.52 11.63 32.68
N ARG I 137 26.08 11.85 33.91
CA ARG I 137 26.21 10.84 34.96
C ARG I 137 24.90 10.84 35.74
N GLN I 138 24.68 9.81 36.54
CA GLN I 138 23.54 9.86 37.43
C GLN I 138 23.81 10.48 38.79
N ALA I 139 25.00 10.35 39.33
CA ALA I 139 25.29 11.03 40.59
C ALA I 139 26.79 11.18 40.78
N LYS I 140 27.17 12.10 41.67
CA LYS I 140 28.56 12.23 42.05
C LYS I 140 28.58 12.61 43.53
N THR I 141 29.68 12.30 44.21
CA THR I 141 29.79 12.66 45.62
C THR I 141 31.17 13.19 45.99
N ILE I 142 31.88 13.84 45.07
CA ILE I 142 33.24 14.25 45.38
C ILE I 142 33.26 15.06 46.67
N GLY I 143 34.20 14.72 47.54
CA GLY I 143 34.23 15.30 48.87
C GLY I 143 32.99 15.00 49.68
N GLY I 144 32.42 16.04 50.30
CA GLY I 144 31.11 15.90 50.92
C GLY I 144 29.88 16.23 50.11
N GLU I 145 29.96 17.16 49.15
CA GLU I 145 28.74 17.54 48.45
C GLU I 145 28.27 16.38 47.57
N THR I 146 27.02 16.46 47.14
CA THR I 146 26.43 15.38 46.35
C THR I 146 25.27 15.92 45.53
N VAL I 147 25.13 15.40 44.31
CA VAL I 147 24.10 15.86 43.39
C VAL I 147 23.53 14.63 42.67
N THR I 148 22.28 14.73 42.26
CA THR I 148 21.64 13.77 41.37
C THR I 148 21.11 14.47 40.13
N PHE I 149 21.41 13.93 38.97
CA PHE I 149 21.18 14.60 37.70
C PHE I 149 19.79 14.28 37.16
N ASN I 150 19.40 15.04 36.13
CA ASN I 150 18.07 14.96 35.55
C ASN I 150 17.77 13.57 35.00
N ASN I 151 16.47 13.27 34.95
CA ASN I 151 15.95 12.11 34.23
C ASN I 151 15.94 12.44 32.74
N THR I 152 17.08 12.23 32.10
CA THR I 152 17.25 12.61 30.70
C THR I 152 16.30 11.83 29.79
N LYS I 153 15.94 12.45 28.68
CA LYS I 153 14.93 11.94 27.76
C LYS I 153 15.45 12.04 26.33
N SER I 154 15.29 10.97 25.57
CA SER I 154 16.03 10.76 24.32
C SER I 154 17.53 10.97 24.48
N GLY I 155 18.04 10.71 25.68
CA GLY I 155 19.41 11.05 26.04
C GLY I 155 19.73 12.51 26.10
N ILE I 156 18.78 13.40 25.84
CA ILE I 156 19.00 14.84 25.95
C ILE I 156 18.53 15.28 27.33
N PRO I 157 19.34 16.02 28.09
CA PRO I 157 18.93 16.40 29.45
C PRO I 157 17.59 17.12 29.39
N GLU I 158 16.72 16.79 30.35
CA GLU I 158 15.32 17.18 30.24
C GLU I 158 15.15 18.69 30.19
N HIS I 159 15.93 19.42 30.98
CA HIS I 159 15.83 20.87 30.98
C HIS I 159 16.29 21.53 29.68
N ILE I 160 17.05 20.83 28.84
CA ILE I 160 17.30 21.34 27.50
C ILE I 160 16.16 21.01 26.54
N ARG I 161 15.57 19.83 26.67
CA ARG I 161 14.70 19.32 25.61
C ARG I 161 13.46 20.18 25.40
N THR I 162 12.94 20.83 26.43
CA THR I 162 11.76 21.67 26.24
C THR I 162 12.01 22.77 25.21
N ILE I 163 13.19 23.38 25.23
CA ILE I 163 13.47 24.47 24.30
C ILE I 163 13.61 23.96 22.87
N ILE I 164 14.21 22.79 22.70
CA ILE I 164 14.23 22.16 21.39
C ILE I 164 12.83 21.87 20.89
N GLU I 165 12.00 21.23 21.73
CA GLU I 165 10.68 20.82 21.27
C GLU I 165 9.78 22.01 20.95
N VAL I 166 9.93 23.13 21.67
CA VAL I 166 9.24 24.34 21.26
C VAL I 166 9.57 24.74 19.82
N TYR I 167 10.72 24.35 19.29
CA TYR I 167 11.00 24.59 17.88
C TYR I 167 11.12 23.35 17.01
N ARG I 168 11.17 22.15 17.59
CA ARG I 168 11.45 20.97 16.77
C ARG I 168 10.44 20.86 15.65
N ARG I 169 10.93 20.94 14.42
CA ARG I 169 10.07 20.91 13.26
C ARG I 169 9.45 19.54 13.08
N VAL I 170 8.21 19.51 12.62
CA VAL I 170 7.45 18.29 12.48
C VAL I 170 7.51 17.46 13.75
N ASP J 2 32.42 40.74 64.41
CA ASP J 2 33.64 40.03 64.06
C ASP J 2 33.86 40.01 62.55
N HIS J 3 35.08 39.70 62.13
CA HIS J 3 35.58 40.09 60.82
C HIS J 3 35.60 38.94 59.83
N ARG J 4 34.69 37.96 59.99
CA ARG J 4 34.80 36.70 59.27
C ARG J 4 34.76 36.90 57.76
N THR J 5 33.78 37.67 57.26
CA THR J 5 33.70 37.93 55.84
C THR J 5 34.77 38.91 55.39
N SER J 6 35.03 39.95 56.17
CA SER J 6 36.05 40.92 55.81
C SER J 6 37.44 40.31 55.78
N ILE J 7 37.73 39.39 56.70
CA ILE J 7 38.98 38.64 56.61
C ILE J 7 39.03 37.74 55.38
N ALA J 8 37.94 37.02 55.10
CA ALA J 8 37.97 36.18 53.90
C ALA J 8 38.17 37.02 52.64
N GLN J 9 37.49 38.17 52.56
CA GLN J 9 37.68 39.11 51.48
C GLN J 9 39.11 39.58 51.38
N ALA J 10 39.73 39.92 52.51
CA ALA J 10 41.10 40.40 52.50
C ALA J 10 42.05 39.34 51.97
N LEU J 11 41.87 38.09 52.40
CA LEU J 11 42.73 37.03 51.91
C LEU J 11 42.52 36.75 50.42
N VAL J 12 41.27 36.80 49.95
CA VAL J 12 41.00 36.70 48.52
C VAL J 12 41.71 37.80 47.74
N ASP J 13 41.60 39.04 48.21
CA ASP J 13 42.32 40.15 47.61
C ASP J 13 43.82 39.90 47.58
N ARG J 14 44.38 39.43 48.70
CA ARG J 14 45.82 39.15 48.74
C ARG J 14 46.23 38.08 47.75
N ILE J 15 45.42 37.03 47.60
CA ILE J 15 45.73 36.00 46.62
C ILE J 15 45.71 36.56 45.21
N ALA J 16 44.67 37.31 44.87
CA ALA J 16 44.59 37.90 43.54
C ALA J 16 45.74 38.87 43.27
N GLN J 17 46.07 39.71 44.25
CA GLN J 17 47.15 40.67 44.07
C GLN J 17 48.52 40.03 43.88
N GLN J 18 48.88 39.09 44.75
CA GLN J 18 50.19 38.46 44.59
C GLN J 18 50.26 37.50 43.41
N MET J 19 49.25 36.65 43.21
CA MET J 19 49.30 35.72 42.08
C MET J 19 49.41 36.41 40.73
N ASP J 20 48.97 37.67 40.63
CA ASP J 20 48.49 38.23 39.35
C ASP J 20 49.47 38.03 38.20
N GLY J 21 50.77 37.99 38.48
CA GLY J 21 51.74 37.92 37.41
C GLY J 21 53.01 38.72 37.65
N SER J 22 53.03 39.51 38.72
CA SER J 22 54.18 40.34 39.04
C SER J 22 55.34 39.55 39.62
N GLN J 23 55.14 38.26 39.89
CA GLN J 23 56.13 37.42 40.58
C GLN J 23 56.48 36.20 39.72
N PRO J 24 56.95 36.42 38.49
CA PRO J 24 56.90 35.33 37.49
C PRO J 24 57.92 34.23 37.74
N ASP J 25 59.06 34.54 38.36
CA ASP J 25 59.98 33.53 38.86
C ASP J 25 59.73 33.17 40.31
N GLU J 26 58.55 33.47 40.82
CA GLU J 26 58.20 33.27 42.21
C GLU J 26 56.92 32.47 42.35
N TYR J 27 55.91 32.70 41.51
CA TYR J 27 54.69 31.91 41.52
C TYR J 27 54.53 31.22 40.17
N PHE J 28 54.14 29.93 40.21
CA PHE J 28 53.96 29.15 38.99
C PHE J 28 52.79 29.61 38.12
N ASN J 29 51.82 30.34 38.66
CA ASN J 29 50.57 30.51 37.94
C ASN J 29 50.09 31.96 37.94
N ASN J 30 49.13 32.22 37.05
CA ASN J 30 48.26 33.37 37.11
C ASN J 30 46.82 32.89 37.25
N LEU J 31 46.04 33.60 38.06
CA LEU J 31 44.65 33.21 38.28
C LEU J 31 43.65 34.09 37.55
N TYR J 32 44.07 35.26 37.09
CA TYR J 32 43.20 36.17 36.34
C TYR J 32 41.88 36.43 37.07
N GLY J 33 41.94 36.48 38.39
CA GLY J 33 40.73 36.71 39.16
C GLY J 33 39.82 35.52 39.36
N ASN J 34 40.27 34.31 39.08
CA ASN J 34 39.54 33.10 39.46
C ASN J 34 39.87 32.68 40.89
N VAL J 35 39.76 33.62 41.80
CA VAL J 35 39.67 33.36 43.23
C VAL J 35 38.54 34.19 43.81
N SER J 36 37.74 33.58 44.67
CA SER J 36 36.49 34.21 45.06
C SER J 36 35.98 33.59 46.35
N ARG J 37 35.05 34.31 46.96
CA ARG J 37 34.42 33.97 48.22
C ARG J 37 32.96 33.60 48.12
N GLN J 38 32.23 34.16 47.16
CA GLN J 38 30.78 34.04 47.09
C GLN J 38 30.32 33.26 45.86
N THR J 39 31.25 32.63 45.14
CA THR J 39 30.93 31.83 43.96
C THR J 39 31.80 30.58 44.00
N TYR J 40 31.37 29.60 44.80
CA TYR J 40 32.24 28.52 45.26
C TYR J 40 31.64 27.13 45.10
N LYS J 41 30.35 27.01 44.84
CA LYS J 41 29.76 25.71 44.55
C LYS J 41 30.29 25.17 43.23
N PHE J 42 30.66 23.89 43.21
CA PHE J 42 31.43 23.36 42.09
C PHE J 42 30.71 23.53 40.75
N GLU J 43 29.38 23.52 40.77
CA GLU J 43 28.63 23.83 39.55
C GLU J 43 28.98 25.20 38.99
N GLU J 44 29.31 26.14 39.87
CA GLU J 44 29.57 27.52 39.46
C GLU J 44 30.83 27.64 38.61
N ILE J 45 31.81 26.80 38.84
CA ILE J 45 33.13 26.94 38.21
C ILE J 45 33.09 26.45 36.76
N ARG J 46 33.54 27.31 35.85
CA ARG J 46 33.68 26.97 34.44
C ARG J 46 35.11 27.16 33.92
N GLU J 47 36.06 27.47 34.78
CA GLU J 47 37.46 27.64 34.39
C GLU J 47 38.33 26.85 35.36
N PHE J 48 39.51 26.48 34.88
CA PHE J 48 40.46 25.83 35.75
C PHE J 48 41.86 26.35 35.50
N PRO J 49 42.65 26.56 36.56
CA PRO J 49 42.35 26.38 37.98
C PRO J 49 41.38 27.38 38.58
N TYR J 50 40.88 27.07 39.78
CA TYR J 50 40.01 27.97 40.51
C TYR J 50 40.25 27.75 42.00
N VAL J 51 40.15 28.84 42.77
CA VAL J 51 40.40 28.80 44.21
C VAL J 51 39.18 29.32 44.94
N ALA J 52 38.61 28.48 45.80
CA ALA J 52 37.37 28.77 46.52
C ALA J 52 37.66 28.85 48.01
N VAL J 53 37.23 29.95 48.62
CA VAL J 53 37.45 30.21 50.04
C VAL J 53 36.14 29.99 50.79
N HIS J 54 36.18 29.10 51.80
CA HIS J 54 35.06 28.81 52.66
C HIS J 54 35.37 29.30 54.08
N ILE J 55 34.33 29.58 54.85
CA ILE J 55 34.47 30.18 56.16
C ILE J 55 34.07 29.16 57.22
N GLY J 56 34.99 28.89 58.15
CA GLY J 56 34.79 27.89 59.17
C GLY J 56 34.06 28.41 60.39
N THR J 57 34.12 27.62 61.45
CA THR J 57 33.68 28.04 62.77
C THR J 57 34.60 29.10 63.35
N GLU J 58 34.00 30.12 63.96
CA GLU J 58 34.73 31.15 64.68
C GLU J 58 34.51 30.98 66.17
N THR J 59 35.60 31.01 66.93
CA THR J 59 35.57 30.73 68.37
C THR J 59 36.28 31.85 69.12
N GLY J 60 35.94 32.00 70.40
CA GLY J 60 36.46 33.09 71.21
C GLY J 60 37.13 32.62 72.50
N GLN J 61 37.89 33.53 73.10
CA GLN J 61 38.62 33.24 74.34
C GLN J 61 38.85 34.54 75.09
N TYR J 62 38.25 34.66 76.28
CA TYR J 62 38.30 35.88 77.05
C TYR J 62 39.58 35.97 77.88
N LEU J 63 40.00 37.20 78.14
CA LEU J 63 41.26 37.47 78.85
C LEU J 63 41.03 38.53 79.91
N PRO J 64 41.95 38.65 80.87
CA PRO J 64 41.60 39.22 82.18
C PRO J 64 40.94 40.59 82.18
N SER J 65 41.25 41.48 81.21
CA SER J 65 40.74 42.85 81.30
C SER J 65 40.34 43.38 79.92
N GLY J 66 39.25 42.82 79.41
CA GLY J 66 38.66 43.23 78.15
C GLY J 66 39.26 42.63 76.90
N GLN J 67 40.51 42.19 76.94
CA GLN J 67 41.06 41.53 75.76
C GLN J 67 40.35 40.21 75.52
N GLN J 68 40.26 39.82 74.25
CA GLN J 68 39.88 38.45 73.91
C GLN J 68 40.53 38.08 72.59
N TRP J 69 40.95 36.83 72.49
CA TRP J 69 41.33 36.22 71.23
C TRP J 69 40.10 35.66 70.52
N MET J 70 40.17 35.61 69.19
CA MET J 70 39.24 34.83 68.39
C MET J 70 40.01 34.06 67.35
N PHE J 71 39.51 32.86 67.03
CA PHE J 71 40.14 31.94 66.11
C PHE J 71 39.16 31.58 65.00
N LEU J 72 39.67 31.54 63.77
CA LEU J 72 38.87 31.24 62.60
C LEU J 72 39.55 30.15 61.78
N GLU J 73 38.74 29.25 61.22
CA GLU J 73 39.20 28.30 60.21
C GLU J 73 38.76 28.77 58.84
N LEU J 74 39.66 28.69 57.88
CA LEU J 74 39.30 28.78 56.46
C LEU J 74 39.62 27.49 55.71
N PRO J 75 38.64 26.62 55.51
CA PRO J 75 38.77 25.58 54.48
C PRO J 75 38.89 26.21 53.10
N ILE J 76 39.96 25.87 52.38
CA ILE J 76 40.19 26.36 51.03
C ILE J 76 40.17 25.16 50.11
N LEU J 77 39.53 25.32 48.95
CA LEU J 77 39.49 24.26 47.95
C LEU J 77 40.12 24.77 46.65
N VAL J 78 41.05 23.99 46.11
CA VAL J 78 41.67 24.31 44.84
C VAL J 78 41.21 23.28 43.81
N TYR J 79 40.46 23.74 42.81
CA TYR J 79 39.93 22.87 41.77
C TYR J 79 40.76 23.05 40.51
N ASP J 80 41.08 21.93 39.86
CA ASP J 80 41.98 21.99 38.72
C ASP J 80 41.63 20.89 37.74
N LYS J 81 42.12 21.02 36.51
CA LYS J 81 41.78 20.10 35.43
C LYS J 81 43.06 19.70 34.73
N GLU J 82 43.14 18.43 34.34
CA GLU J 82 44.39 17.91 33.79
C GLU J 82 44.83 18.66 32.56
N LYS J 83 46.14 18.90 32.48
CA LYS J 83 46.82 19.16 31.24
C LYS J 83 48.15 18.40 31.23
N THR J 84 48.95 18.64 32.26
CA THR J 84 49.97 17.72 32.76
C THR J 84 49.26 16.76 33.72
N ASP J 85 49.98 15.76 34.23
CA ASP J 85 49.40 14.97 35.30
C ASP J 85 48.94 15.88 36.42
N ILE J 86 47.73 15.62 36.90
CA ILE J 86 47.02 16.53 37.80
C ILE J 86 47.73 16.71 39.14
N GLN J 87 48.39 15.67 39.64
CA GLN J 87 49.11 15.80 40.91
C GLN J 87 50.29 16.76 40.85
N GLU J 88 50.95 16.88 39.71
CA GLU J 88 51.99 17.91 39.57
C GLU J 88 51.41 19.32 39.47
N GLN J 89 50.29 19.49 38.78
CA GLN J 89 49.67 20.79 38.71
C GLN J 89 49.20 21.24 40.09
N LEU J 90 48.53 20.36 40.82
CA LEU J 90 48.13 20.69 42.18
C LEU J 90 49.33 20.99 43.06
N GLU J 91 50.44 20.25 42.90
CA GLU J 91 51.65 20.58 43.66
C GLU J 91 52.16 21.99 43.36
N LYS J 92 52.02 22.44 42.11
CA LYS J 92 52.37 23.82 41.80
C LYS J 92 51.45 24.80 42.49
N LEU J 93 50.15 24.59 42.39
CA LEU J 93 49.21 25.57 42.94
C LEU J 93 49.35 25.65 44.46
N VAL J 94 49.46 24.50 45.13
CA VAL J 94 49.66 24.49 46.57
C VAL J 94 50.97 25.16 46.96
N ALA J 95 52.05 24.93 46.20
CA ALA J 95 53.29 25.62 46.50
C ALA J 95 53.15 27.13 46.37
N ASP J 96 52.45 27.60 45.34
CA ASP J 96 52.22 29.03 45.20
C ASP J 96 51.41 29.58 46.37
N ILE J 97 50.29 28.95 46.70
CA ILE J 97 49.43 29.55 47.70
C ILE J 97 50.05 29.45 49.09
N LYS J 98 50.80 28.38 49.37
CA LYS J 98 51.56 28.30 50.62
C LYS J 98 52.62 29.39 50.70
N THR J 99 53.26 29.72 49.59
CA THR J 99 54.21 30.83 49.61
C THR J 99 53.52 32.14 49.92
N VAL J 100 52.39 32.40 49.26
CA VAL J 100 51.63 33.62 49.51
C VAL J 100 51.12 33.70 50.95
N ILE J 101 50.85 32.56 51.58
CA ILE J 101 50.54 32.53 53.01
C ILE J 101 51.75 32.86 53.86
N ASP J 102 52.88 32.24 53.59
CA ASP J 102 54.00 32.29 54.53
C ASP J 102 55.03 33.36 54.20
N THR J 103 54.74 34.24 53.23
CA THR J 103 55.65 35.33 52.90
C THR J 103 54.85 36.59 52.65
N GLY J 104 55.52 37.73 52.83
CA GLY J 104 54.86 39.01 52.99
C GLY J 104 54.35 39.24 54.40
N GLY J 105 53.90 40.47 54.63
CA GLY J 105 53.47 40.86 55.96
C GLY J 105 52.20 40.18 56.41
N ASN J 106 51.87 40.43 57.68
CA ASN J 106 50.60 40.01 58.25
C ASN J 106 49.42 40.54 57.45
N LEU J 107 48.38 39.71 57.34
CA LEU J 107 47.23 40.03 56.50
C LEU J 107 46.48 41.24 57.04
N GLU J 108 46.41 42.30 56.23
CA GLU J 108 45.58 43.46 56.54
C GLU J 108 44.16 43.28 56.02
N TYR J 109 43.19 43.74 56.80
CA TYR J 109 41.79 43.80 56.40
C TYR J 109 41.17 45.11 56.87
N THR J 110 40.13 45.56 56.17
CA THR J 110 39.51 46.85 56.44
C THR J 110 38.13 46.65 57.06
N VAL J 111 38.02 46.93 58.35
CA VAL J 111 36.79 46.68 59.11
C VAL J 111 35.83 47.84 58.87
N SER J 112 34.77 47.59 58.10
CA SER J 112 33.74 48.59 57.93
C SER J 112 32.90 48.73 59.20
N LYS J 113 32.52 49.97 59.51
CA LYS J 113 31.92 50.29 60.80
C LYS J 113 30.52 50.84 60.63
N PRO J 114 29.63 50.65 61.61
CA PRO J 114 28.28 51.20 61.51
C PRO J 114 28.23 52.70 61.37
N ASN J 115 29.27 53.40 61.82
CA ASN J 115 29.38 54.84 61.59
C ASN J 115 29.74 55.18 60.14
N GLY J 116 30.05 54.21 59.30
CA GLY J 116 30.35 54.44 57.91
C GLY J 116 31.83 54.38 57.57
N SER J 117 32.70 54.43 58.56
CA SER J 117 34.13 54.35 58.34
C SER J 117 34.54 52.91 57.98
N THR J 118 35.78 52.77 57.51
CA THR J 118 36.46 51.48 57.52
C THR J 118 37.86 51.63 58.09
N PHE J 119 38.13 50.87 59.15
CA PHE J 119 39.34 51.00 59.93
C PHE J 119 40.33 49.93 59.51
N PRO J 120 41.54 50.29 59.08
CA PRO J 120 42.53 49.28 58.65
C PRO J 120 43.13 48.55 59.85
N CYS J 121 43.02 47.23 59.84
CA CYS J 121 43.44 46.39 60.96
C CYS J 121 44.20 45.20 60.38
N GLU J 122 44.76 44.38 61.27
CA GLU J 122 45.72 43.38 60.84
C GLU J 122 45.55 42.09 61.64
N ALA J 123 45.53 40.96 60.94
CA ALA J 123 45.45 39.66 61.60
C ALA J 123 46.77 39.29 62.26
N THR J 124 46.73 38.98 63.55
CA THR J 124 47.96 38.87 64.33
C THR J 124 48.80 37.66 63.88
N ASP J 125 48.19 36.48 63.79
CA ASP J 125 48.87 35.28 63.33
C ASP J 125 47.98 34.45 62.43
N MET J 126 48.56 33.92 61.35
CA MET J 126 47.81 33.27 60.29
C MET J 126 48.64 32.13 59.70
N SER J 127 48.06 30.94 59.66
CA SER J 127 48.85 29.71 59.59
C SER J 127 48.08 28.66 58.80
N ILE J 128 48.69 28.18 57.71
CA ILE J 128 48.28 26.95 57.05
C ILE J 128 48.68 25.74 57.88
N THR J 129 47.74 24.80 58.06
CA THR J 129 47.94 23.64 58.91
C THR J 129 48.06 22.32 58.14
N SER J 130 47.25 22.09 57.10
CA SER J 130 47.29 20.79 56.44
C SER J 130 46.82 20.89 55.00
N VAL J 131 47.20 19.87 54.23
CA VAL J 131 46.83 19.73 52.83
C VAL J 131 46.43 18.29 52.55
N SER J 132 45.42 18.09 51.72
CA SER J 132 45.12 16.77 51.17
C SER J 132 44.77 16.90 49.70
N THR J 133 44.71 15.76 49.01
CA THR J 133 44.41 15.77 47.58
C THR J 133 43.43 14.67 47.22
N ASP J 134 42.77 14.85 46.08
CA ASP J 134 41.80 13.89 45.57
C ASP J 134 42.41 12.52 45.28
N GLU J 135 41.56 11.50 45.37
CA GLU J 135 41.92 10.13 44.96
C GLU J 135 42.18 9.98 43.47
N GLY J 136 41.72 10.91 42.65
CA GLY J 136 41.95 10.84 41.21
C GLY J 136 40.95 10.03 40.40
N LEU J 137 39.77 9.71 40.95
CA LEU J 137 38.79 8.92 40.20
C LEU J 137 38.18 9.71 39.05
N LEU J 138 37.73 10.93 39.31
CA LEU J 138 37.37 11.77 38.19
C LEU J 138 38.64 12.16 37.46
N ALA J 139 38.50 12.26 36.14
CA ALA J 139 39.51 12.90 35.33
C ALA J 139 38.79 13.56 34.17
N PRO J 140 39.30 14.66 33.66
CA PRO J 140 40.55 15.30 34.06
C PRO J 140 40.49 16.16 35.34
N TYR J 141 39.36 16.22 36.04
CA TYR J 141 39.29 17.09 37.22
C TYR J 141 39.94 16.49 38.46
N GLY J 142 40.62 17.36 39.22
CA GLY J 142 41.16 17.02 40.52
C GLY J 142 40.93 18.15 41.51
N LEU J 143 41.19 17.85 42.78
CA LEU J 143 40.93 18.78 43.87
C LEU J 143 42.02 18.64 44.94
N ALA J 144 42.42 19.76 45.54
CA ALA J 144 43.17 19.74 46.79
C ALA J 144 42.49 20.55 47.88
N GLU J 145 42.40 19.96 49.07
CA GLU J 145 42.01 20.69 50.27
C GLU J 145 43.21 21.35 50.93
N ILE J 146 43.00 22.57 51.43
CA ILE J 146 43.89 23.23 52.37
C ILE J 146 43.10 23.66 53.60
N ASN J 147 43.68 23.49 54.79
CA ASN J 147 43.09 24.03 56.01
C ASN J 147 43.96 25.18 56.54
N VAL J 148 43.37 26.37 56.63
CA VAL J 148 44.05 27.55 57.16
C VAL J 148 43.44 27.91 58.50
N THR J 149 44.28 28.34 59.44
CA THR J 149 43.82 28.89 60.71
C THR J 149 44.29 30.33 60.86
N VAL J 150 43.49 31.15 61.54
CA VAL J 150 43.84 32.53 61.84
C VAL J 150 43.47 32.83 63.28
N ARG J 151 44.34 33.57 63.98
CA ARG J 151 44.05 34.18 65.26
C ARG J 151 44.03 35.69 65.13
N TYR J 152 42.96 36.33 65.61
CA TYR J 152 42.94 37.78 65.62
C TYR J 152 42.18 38.29 66.84
N GLN J 153 42.42 39.55 67.17
CA GLN J 153 41.81 40.23 68.30
C GLN J 153 40.85 41.31 67.82
N PRO J 154 39.61 41.31 68.30
CA PRO J 154 38.66 42.35 67.91
C PRO J 154 39.01 43.69 68.54
N PRO J 155 38.31 44.76 68.18
CA PRO J 155 38.29 45.95 69.06
C PRO J 155 37.89 45.61 70.48
N ARG J 156 38.45 46.37 71.43
CA ARG J 156 38.36 46.09 72.86
C ARG J 156 37.00 46.49 73.43
N ARG J 157 35.97 45.88 72.85
CA ARG J 157 34.57 46.29 72.98
C ARG J 157 34.18 46.71 74.40
N SER J 158 34.36 45.81 75.37
CA SER J 158 33.83 45.99 76.72
C SER J 158 34.53 47.08 77.53
N LEU J 159 35.69 47.57 77.10
CA LEU J 159 36.30 48.70 77.77
C LEU J 159 36.16 50.01 77.00
N ARG J 160 35.98 49.93 75.68
CA ARG J 160 35.59 51.11 74.93
C ARG J 160 34.21 51.59 75.34
N ARG J 161 33.27 50.65 75.45
CA ARG J 161 32.01 50.89 76.16
C ARG J 161 32.25 51.04 77.65
N MET K 1 39.37 12.86 71.38
CA MET K 1 39.01 12.85 72.83
C MET K 1 40.26 12.98 73.69
N THR K 2 41.37 12.36 73.24
CA THR K 2 42.60 12.42 74.01
C THR K 2 42.99 13.86 74.31
N ASP K 3 42.71 14.78 73.38
CA ASP K 3 42.93 16.20 73.64
C ASP K 3 42.38 16.60 75.00
N LYS K 4 41.19 16.11 75.35
CA LYS K 4 40.66 16.36 76.69
C LYS K 4 41.61 15.83 77.75
N LEU K 5 42.04 14.58 77.62
CA LEU K 5 43.02 14.03 78.56
C LEU K 5 44.35 14.78 78.45
N ILE K 6 44.74 15.16 77.24
CA ILE K 6 45.97 15.90 77.06
C ILE K 6 45.89 17.27 77.74
N ARG K 7 44.71 17.89 77.72
CA ARG K 7 44.59 19.25 78.24
C ARG K 7 44.98 19.33 79.71
N GLU K 8 44.50 18.39 80.53
CA GLU K 8 44.90 18.41 81.94
C GLU K 8 46.40 18.22 82.07
N LEU K 9 46.96 17.33 81.25
CA LEU K 9 48.42 17.19 81.22
C LEU K 9 49.08 18.45 80.68
N LEU K 10 48.45 19.11 79.70
CA LEU K 10 49.01 20.37 79.20
C LEU K 10 49.11 21.42 80.29
N ILE K 11 48.30 21.29 81.35
CA ILE K 11 48.48 22.18 82.49
C ILE K 11 49.85 22.00 83.09
N ASP K 12 50.35 20.75 83.14
CA ASP K 12 51.72 20.53 83.56
C ASP K 12 52.72 20.96 82.50
N VAL K 13 52.32 20.93 81.23
CA VAL K 13 53.12 21.59 80.20
C VAL K 13 53.18 23.08 80.46
N LYS K 14 52.02 23.68 80.78
CA LYS K 14 52.02 25.03 81.35
C LYS K 14 52.67 25.01 82.73
N GLN K 15 52.62 23.86 83.41
CA GLN K 15 53.38 23.61 84.63
C GLN K 15 52.75 24.30 85.83
N LYS K 16 51.46 24.62 85.73
CA LYS K 16 50.72 25.06 86.91
C LYS K 16 50.61 23.91 87.92
N GLY K 17 50.80 22.68 87.47
CA GLY K 17 50.64 21.54 88.35
C GLY K 17 51.53 21.62 89.58
N ALA K 18 52.80 21.98 89.38
CA ALA K 18 53.72 22.07 90.51
C ALA K 18 53.11 22.93 91.62
N THR K 19 52.63 24.13 91.27
CA THR K 19 51.86 24.91 92.22
C THR K 19 50.56 24.20 92.56
N ARG K 20 49.89 23.63 91.56
CA ARG K 20 48.63 22.93 91.81
C ARG K 20 48.84 21.69 92.69
N THR K 21 50.04 21.13 92.68
CA THR K 21 50.32 19.92 93.45
C THR K 21 50.51 20.27 94.91
N ALA K 22 49.50 19.97 95.73
CA ALA K 22 49.67 20.07 97.18
C ALA K 22 50.69 19.07 97.70
N LYS K 23 51.06 18.08 96.88
CA LYS K 23 52.08 17.12 97.26
C LYS K 23 53.29 17.82 97.88
N SER K 24 53.66 18.97 97.33
CA SER K 24 54.79 19.73 97.88
C SER K 24 54.66 19.95 99.38
N ILE K 25 53.44 20.24 99.84
CA ILE K 25 53.22 20.44 101.27
C ILE K 25 53.70 19.22 102.04
N GLU K 26 53.31 18.03 101.60
CA GLU K 26 53.82 16.81 102.21
C GLU K 26 55.33 16.71 102.00
N ASN K 27 55.81 17.05 100.81
CA ASN K 27 57.24 17.04 100.55
C ASN K 27 57.97 17.96 101.52
N VAL K 28 57.37 19.11 101.85
CA VAL K 28 57.98 20.01 102.82
C VAL K 28 58.23 19.27 104.12
N SER K 29 57.23 18.55 104.62
CA SER K 29 57.42 17.75 105.81
C SER K 29 58.48 16.67 105.58
N ASP K 30 58.43 16.02 104.42
CA ASP K 30 59.40 14.97 104.12
C ASP K 30 60.82 15.51 104.14
N ALA K 31 61.07 16.58 103.38
CA ALA K 31 62.40 17.16 103.35
C ALA K 31 62.81 17.66 104.73
N LEU K 32 61.88 18.33 105.43
CA LEU K 32 62.18 18.84 106.76
C LEU K 32 62.62 17.73 107.70
N GLU K 33 62.14 16.50 107.47
CA GLU K 33 62.44 15.38 108.35
C GLU K 33 63.26 14.28 107.69
N ASN K 34 63.34 14.25 106.36
CA ASN K 34 64.14 13.26 105.65
C ASN K 34 65.50 13.87 105.32
N ALA K 35 66.56 13.14 105.65
CA ALA K 35 67.92 13.69 105.56
C ALA K 35 68.02 15.00 106.31
N ALA K 36 67.39 15.05 107.49
CA ALA K 36 67.33 16.28 108.26
C ALA K 36 68.72 16.70 108.73
N ALA K 37 68.84 17.97 109.10
CA ALA K 37 70.13 18.50 109.54
C ALA K 37 70.69 17.68 110.70
N ALA K 38 69.83 17.22 111.61
CA ALA K 38 70.29 16.50 112.79
C ALA K 38 71.23 15.37 112.40
N SER K 39 70.93 14.66 111.31
CA SER K 39 71.89 13.70 110.77
C SER K 39 73.20 14.39 110.43
N GLU K 40 73.12 15.56 109.80
CA GLU K 40 74.32 16.32 109.50
C GLU K 40 74.96 16.87 110.78
N LEU K 41 74.14 17.40 111.68
CA LEU K 41 74.69 17.93 112.93
C LEU K 41 75.36 16.83 113.75
N THR K 42 74.70 15.69 113.90
CA THR K 42 75.21 14.63 114.76
C THR K 42 76.54 14.09 114.23
N ASN K 43 76.64 13.91 112.92
CA ASN K 43 77.77 13.17 112.35
C ASN K 43 79.11 13.84 112.69
N GLU K 44 79.18 15.17 112.57
CA GLU K 44 80.44 15.87 112.82
C GLU K 44 80.33 16.79 114.03
N GLN K 45 79.32 17.66 114.04
CA GLN K 45 79.22 18.69 115.08
C GLN K 45 79.01 18.09 116.46
N LEU K 46 78.58 16.84 116.55
CA LEU K 46 78.47 16.19 117.85
C LEU K 46 79.80 16.20 118.59
N GLY K 47 80.90 16.04 117.85
CA GLY K 47 82.21 15.93 118.46
C GLY K 47 83.05 17.19 118.36
N LYS K 48 82.42 18.36 118.26
CA LYS K 48 83.13 19.62 118.13
C LYS K 48 82.86 20.49 119.35
N MET K 49 83.26 21.76 119.25
CA MET K 49 83.48 22.67 120.38
C MET K 49 82.25 23.20 121.12
N PRO K 50 81.08 23.34 120.48
CA PRO K 50 80.10 24.31 121.01
C PRO K 50 79.76 24.12 122.47
N LYS K 51 79.66 22.88 122.95
CA LYS K 51 79.49 22.67 124.38
C LYS K 51 80.77 22.96 125.14
N THR K 52 81.92 22.70 124.52
CA THR K 52 83.19 23.03 125.17
C THR K 52 83.28 24.53 125.42
N LEU K 53 82.80 25.33 124.47
CA LEU K 53 82.98 26.77 124.55
C LEU K 53 82.39 27.33 125.84
N TYR K 54 81.26 26.79 126.31
CA TYR K 54 80.66 27.29 127.54
C TYR K 54 81.66 27.25 128.68
N SER K 55 82.30 26.10 128.90
CA SER K 55 83.35 26.02 129.90
C SER K 55 84.53 26.89 129.50
N ILE K 56 84.84 26.96 128.21
CA ILE K 56 85.98 27.75 127.77
C ILE K 56 85.78 29.23 128.04
N GLU K 57 84.63 29.78 127.65
CA GLU K 57 84.47 31.24 127.75
C GLU K 57 84.72 31.71 129.17
N ARG K 58 84.21 30.98 130.17
CA ARG K 58 84.63 31.22 131.54
C ARG K 58 86.14 31.00 131.70
N ALA K 59 86.65 29.89 131.17
CA ALA K 59 88.07 29.61 131.26
C ALA K 59 88.86 30.68 130.50
N ALA K 60 88.40 31.03 129.30
CA ALA K 60 89.01 32.13 128.57
C ALA K 60 88.97 33.41 129.39
N ASP K 61 87.88 33.63 130.12
CA ASP K 61 87.68 34.93 130.78
C ASP K 61 88.68 35.17 131.91
N ARG K 62 88.77 34.25 132.87
CA ARG K 62 89.28 34.65 134.18
C ARG K 62 90.74 35.06 134.07
N ALA K 63 91.48 34.39 133.18
CA ALA K 63 92.94 34.50 133.18
C ALA K 63 93.40 35.92 132.92
N ALA K 64 92.76 36.60 131.96
CA ALA K 64 93.25 37.91 131.52
C ALA K 64 93.47 38.84 132.70
N LYS K 65 92.48 38.94 133.58
CA LYS K 65 92.64 39.79 134.76
C LYS K 65 93.75 39.26 135.66
N SER K 66 93.73 37.95 135.94
CA SER K 66 94.70 37.39 136.88
C SER K 66 96.10 37.41 136.30
N LEU K 67 96.29 36.91 135.07
CA LEU K 67 97.64 36.86 134.51
C LEU K 67 98.21 38.26 134.38
N THR K 68 97.38 39.22 133.96
CA THR K 68 97.81 40.60 133.94
C THR K 68 98.13 41.08 135.36
N LYS K 69 97.26 40.77 136.32
CA LYS K 69 97.48 41.22 137.68
C LYS K 69 98.65 40.49 138.31
N MET K 70 98.70 39.16 138.17
CA MET K 70 99.85 38.40 138.66
C MET K 70 101.15 38.93 138.08
N GLN K 71 101.25 39.02 136.76
CA GLN K 71 102.49 39.46 136.14
C GLN K 71 102.77 40.93 136.41
N ALA K 72 101.73 41.73 136.60
CA ALA K 72 101.94 43.15 136.91
C ALA K 72 102.16 43.35 138.41
N SER K 73 101.22 42.89 139.24
CA SER K 73 101.30 43.15 140.67
C SER K 73 102.62 42.65 141.25
N ARG K 74 102.95 41.39 141.01
CA ARG K 74 104.18 40.83 141.53
C ARG K 74 105.37 41.11 140.63
N GLY K 75 105.12 41.54 139.39
CA GLY K 75 106.20 41.75 138.45
C GLY K 75 107.19 42.80 138.92
N MET K 76 106.69 43.96 139.34
CA MET K 76 107.56 45.02 139.81
C MET K 76 108.29 44.61 141.08
N ALA K 77 107.58 44.00 142.02
CA ALA K 77 108.18 43.62 143.29
C ALA K 77 109.31 42.63 143.09
N GLY K 78 109.08 41.58 142.28
CA GLY K 78 110.11 40.58 142.09
C GLY K 78 111.37 41.14 141.46
N ILE K 79 111.22 41.93 140.41
CA ILE K 79 112.38 42.54 139.76
C ILE K 79 113.07 43.50 140.73
N THR K 80 112.30 44.30 141.44
CA THR K 80 112.85 45.25 142.41
C THR K 80 113.25 44.53 143.69
#